data_5M8P
#
_entry.id   5M8P
#
_cell.length_a   89.516
_cell.length_b   140.322
_cell.length_c   191.676
_cell.angle_alpha   90.000
_cell.angle_beta   90.000
_cell.angle_gamma   90.000
#
_symmetry.space_group_name_H-M   'P 21 21 21'
#
loop_
_entity.id
_entity.type
_entity.pdbx_description
1 polymer '5,6-dihydroxyindole-2-carboxylic acid oxidase'
2 branched 2-acetamido-2-deoxy-beta-D-glucopyranose-(1-4)-[alpha-L-fucopyranose-(1-6)]2-acetamido-2-deoxy-beta-D-glucopyranose
3 branched alpha-L-fucopyranose-(1-6)-2-acetamido-2-deoxy-beta-D-glucopyranose
4 branched 2-acetamido-2-deoxy-beta-D-glucopyranose-(1-4)-2-acetamido-2-deoxy-beta-D-glucopyranose
5 branched alpha-D-mannopyranose-(1-4)-2-acetamido-2-deoxy-beta-D-glucopyranose-(1-4)-2-acetamido-2-deoxy-beta-D-glucopyranose
6 branched alpha-D-mannopyranose-(1-3)-[alpha-D-mannopyranose-(1-6)]alpha-D-mannopyranose-(1-4)-2-acetamido-2-deoxy-beta-D-glucopyranose-(1-4)-2-acetamido-2-deoxy-beta-D-glucopyranose
7 branched 2-acetamido-2-deoxy-beta-D-glucopyranose-(1-3)-2-acetamido-2-deoxy-beta-D-glucopyranose
8 branched alpha-D-mannopyranose-(1-3)-2-acetamido-2-deoxy-beta-D-glucopyranose-(1-4)-2-acetamido-2-deoxy-beta-D-glucopyranose
9 branched alpha-D-mannopyranose-(1-4)-2-acetamido-2-deoxy-beta-D-glucopyranose-(1-4)-[alpha-L-fucopyranose-(5-6)]2-acetamido-2-deoxy-beta-D-glucopyranose
10 non-polymer 2-acetamido-2-deoxy-beta-D-glucopyranose
11 non-polymer TYROSINE
12 non-polymer 'ZINC ION'
13 non-polymer alpha-D-mannopyranose
14 water water
#
_entity_poly.entity_id   1
_entity_poly.type   'polypeptide(L)'
_entity_poly.pdbx_seq_one_letter_code
;QFPRQCATVEALRSGMCCPDLSPVSGPGTDRCGSSSGRGRCEAVTADSRPHSPQYPHDGRDDREVWPLRFFNRTCHCNGN
FSGHNCGTCRPGWRGAACDQRVLIVRRNLLDLSKEEKNHFVRALDMAKRTTHPLFVIATRRSEEILGPDGNTPQFENISI
YNYFVWTHYYSVKKTFLGVGQESFGEVDFSHEGPAFLTWHRYHLLRLEKDMQEMLQEPSFSLPYWNFATGKNVCDICTDD
LMGSRSNFDSTLISPNSVFSQWRVVCDSLEDYDTLGTLCNSTEDGPIRRNPAGNVARPMVQRLPEPQDVAQCLEVGLFDT
PPFYSNSTNSFRNTVEGYSDPTGKYDPAVRSLHNLAHLFLNGTGGQTHLSPNDPIFVLLHTFTDAVFDEWLRRYNADIST
FPLENAPIGHNRQYNMVPFWPPVTNTEMFVTAPDNLGYTYEIQWPS
;
_entity_poly.pdbx_strand_id   A,B,C,D
#
# COMPACT_ATOMS: atom_id res chain seq x y z
N GLN A 1 23.76 19.17 -6.11
CA GLN A 1 23.07 20.33 -6.65
C GLN A 1 23.15 20.27 -8.14
N PHE A 2 22.76 21.30 -8.78
CA PHE A 2 22.34 21.01 -10.12
C PHE A 2 23.36 21.48 -11.16
N PRO A 3 23.40 20.81 -12.30
CA PRO A 3 24.25 21.27 -13.40
C PRO A 3 23.84 22.63 -13.92
N ARG A 4 24.84 23.40 -14.37
CA ARG A 4 24.58 24.73 -14.92
C ARG A 4 23.45 24.68 -15.93
N GLN A 5 23.40 23.61 -16.71
CA GLN A 5 22.36 23.48 -17.72
C GLN A 5 20.97 23.55 -17.11
N CYS A 6 20.80 23.00 -15.93
CA CYS A 6 19.51 22.99 -15.26
C CYS A 6 19.32 24.16 -14.31
N ALA A 7 20.32 25.00 -14.11
CA ALA A 7 20.16 26.18 -13.25
C ALA A 7 19.65 27.36 -14.05
N THR A 8 18.72 27.07 -14.94
CA THR A 8 18.11 28.02 -15.84
C THR A 8 16.74 28.40 -15.35
N VAL A 9 16.14 29.38 -16.01
CA VAL A 9 14.71 29.58 -15.86
C VAL A 9 13.94 28.54 -16.64
N GLU A 10 14.36 28.27 -17.88
CA GLU A 10 13.68 27.28 -18.71
C GLU A 10 13.62 25.91 -18.07
N ALA A 11 14.75 25.41 -17.57
CA ALA A 11 14.71 24.08 -16.97
C ALA A 11 13.92 24.10 -15.67
N LEU A 12 14.09 25.15 -14.88
CA LEU A 12 13.50 25.09 -13.56
C LEU A 12 11.98 25.10 -13.64
N ARG A 13 11.41 25.62 -14.73
CA ARG A 13 9.95 25.58 -14.82
C ARG A 13 9.42 24.42 -15.61
N SER A 14 10.21 23.86 -16.51
CA SER A 14 9.86 22.56 -17.05
C SER A 14 9.95 21.50 -15.98
N GLY A 15 10.78 21.70 -14.97
CA GLY A 15 11.00 20.64 -14.04
C GLY A 15 11.84 19.54 -14.60
N MET A 16 12.50 19.78 -15.73
CA MET A 16 13.25 18.78 -16.46
C MET A 16 14.73 19.15 -16.46
N CYS A 17 15.54 18.31 -15.83
CA CYS A 17 16.99 18.49 -15.81
C CYS A 17 17.60 17.38 -16.66
N CYS A 18 17.54 17.57 -17.96
CA CYS A 18 17.94 16.55 -18.92
C CYS A 18 18.73 17.25 -20.01
N PRO A 19 19.97 17.62 -19.74
CA PRO A 19 20.72 18.46 -20.66
C PRO A 19 21.22 17.70 -21.87
N ASP A 20 21.58 18.46 -22.89
CA ASP A 20 22.18 17.88 -24.07
C ASP A 20 23.57 17.37 -23.75
N LEU A 21 24.07 16.49 -24.59
CA LEU A 21 25.48 16.15 -24.52
C LEU A 21 26.21 16.57 -25.79
N SER A 22 25.86 16.01 -26.94
CA SER A 22 26.37 16.45 -28.24
C SER A 22 25.16 16.90 -29.05
N PRO A 23 24.69 18.12 -28.81
CA PRO A 23 23.53 18.62 -29.56
C PRO A 23 23.82 18.75 -31.04
N VAL A 24 23.73 17.61 -31.75
CA VAL A 24 24.05 17.58 -33.17
C VAL A 24 23.12 18.50 -33.95
N SER A 25 21.82 18.35 -33.76
CA SER A 25 20.82 19.08 -34.54
C SER A 25 20.33 20.37 -33.86
N GLY A 26 20.90 20.74 -32.71
CA GLY A 26 20.58 21.97 -32.02
C GLY A 26 20.06 21.70 -30.62
N PRO A 27 19.59 22.74 -29.94
CA PRO A 27 19.01 22.54 -28.61
C PRO A 27 18.00 21.40 -28.56
N GLY A 28 18.02 20.67 -27.46
CA GLY A 28 17.05 19.65 -27.14
C GLY A 28 17.17 18.37 -27.94
N THR A 29 18.14 18.27 -28.83
CA THR A 29 18.23 17.11 -29.71
C THR A 29 18.94 15.92 -29.10
N ASP A 30 19.85 16.11 -28.16
CA ASP A 30 20.63 14.98 -27.64
C ASP A 30 20.56 14.93 -26.12
N ARG A 31 19.37 15.13 -25.56
CA ARG A 31 19.19 15.05 -24.11
C ARG A 31 19.62 13.69 -23.59
N CYS A 32 20.31 13.70 -22.46
CA CYS A 32 20.84 12.50 -21.81
C CYS A 32 21.64 11.63 -22.75
N GLY A 33 22.01 12.15 -23.92
CA GLY A 33 22.81 11.40 -24.86
C GLY A 33 22.05 10.27 -25.52
N SER A 34 20.88 10.58 -26.06
CA SER A 34 20.08 9.59 -26.76
C SER A 34 20.31 9.59 -28.25
N SER A 35 21.11 10.51 -28.79
CA SER A 35 21.51 10.36 -30.17
C SER A 35 22.37 9.11 -30.31
N SER A 36 23.46 9.07 -29.54
CA SER A 36 24.16 7.82 -29.27
C SER A 36 23.30 6.98 -28.34
N GLY A 37 23.81 5.85 -27.89
CA GLY A 37 22.94 4.96 -27.16
C GLY A 37 22.83 5.19 -25.66
N ARG A 38 23.25 6.37 -25.18
CA ARG A 38 23.74 6.39 -23.80
C ARG A 38 22.65 6.54 -22.77
N GLY A 39 21.53 7.19 -23.09
CA GLY A 39 20.49 7.28 -22.08
C GLY A 39 19.28 8.02 -22.57
N ARG A 40 18.33 8.20 -21.63
CA ARG A 40 17.09 8.86 -21.98
C ARG A 40 16.60 9.71 -20.81
N CYS A 41 15.80 10.72 -21.14
CA CYS A 41 15.14 11.54 -20.13
C CYS A 41 13.86 10.86 -19.70
N GLU A 42 13.61 10.90 -18.42
CA GLU A 42 12.78 9.85 -17.85
C GLU A 42 12.11 10.38 -16.60
N ALA A 43 11.09 9.70 -16.14
CA ALA A 43 10.48 10.14 -14.89
C ALA A 43 11.42 9.88 -13.72
N VAL A 44 11.29 10.68 -12.70
CA VAL A 44 12.16 10.57 -11.54
C VAL A 44 11.55 9.61 -10.55
N THR A 45 12.32 8.62 -10.14
CA THR A 45 11.96 7.70 -9.08
C THR A 45 12.40 8.27 -7.74
N ALA A 46 11.49 8.38 -6.78
CA ALA A 46 11.82 8.90 -5.47
C ALA A 46 10.99 8.20 -4.40
N ASP A 47 11.56 8.08 -3.21
CA ASP A 47 10.93 7.34 -2.13
C ASP A 47 9.74 8.10 -1.58
N SER A 48 8.56 7.48 -1.67
CA SER A 48 7.34 8.01 -1.09
C SER A 48 7.03 7.44 0.29
N ARG A 49 7.60 6.31 0.64
CA ARG A 49 7.33 5.64 1.90
C ARG A 49 7.51 6.57 3.10
N PRO A 50 6.86 6.29 4.22
CA PRO A 50 6.86 7.25 5.31
C PRO A 50 8.18 7.26 6.09
N HIS A 51 8.31 8.28 6.92
CA HIS A 51 9.52 8.47 7.69
C HIS A 51 9.15 8.53 9.17
N SER A 52 10.17 8.59 10.01
CA SER A 52 9.93 8.66 11.44
C SER A 52 9.04 9.86 11.75
N PRO A 53 8.27 9.79 12.83
CA PRO A 53 7.45 10.95 13.21
C PRO A 53 8.26 12.12 13.73
N GLN A 54 9.54 11.95 14.00
CA GLN A 54 10.35 13.00 14.58
C GLN A 54 10.28 14.29 13.79
N TYR A 55 10.15 14.18 12.47
CA TYR A 55 10.01 15.34 11.59
C TYR A 55 8.53 15.57 11.30
N PRO A 56 7.92 16.60 11.83
CA PRO A 56 6.48 16.79 11.62
C PRO A 56 6.13 17.50 10.31
N HIS A 57 6.98 18.44 9.89
CA HIS A 57 6.60 19.46 8.93
C HIS A 57 6.65 19.05 7.46
N ASP A 58 6.08 17.91 7.09
CA ASP A 58 6.04 17.56 5.66
C ASP A 58 5.23 18.63 4.93
N GLY A 59 5.80 19.13 3.84
CA GLY A 59 5.24 20.24 3.10
C GLY A 59 6.06 21.50 3.11
N ARG A 60 7.07 21.58 3.96
CA ARG A 60 7.78 22.83 4.20
C ARG A 60 9.18 22.86 3.63
N ASP A 61 9.84 21.72 3.49
CA ASP A 61 11.27 21.65 3.21
C ASP A 61 11.55 21.13 1.80
N ASP A 62 12.51 21.75 1.10
CA ASP A 62 12.76 21.32 -0.28
C ASP A 62 13.59 20.07 -0.37
N ARG A 63 14.12 19.57 0.72
CA ARG A 63 14.79 18.29 0.66
C ARG A 63 13.85 17.12 0.82
N GLU A 64 12.57 17.36 1.09
CA GLU A 64 11.69 16.22 1.15
C GLU A 64 11.56 15.63 -0.23
N VAL A 65 11.31 14.31 -0.25
CA VAL A 65 11.18 13.47 -1.42
C VAL A 65 12.11 13.99 -2.51
N TRP A 66 13.38 14.09 -2.17
CA TRP A 66 14.38 14.65 -3.06
C TRP A 66 14.44 13.76 -4.28
N PRO A 67 14.52 14.37 -5.47
CA PRO A 67 14.59 15.77 -5.81
C PRO A 67 13.33 16.40 -6.38
N LEU A 68 12.16 15.98 -5.93
CA LEU A 68 10.94 16.24 -6.65
C LEU A 68 10.47 17.69 -6.50
N ARG A 69 10.96 18.41 -5.50
CA ARG A 69 10.58 19.81 -5.36
C ARG A 69 11.33 20.72 -6.33
N PHE A 70 12.29 20.20 -7.06
CA PHE A 70 12.98 20.97 -8.08
C PHE A 70 12.81 20.37 -9.47
N PHE A 71 12.86 19.05 -9.61
CA PHE A 71 12.81 18.49 -10.94
C PHE A 71 12.06 17.18 -10.95
N ASN A 72 11.22 16.98 -11.96
CA ASN A 72 10.53 15.68 -12.09
C ASN A 72 11.01 14.84 -13.22
N ARG A 73 11.98 15.29 -14.02
CA ARG A 73 12.53 14.51 -15.11
C ARG A 73 14.03 14.52 -14.96
N THR A 74 14.62 13.34 -14.92
CA THR A 74 16.06 13.21 -14.83
C THR A 74 16.58 12.34 -15.95
N CYS A 75 17.89 12.38 -16.16
CA CYS A 75 18.54 11.44 -17.04
C CYS A 75 18.73 10.11 -16.34
N HIS A 76 18.40 9.04 -17.04
CA HIS A 76 18.82 7.69 -16.70
C HIS A 76 19.67 7.18 -17.83
N CYS A 77 20.84 6.67 -17.50
CA CYS A 77 21.84 6.28 -18.48
C CYS A 77 21.86 4.77 -18.60
N ASN A 78 22.27 4.28 -19.77
CA ASN A 78 22.28 2.84 -20.05
C ASN A 78 23.58 2.19 -19.64
N GLY A 79 23.49 0.98 -19.16
CA GLY A 79 24.68 0.18 -18.96
C GLY A 79 25.55 0.87 -17.96
N ASN A 80 26.81 1.08 -18.34
CA ASN A 80 27.78 1.70 -17.46
C ASN A 80 28.08 3.12 -17.86
N PHE A 81 27.16 3.76 -18.54
CA PHE A 81 27.22 5.20 -18.64
C PHE A 81 26.61 5.83 -17.40
N SER A 82 27.02 7.05 -17.12
CA SER A 82 26.57 7.74 -15.93
C SER A 82 26.79 9.22 -16.16
N GLY A 83 26.37 10.01 -15.19
CA GLY A 83 26.53 11.45 -15.25
C GLY A 83 25.24 12.16 -15.59
N HIS A 84 25.15 13.41 -15.19
CA HIS A 84 23.96 14.19 -15.50
C HIS A 84 23.59 14.14 -16.98
N ASN A 85 24.58 13.98 -17.86
CA ASN A 85 24.43 13.92 -19.32
C ASN A 85 24.37 12.51 -19.85
N CYS A 86 24.61 11.53 -19.01
CA CYS A 86 25.14 10.25 -19.45
C CYS A 86 26.43 10.44 -20.25
N GLY A 87 27.15 11.53 -20.06
CA GLY A 87 28.38 11.82 -20.76
C GLY A 87 29.61 11.15 -20.23
N THR A 88 29.54 10.37 -19.17
CA THR A 88 30.70 9.68 -18.63
C THR A 88 30.31 8.30 -18.16
N CYS A 89 31.15 7.67 -17.34
CA CYS A 89 31.00 6.26 -16.99
C CYS A 89 30.68 6.06 -15.51
N ARG A 90 30.13 4.89 -15.20
CA ARG A 90 29.90 4.49 -13.84
C ARG A 90 31.23 4.34 -13.11
N PRO A 91 31.22 4.38 -11.78
CA PRO A 91 32.48 4.26 -11.05
C PRO A 91 33.11 2.92 -11.31
N GLY A 92 34.42 2.92 -11.56
CA GLY A 92 35.09 1.71 -11.95
C GLY A 92 35.16 1.46 -13.42
N TRP A 93 34.80 2.45 -14.24
CA TRP A 93 34.74 2.28 -15.67
C TRP A 93 35.21 3.53 -16.36
N ARG A 94 35.94 3.37 -17.45
CA ARG A 94 36.38 4.50 -18.25
C ARG A 94 36.38 4.09 -19.71
N GLY A 95 36.61 5.07 -20.57
CA GLY A 95 36.63 4.86 -22.00
C GLY A 95 35.39 5.45 -22.65
N ALA A 96 35.51 5.68 -23.95
CA ALA A 96 34.39 6.27 -24.68
C ALA A 96 33.14 5.42 -24.55
N ALA A 97 33.29 4.11 -24.41
CA ALA A 97 32.15 3.22 -24.26
C ALA A 97 32.08 2.61 -22.87
N CYS A 98 32.83 3.14 -21.93
CA CYS A 98 32.72 2.72 -20.53
C CYS A 98 32.89 1.23 -20.37
N ASP A 99 33.83 0.66 -21.11
CA ASP A 99 34.05 -0.77 -21.05
C ASP A 99 35.46 -1.15 -20.61
N GLN A 100 36.26 -0.21 -20.15
CA GLN A 100 37.63 -0.49 -19.71
C GLN A 100 37.65 -0.36 -18.20
N ARG A 101 37.87 -1.46 -17.50
CA ARG A 101 37.78 -1.49 -16.05
C ARG A 101 38.99 -0.80 -15.43
N VAL A 102 38.76 -0.05 -14.36
CA VAL A 102 39.82 0.61 -13.60
C VAL A 102 39.56 0.36 -12.12
N LEU A 103 40.62 0.15 -11.35
CA LEU A 103 40.52 -0.06 -9.91
C LEU A 103 41.58 0.81 -9.23
N ILE A 104 41.17 1.72 -8.36
CA ILE A 104 42.10 2.61 -7.69
C ILE A 104 42.20 2.24 -6.22
N VAL A 105 43.35 2.46 -5.64
CA VAL A 105 43.64 2.03 -4.28
C VAL A 105 43.78 3.26 -3.41
N ARG A 106 42.93 3.36 -2.38
CA ARG A 106 43.05 4.41 -1.38
C ARG A 106 43.98 3.91 -0.29
N ARG A 107 45.09 4.61 -0.09
CA ARG A 107 46.17 4.17 0.76
C ARG A 107 46.19 4.97 2.05
N ASN A 108 46.90 4.45 3.04
CA ASN A 108 47.14 5.20 4.26
C ASN A 108 48.02 6.39 3.97
N LEU A 109 47.58 7.59 4.37
CA LEU A 109 48.29 8.81 4.00
C LEU A 109 49.74 8.78 4.46
N LEU A 110 50.03 8.10 5.56
CA LEU A 110 51.39 8.13 6.07
C LEU A 110 52.32 7.21 5.29
N ASP A 111 51.77 6.29 4.48
CA ASP A 111 52.55 5.37 3.65
C ASP A 111 52.86 5.93 2.28
N LEU A 112 52.37 7.11 1.95
CA LEU A 112 52.66 7.65 0.64
C LEU A 112 54.06 8.22 0.62
N SER A 113 54.61 8.31 -0.58
CA SER A 113 55.93 8.87 -0.79
C SER A 113 55.92 10.38 -0.61
N LYS A 114 57.11 10.93 -0.40
CA LYS A 114 57.30 12.36 -0.31
C LYS A 114 56.59 13.06 -1.46
N GLU A 115 56.71 12.52 -2.67
CA GLU A 115 56.06 13.21 -3.78
C GLU A 115 54.59 12.87 -3.86
N GLU A 116 54.18 11.72 -3.34
CA GLU A 116 52.76 11.44 -3.26
C GLU A 116 52.08 12.35 -2.25
N LYS A 117 52.62 12.43 -1.03
CA LYS A 117 52.07 13.35 -0.04
C LYS A 117 51.93 14.75 -0.60
N ASN A 118 52.94 15.22 -1.31
CA ASN A 118 52.90 16.61 -1.74
C ASN A 118 51.94 16.79 -2.90
N HIS A 119 51.82 15.78 -3.76
CA HIS A 119 50.83 15.83 -4.81
C HIS A 119 49.42 15.92 -4.24
N PHE A 120 49.16 15.19 -3.16
CA PHE A 120 47.84 15.20 -2.57
C PHE A 120 47.47 16.57 -2.03
N VAL A 121 48.37 17.18 -1.25
CA VAL A 121 48.07 18.45 -0.60
C VAL A 121 47.79 19.54 -1.61
N ARG A 122 48.59 19.62 -2.65
CA ARG A 122 48.38 20.69 -3.63
C ARG A 122 47.19 20.40 -4.51
N ALA A 123 46.82 19.13 -4.65
CA ALA A 123 45.57 18.80 -5.33
C ALA A 123 44.39 19.33 -4.56
N LEU A 124 44.34 19.06 -3.25
CA LEU A 124 43.31 19.64 -2.41
C LEU A 124 43.23 21.15 -2.58
N ASP A 125 44.36 21.81 -2.36
CA ASP A 125 44.44 23.26 -2.48
C ASP A 125 43.97 23.71 -3.85
N MET A 126 44.34 22.99 -4.90
CA MET A 126 43.83 23.30 -6.23
C MET A 126 42.31 23.11 -6.31
N ALA A 127 41.79 22.07 -5.65
CA ALA A 127 40.35 21.85 -5.66
C ALA A 127 39.62 22.87 -4.84
N LYS A 128 40.31 23.47 -3.87
CA LYS A 128 39.72 24.56 -3.10
C LYS A 128 39.59 25.84 -3.91
N ARG A 129 40.47 26.04 -4.89
CA ARG A 129 40.53 27.26 -5.68
C ARG A 129 39.79 27.16 -7.02
N THR A 130 39.67 25.97 -7.60
CA THR A 130 39.17 25.78 -8.96
C THR A 130 37.65 25.73 -9.01
N THR A 131 37.05 26.42 -9.97
CA THR A 131 35.60 26.41 -10.08
C THR A 131 35.09 25.05 -10.50
N HIS A 132 34.01 24.61 -9.88
CA HIS A 132 33.43 23.33 -10.26
C HIS A 132 32.86 23.42 -11.66
N PRO A 133 33.32 22.61 -12.61
CA PRO A 133 32.87 22.78 -13.99
C PRO A 133 31.41 22.46 -14.19
N LEU A 134 30.86 21.56 -13.39
CA LEU A 134 29.51 21.04 -13.53
C LEU A 134 28.51 21.82 -12.68
N PHE A 135 28.66 21.76 -11.36
CA PHE A 135 27.61 22.16 -10.44
C PHE A 135 27.65 23.63 -10.09
N VAL A 136 26.47 24.20 -9.90
CA VAL A 136 26.28 25.46 -9.20
C VAL A 136 25.42 25.15 -7.98
N ILE A 137 25.25 26.14 -7.12
CA ILE A 137 24.62 25.90 -5.83
C ILE A 137 23.60 27.01 -5.57
N ALA A 138 22.53 26.63 -4.89
CA ALA A 138 21.43 27.55 -4.70
C ALA A 138 21.74 28.42 -3.50
N THR A 139 21.47 29.70 -3.63
CA THR A 139 21.65 30.60 -2.50
C THR A 139 20.37 30.84 -1.74
N ARG A 140 19.23 30.53 -2.36
CA ARG A 140 17.93 30.70 -1.73
C ARG A 140 17.16 29.40 -1.88
N ARG A 141 16.13 29.26 -1.06
CA ARG A 141 15.23 28.13 -1.16
C ARG A 141 14.38 28.23 -2.43
N SER A 142 13.58 27.19 -2.68
CA SER A 142 12.87 27.12 -3.96
C SER A 142 11.89 28.25 -4.17
N GLU A 143 11.29 28.79 -3.09
CA GLU A 143 10.35 29.90 -3.26
C GLU A 143 11.02 31.06 -3.97
N GLU A 144 12.18 31.50 -3.48
CA GLU A 144 12.88 32.62 -4.08
C GLU A 144 13.97 32.16 -5.05
N ILE A 145 13.79 30.99 -5.66
CA ILE A 145 14.81 30.39 -6.51
C ILE A 145 15.09 31.23 -7.75
N LEU A 146 14.06 31.84 -8.33
CA LEU A 146 14.26 32.62 -9.54
C LEU A 146 14.47 34.09 -9.25
N GLY A 147 14.67 34.44 -7.99
CA GLY A 147 15.29 35.68 -7.60
C GLY A 147 14.26 36.74 -7.34
N PRO A 148 14.67 37.99 -7.37
CA PRO A 148 13.72 39.06 -7.11
C PRO A 148 12.81 39.23 -8.32
N ASP A 149 13.37 39.58 -9.48
CA ASP A 149 12.55 39.82 -10.66
C ASP A 149 12.06 38.54 -11.32
N GLY A 150 12.00 37.44 -10.58
CA GLY A 150 11.48 36.19 -11.07
C GLY A 150 12.16 35.70 -12.33
N ASN A 151 13.31 36.28 -12.66
CA ASN A 151 13.99 35.86 -13.88
C ASN A 151 15.51 35.97 -13.72
N THR A 152 16.00 35.84 -12.49
CA THR A 152 17.43 35.72 -12.20
C THR A 152 17.62 34.54 -11.25
N PRO A 153 17.87 33.34 -11.76
CA PRO A 153 17.98 32.16 -10.88
C PRO A 153 19.12 32.34 -9.90
N GLN A 154 18.85 32.03 -8.63
CA GLN A 154 19.76 32.34 -7.53
C GLN A 154 20.76 31.22 -7.30
N PHE A 155 21.69 31.09 -8.24
CA PHE A 155 22.78 30.12 -8.14
C PHE A 155 24.10 30.85 -8.34
N GLU A 156 25.14 30.36 -7.68
CA GLU A 156 26.49 30.88 -7.84
C GLU A 156 27.44 29.76 -8.25
N ASN A 157 28.51 30.10 -9.00
CA ASN A 157 29.52 29.07 -9.12
C ASN A 157 30.17 28.86 -7.76
N ILE A 158 30.96 27.80 -7.66
CA ILE A 158 31.61 27.45 -6.40
C ILE A 158 32.75 26.49 -6.70
N SER A 159 33.77 26.52 -5.87
CA SER A 159 34.93 25.68 -6.16
C SER A 159 34.61 24.23 -5.87
N ILE A 160 35.41 23.34 -6.47
CA ILE A 160 35.22 21.91 -6.28
C ILE A 160 35.14 21.57 -4.81
N TYR A 161 36.10 22.01 -4.01
CA TYR A 161 36.08 21.60 -2.62
C TYR A 161 34.95 22.25 -1.84
N ASN A 162 34.57 23.48 -2.18
CA ASN A 162 33.49 24.11 -1.41
C ASN A 162 32.13 23.44 -1.68
N TYR A 163 31.92 22.96 -2.91
CA TYR A 163 30.78 22.11 -3.21
C TYR A 163 30.72 20.91 -2.28
N PHE A 164 31.84 20.21 -2.12
CA PHE A 164 31.93 19.15 -1.13
C PHE A 164 31.48 19.66 0.23
N VAL A 165 31.89 20.87 0.62
CA VAL A 165 31.48 21.39 1.92
C VAL A 165 30.01 21.72 1.92
N TRP A 166 29.55 22.28 0.82
CA TRP A 166 28.19 22.80 0.74
C TRP A 166 27.15 21.68 0.74
N THR A 167 27.37 20.59 -0.02
CA THR A 167 26.36 19.53 -0.04
C THR A 167 26.18 18.94 1.35
N HIS A 168 27.27 18.73 2.07
CA HIS A 168 27.19 18.25 3.45
C HIS A 168 26.40 19.21 4.30
N TYR A 169 26.62 20.52 4.11
CA TYR A 169 25.89 21.51 4.90
C TYR A 169 24.41 21.48 4.55
N TYR A 170 24.10 21.48 3.26
CA TYR A 170 22.72 21.50 2.83
C TYR A 170 21.96 20.32 3.40
N SER A 171 22.64 19.23 3.63
CA SER A 171 21.99 18.06 4.17
C SER A 171 21.78 18.13 5.66
N VAL A 172 22.55 18.95 6.37
CA VAL A 172 22.40 19.06 7.82
C VAL A 172 21.62 20.27 8.23
N LYS A 173 21.38 21.21 7.32
CA LYS A 173 20.71 22.47 7.58
C LYS A 173 19.42 22.29 8.35
N LYS A 174 18.96 23.33 9.04
CA LYS A 174 17.71 23.31 9.79
C LYS A 174 16.56 23.74 8.87
N THR A 175 15.35 23.29 9.19
CA THR A 175 14.19 23.62 8.35
C THR A 175 13.66 25.00 8.68
N PHE A 176 13.69 25.88 7.70
CA PHE A 176 13.22 27.24 7.88
C PHE A 176 11.70 27.25 7.86
N LEU A 177 11.10 27.83 8.91
CA LEU A 177 9.65 27.87 9.00
C LEU A 177 9.08 29.22 8.63
N GLY A 178 9.81 30.28 8.87
CA GLY A 178 9.37 31.60 8.49
C GLY A 178 10.12 32.63 9.30
N VAL A 179 10.21 33.84 8.73
CA VAL A 179 10.83 34.92 9.47
C VAL A 179 10.06 35.11 10.77
N GLY A 180 10.80 35.20 11.87
CA GLY A 180 10.24 35.26 13.19
C GLY A 180 9.99 33.91 13.84
N GLN A 181 9.85 32.85 13.05
CA GLN A 181 9.70 31.50 13.57
C GLN A 181 11.07 30.94 13.94
N GLU A 182 11.06 29.94 14.79
CA GLU A 182 12.28 29.24 15.15
C GLU A 182 12.46 28.05 14.24
N SER A 183 13.63 27.97 13.60
CA SER A 183 13.87 26.92 12.63
C SER A 183 13.95 25.57 13.33
N PHE A 184 13.64 24.51 12.58
CA PHE A 184 13.54 23.17 13.13
C PHE A 184 14.87 22.44 13.01
N GLY A 185 15.28 21.76 14.08
CA GLY A 185 16.62 21.21 14.17
C GLY A 185 16.73 19.71 14.29
N GLU A 186 15.65 19.01 14.61
CA GLU A 186 15.66 17.54 14.69
C GLU A 186 15.46 16.96 13.28
N VAL A 187 16.48 17.15 12.46
CA VAL A 187 16.50 16.62 11.11
C VAL A 187 17.93 16.67 10.60
N ASP A 188 18.39 15.58 10.00
CA ASP A 188 19.75 15.51 9.49
C ASP A 188 19.70 14.48 8.40
N PHE A 189 19.75 14.90 7.15
CA PHE A 189 19.59 13.94 6.08
C PHE A 189 20.79 13.05 5.89
N SER A 190 21.89 13.27 6.62
CA SER A 190 23.11 12.51 6.41
C SER A 190 23.72 11.94 7.67
N HIS A 191 23.19 12.22 8.86
CA HIS A 191 23.74 11.73 10.10
C HIS A 191 22.61 11.22 10.99
N GLU A 192 22.97 10.50 12.04
CA GLU A 192 22.00 9.95 12.99
C GLU A 192 20.88 9.19 12.27
N GLY A 193 21.28 8.22 11.46
CA GLY A 193 20.38 7.50 10.60
C GLY A 193 21.12 6.57 9.66
N PRO A 194 20.47 5.52 9.15
CA PRO A 194 21.21 4.54 8.34
C PRO A 194 21.78 5.10 7.05
N ALA A 195 21.31 6.23 6.58
CA ALA A 195 21.99 6.80 5.43
C ALA A 195 23.34 7.43 5.76
N PHE A 196 23.81 7.37 7.00
CA PHE A 196 25.07 8.04 7.35
C PHE A 196 26.24 7.46 6.58
N LEU A 197 26.32 6.14 6.45
CA LEU A 197 27.48 5.56 5.81
C LEU A 197 27.44 5.71 4.31
N THR A 198 26.29 5.47 3.72
CA THR A 198 26.15 5.55 2.26
C THR A 198 26.11 7.00 1.78
N TRP A 199 25.56 7.92 2.57
CA TRP A 199 25.64 9.32 2.19
C TRP A 199 27.10 9.74 2.10
N HIS A 200 27.87 9.52 3.17
CA HIS A 200 29.26 9.91 3.14
C HIS A 200 30.06 9.08 2.15
N ARG A 201 29.63 7.87 1.80
CA ARG A 201 30.29 7.11 0.75
C ARG A 201 30.26 7.83 -0.58
N TYR A 202 29.09 8.26 -1.01
CA TYR A 202 28.98 8.95 -2.28
C TYR A 202 29.66 10.30 -2.23
N HIS A 203 29.51 11.03 -1.13
CA HIS A 203 30.18 12.28 -0.88
C HIS A 203 31.65 12.19 -1.25
N LEU A 204 32.34 11.19 -0.72
CA LEU A 204 33.73 11.01 -1.08
C LEU A 204 33.86 10.65 -2.54
N LEU A 205 32.95 9.83 -3.06
CA LEU A 205 33.08 9.33 -4.41
C LEU A 205 33.01 10.46 -5.43
N ARG A 206 32.21 11.47 -5.15
CA ARG A 206 32.06 12.63 -6.01
C ARG A 206 33.25 13.60 -5.91
N LEU A 207 33.83 13.78 -4.72
CA LEU A 207 35.05 14.56 -4.62
C LEU A 207 36.19 13.89 -5.36
N GLU A 208 36.32 12.58 -5.21
CA GLU A 208 37.39 11.86 -5.89
C GLU A 208 37.26 11.97 -7.40
N LYS A 209 36.06 11.81 -7.94
CA LYS A 209 35.91 11.93 -9.38
C LYS A 209 36.23 13.35 -9.81
N ASP A 210 35.74 14.34 -9.07
CA ASP A 210 36.03 15.72 -9.43
C ASP A 210 37.53 15.97 -9.44
N MET A 211 38.25 15.46 -8.46
CA MET A 211 39.68 15.71 -8.47
C MET A 211 40.38 14.92 -9.56
N GLN A 212 39.86 13.74 -9.90
CA GLN A 212 40.38 13.00 -11.04
C GLN A 212 40.32 13.81 -12.32
N GLU A 213 39.26 14.56 -12.54
CA GLU A 213 39.16 15.32 -13.77
C GLU A 213 39.85 16.66 -13.67
N MET A 214 39.90 17.26 -12.49
CA MET A 214 40.62 18.51 -12.32
C MET A 214 42.11 18.30 -12.60
N LEU A 215 42.67 17.23 -12.04
CA LEU A 215 44.06 16.87 -12.27
C LEU A 215 44.29 16.15 -13.58
N GLN A 216 43.21 15.80 -14.27
CA GLN A 216 43.20 14.78 -15.32
C GLN A 216 44.17 13.66 -15.00
N GLU A 217 43.97 13.03 -13.85
CA GLU A 217 44.69 11.82 -13.46
C GLU A 217 43.63 10.80 -13.08
N PRO A 218 43.23 9.95 -14.01
CA PRO A 218 42.12 9.02 -13.73
C PRO A 218 42.36 8.16 -12.53
N SER A 219 43.60 7.92 -12.15
CA SER A 219 43.89 6.99 -11.07
C SER A 219 44.03 7.69 -9.74
N PHE A 220 43.86 9.00 -9.69
CA PHE A 220 44.05 9.72 -8.45
C PHE A 220 43.10 9.18 -7.39
N SER A 221 43.60 9.01 -6.17
CA SER A 221 42.83 8.37 -5.13
C SER A 221 42.98 9.14 -3.84
N LEU A 222 41.92 9.11 -3.03
CA LEU A 222 41.87 9.83 -1.76
C LEU A 222 42.46 8.96 -0.66
N PRO A 223 43.52 9.37 -0.03
CA PRO A 223 44.08 8.54 1.04
C PRO A 223 43.19 8.52 2.26
N TYR A 224 43.57 7.79 3.30
CA TYR A 224 42.76 7.76 4.51
C TYR A 224 43.63 8.05 5.72
N TRP A 225 42.98 8.30 6.84
CA TRP A 225 43.66 8.59 8.09
C TRP A 225 43.23 7.54 9.10
N ASN A 226 44.15 6.71 9.55
CA ASN A 226 43.81 5.76 10.62
C ASN A 226 43.72 6.53 11.92
N PHE A 227 42.58 7.11 12.19
CA PHE A 227 42.44 7.83 13.44
C PHE A 227 42.21 6.91 14.64
N ALA A 228 42.39 5.61 14.51
CA ALA A 228 42.12 4.74 15.64
C ALA A 228 43.42 4.24 16.23
N THR A 229 44.25 5.16 16.68
CA THR A 229 45.55 4.81 17.19
C THR A 229 45.69 5.10 18.67
N GLY A 230 44.63 5.55 19.31
CA GLY A 230 44.73 5.85 20.72
C GLY A 230 45.62 7.02 21.03
N LYS A 231 46.09 7.72 20.01
CA LYS A 231 47.08 8.75 20.22
C LYS A 231 46.43 9.97 20.86
N ASN A 232 47.29 10.75 21.49
CA ASN A 232 47.05 12.02 22.15
C ASN A 232 47.17 13.19 21.19
N VAL A 233 47.60 12.93 19.97
CA VAL A 233 47.97 13.96 19.01
C VAL A 233 47.42 13.56 17.65
N CYS A 234 47.41 14.53 16.75
CA CYS A 234 46.97 14.32 15.37
C CYS A 234 48.20 13.98 14.53
N ASP A 235 48.38 12.71 14.23
CA ASP A 235 49.61 12.30 13.55
C ASP A 235 49.66 12.69 12.06
N ILE A 236 48.63 13.31 11.48
CA ILE A 236 48.70 13.84 10.13
C ILE A 236 48.70 15.35 10.13
N CYS A 237 48.75 15.97 11.31
CA CYS A 237 48.79 17.42 11.43
C CYS A 237 50.25 17.90 11.42
N THR A 238 50.88 17.74 10.26
CA THR A 238 52.25 18.14 10.04
C THR A 238 52.27 18.99 8.78
N ASP A 239 53.32 19.79 8.61
CA ASP A 239 53.27 20.75 7.51
C ASP A 239 53.39 20.11 6.14
N ASP A 240 53.92 18.89 6.05
CA ASP A 240 53.91 18.21 4.77
C ASP A 240 52.56 17.56 4.48
N LEU A 241 51.69 17.44 5.48
CA LEU A 241 50.37 16.83 5.35
C LEU A 241 49.33 17.91 5.68
N MET A 242 48.54 17.74 6.72
CA MET A 242 47.34 18.54 6.87
C MET A 242 47.55 19.78 7.73
N GLY A 243 48.77 20.04 8.17
CA GLY A 243 49.11 21.28 8.84
C GLY A 243 49.26 21.14 10.33
N SER A 244 50.41 21.54 10.87
CA SER A 244 50.70 21.54 12.29
C SER A 244 50.07 22.75 12.97
N ARG A 245 50.20 22.80 14.29
CA ARG A 245 49.61 23.89 15.05
C ARG A 245 50.39 25.18 14.90
N SER A 246 49.66 26.28 14.71
CA SER A 246 50.30 27.57 14.61
C SER A 246 50.95 27.95 15.93
N ASN A 247 52.19 28.42 15.88
CA ASN A 247 52.86 28.84 17.09
C ASN A 247 52.40 30.20 17.55
N PHE A 248 51.65 30.91 16.73
CA PHE A 248 51.10 32.23 17.02
C PHE A 248 49.68 32.20 17.53
N ASP A 249 48.99 31.06 17.42
CA ASP A 249 47.58 30.93 17.79
C ASP A 249 47.30 29.45 17.93
N SER A 250 46.99 29.00 19.14
CA SER A 250 46.86 27.57 19.35
C SER A 250 45.67 26.96 18.63
N THR A 251 44.80 27.78 18.03
CA THR A 251 43.63 27.26 17.34
C THR A 251 43.67 27.51 15.84
N LEU A 252 44.86 27.75 15.27
CA LEU A 252 45.02 27.95 13.86
C LEU A 252 46.07 27.01 13.32
N ILE A 253 46.25 26.99 12.02
CA ILE A 253 47.12 26.06 11.34
C ILE A 253 48.42 26.77 10.99
N SER A 254 49.52 26.09 11.21
CA SER A 254 50.87 26.56 10.94
C SER A 254 50.90 27.32 9.63
N PRO A 255 51.50 28.51 9.60
CA PRO A 255 51.59 29.25 8.35
C PRO A 255 52.46 28.60 7.30
N ASN A 256 53.12 27.50 7.62
CA ASN A 256 53.94 26.76 6.67
C ASN A 256 53.15 25.64 5.96
N SER A 257 51.85 25.58 6.19
CA SER A 257 50.96 24.68 5.47
C SER A 257 50.02 25.53 4.65
N VAL A 258 49.71 25.09 3.43
CA VAL A 258 48.85 25.90 2.58
C VAL A 258 47.47 25.99 3.15
N PHE A 259 47.10 25.10 4.08
CA PHE A 259 45.74 25.11 4.61
C PHE A 259 45.47 26.29 5.52
N SER A 260 46.53 26.95 6.00
CA SER A 260 46.34 28.17 6.76
C SER A 260 45.80 29.28 5.90
N GLN A 261 45.92 29.18 4.60
CA GLN A 261 45.32 30.17 3.73
C GLN A 261 43.84 29.95 3.51
N TRP A 262 43.33 28.74 3.75
CA TRP A 262 41.94 28.43 3.40
C TRP A 262 40.97 29.27 4.20
N ARG A 263 39.89 29.67 3.56
CA ARG A 263 38.81 30.37 4.23
C ARG A 263 37.50 29.65 3.99
N VAL A 264 36.69 29.52 5.06
CA VAL A 264 35.60 28.56 5.17
C VAL A 264 34.33 29.11 4.55
N VAL A 265 33.48 28.21 4.09
CA VAL A 265 32.14 28.54 3.63
C VAL A 265 31.14 28.00 4.64
N CYS A 266 29.96 28.61 4.67
CA CYS A 266 28.79 28.13 5.40
C CYS A 266 28.89 28.36 6.90
N ASP A 267 29.56 29.41 7.35
CA ASP A 267 29.68 29.63 8.78
C ASP A 267 28.57 30.50 9.37
N SER A 268 27.77 31.18 8.55
CA SER A 268 26.80 32.17 9.05
C SER A 268 25.43 31.54 9.33
N LEU A 269 25.39 30.56 10.22
CA LEU A 269 24.13 29.89 10.55
C LEU A 269 23.07 30.88 10.97
N GLU A 270 23.43 31.83 11.83
CA GLU A 270 22.48 32.83 12.31
C GLU A 270 21.78 33.56 11.16
N ASP A 271 22.46 33.74 10.04
CA ASP A 271 21.82 34.40 8.91
C ASP A 271 20.89 33.45 8.17
N TYR A 272 21.31 32.20 8.01
CA TYR A 272 20.52 31.23 7.24
C TYR A 272 19.21 30.89 7.92
N ASP A 273 19.21 30.77 9.26
CA ASP A 273 18.00 30.35 9.96
C ASP A 273 17.12 31.52 10.33
N THR A 274 17.65 32.75 10.25
CA THR A 274 16.95 33.98 10.54
C THR A 274 16.23 34.47 9.31
N LEU A 275 16.94 34.57 8.20
CA LEU A 275 16.40 35.16 6.99
C LEU A 275 15.88 34.12 6.02
N GLY A 276 16.26 32.85 6.19
CA GLY A 276 15.84 31.82 5.28
C GLY A 276 16.68 31.65 4.04
N THR A 277 17.95 32.04 4.09
CA THR A 277 18.84 31.88 2.96
C THR A 277 19.58 30.55 3.13
N LEU A 278 20.54 30.29 2.24
CA LEU A 278 21.41 29.14 2.39
C LEU A 278 22.86 29.56 2.19
N CYS A 279 23.74 28.69 2.66
CA CYS A 279 25.15 28.91 2.47
C CYS A 279 25.43 29.24 1.00
N ASN A 280 26.24 30.27 0.77
CA ASN A 280 26.66 30.70 -0.56
C ASN A 280 28.15 30.45 -0.71
N SER A 281 28.74 30.97 -1.77
CA SER A 281 30.13 30.68 -2.07
C SER A 281 31.09 31.74 -1.55
N THR A 282 30.70 32.54 -0.57
CA THR A 282 31.55 33.60 -0.09
C THR A 282 32.25 33.16 1.18
N GLU A 283 33.57 33.01 1.10
CA GLU A 283 34.35 32.48 2.19
C GLU A 283 34.53 33.52 3.29
N ASP A 284 34.75 33.05 4.51
CA ASP A 284 34.77 33.91 5.67
C ASP A 284 36.05 33.70 6.45
N GLY A 285 35.94 33.19 7.66
CA GLY A 285 37.09 33.07 8.51
C GLY A 285 37.99 31.94 8.07
N PRO A 286 39.03 31.69 8.86
CA PRO A 286 39.94 30.58 8.59
C PRO A 286 39.48 29.30 9.29
N ILE A 287 40.17 28.20 8.97
CA ILE A 287 39.91 26.94 9.64
C ILE A 287 40.38 27.04 11.08
N ARG A 288 39.60 26.49 12.00
CA ARG A 288 39.95 26.40 13.41
C ARG A 288 40.17 24.95 13.77
N ARG A 289 41.34 24.66 14.34
CA ARG A 289 41.69 23.31 14.74
C ARG A 289 42.61 23.34 15.93
N ASN A 290 42.36 22.46 16.88
CA ASN A 290 43.16 22.36 18.10
C ASN A 290 43.04 20.95 18.65
N PRO A 291 43.72 19.99 18.02
CA PRO A 291 43.61 18.61 18.47
C PRO A 291 43.84 18.49 19.95
N ALA A 292 43.03 17.65 20.58
CA ALA A 292 43.09 17.35 22.00
C ALA A 292 42.79 18.58 22.84
N GLY A 293 42.45 19.67 22.21
CA GLY A 293 42.37 20.92 22.94
C GLY A 293 41.12 21.18 23.73
N ASN A 294 40.17 20.25 23.78
CA ASN A 294 38.88 20.52 24.42
C ASN A 294 39.01 20.12 25.88
N VAL A 295 39.68 21.00 26.64
CA VAL A 295 39.95 20.70 28.03
C VAL A 295 38.66 20.59 28.83
N ALA A 296 37.57 21.21 28.35
CA ALA A 296 36.31 21.18 29.07
C ALA A 296 35.65 19.81 29.04
N ARG A 297 35.95 19.00 28.02
CA ARG A 297 35.30 17.70 27.87
C ARG A 297 36.38 16.64 27.67
N PRO A 298 36.92 16.12 28.77
CA PRO A 298 38.09 15.24 28.67
C PRO A 298 37.90 13.96 27.88
N MET A 299 36.65 13.48 27.70
CA MET A 299 36.41 12.30 26.87
C MET A 299 36.93 12.47 25.46
N VAL A 300 37.01 13.72 24.99
CA VAL A 300 37.25 14.03 23.61
C VAL A 300 38.71 14.40 23.35
N GLN A 301 39.56 14.24 24.35
CA GLN A 301 40.95 14.60 24.16
C GLN A 301 41.84 13.43 23.80
N ARG A 302 41.26 12.29 23.43
CA ARG A 302 42.04 11.14 22.98
C ARG A 302 41.27 10.40 21.90
N LEU A 303 41.98 9.98 20.87
CA LEU A 303 41.37 9.36 19.72
C LEU A 303 40.89 7.95 20.05
N PRO A 304 40.08 7.34 19.19
CA PRO A 304 39.63 5.97 19.45
C PRO A 304 40.80 5.00 19.47
N GLU A 305 40.57 3.80 20.12
CA GLU A 305 41.70 2.88 20.22
C GLU A 305 41.56 1.74 19.21
N PRO A 306 42.67 1.14 18.77
CA PRO A 306 42.58 0.16 17.69
C PRO A 306 41.55 -0.90 17.92
N GLN A 307 41.27 -1.26 19.16
CA GLN A 307 40.28 -2.30 19.36
C GLN A 307 38.90 -1.78 19.06
N ASP A 308 38.62 -0.53 19.42
CA ASP A 308 37.36 0.11 19.11
C ASP A 308 36.94 -0.24 17.70
N VAL A 309 37.89 -0.24 16.76
CA VAL A 309 37.55 -0.61 15.40
C VAL A 309 37.26 -2.10 15.31
N ALA A 310 38.05 -2.92 15.99
CA ALA A 310 37.83 -4.36 15.93
C ALA A 310 36.53 -4.76 16.58
N GLN A 311 36.08 -4.03 17.59
CA GLN A 311 34.85 -4.40 18.24
C GLN A 311 33.64 -4.03 17.41
N CYS A 312 33.68 -2.91 16.72
CA CYS A 312 32.51 -2.54 15.94
C CYS A 312 32.35 -3.42 14.72
N LEU A 313 33.45 -3.93 14.16
CA LEU A 313 33.28 -4.84 13.04
C LEU A 313 32.72 -6.19 13.45
N GLU A 314 32.35 -6.38 14.69
CA GLU A 314 31.68 -7.58 15.11
C GLU A 314 30.23 -7.33 15.37
N VAL A 315 29.78 -6.10 15.25
CA VAL A 315 28.36 -5.81 15.31
C VAL A 315 27.75 -6.27 14.00
N GLY A 316 26.89 -7.27 14.06
CA GLY A 316 26.47 -7.95 12.87
C GLY A 316 25.35 -7.27 12.11
N LEU A 317 24.42 -6.63 12.79
CA LEU A 317 23.35 -5.97 12.07
C LEU A 317 23.78 -4.59 11.63
N PHE A 318 23.42 -4.22 10.41
CA PHE A 318 23.85 -2.92 9.92
C PHE A 318 23.24 -1.80 10.74
N ASP A 319 21.93 -1.83 10.94
CA ASP A 319 21.27 -0.84 11.77
C ASP A 319 20.08 -1.51 12.46
N THR A 320 19.65 -0.89 13.55
CA THR A 320 18.60 -1.39 14.41
C THR A 320 17.61 -0.29 14.72
N PRO A 321 16.38 -0.63 15.11
CA PRO A 321 15.46 0.45 15.45
C PRO A 321 15.85 1.18 16.72
N PRO A 322 15.40 2.44 16.86
CA PRO A 322 14.57 3.19 15.94
C PRO A 322 15.32 3.78 14.73
N PHE A 323 16.50 3.25 14.39
CA PHE A 323 17.28 3.72 13.24
C PHE A 323 17.70 5.18 13.44
N TYR A 324 18.32 5.45 14.58
CA TYR A 324 18.62 6.81 15.02
C TYR A 324 19.90 6.78 15.82
N SER A 325 20.28 7.96 16.35
CA SER A 325 21.51 8.06 17.12
C SER A 325 21.46 7.33 18.45
N ASN A 326 20.29 6.82 18.86
CA ASN A 326 20.21 6.11 20.12
C ASN A 326 19.82 4.65 19.93
N SER A 327 20.27 4.03 18.86
CA SER A 327 20.08 2.60 18.66
C SER A 327 21.24 1.79 19.20
N THR A 328 20.94 0.62 19.69
CA THR A 328 21.91 -0.29 20.27
C THR A 328 22.20 -1.40 19.28
N ASN A 329 23.42 -1.90 19.33
CA ASN A 329 23.83 -3.04 18.53
C ASN A 329 23.63 -2.78 17.05
N SER A 330 23.73 -1.52 16.66
CA SER A 330 23.68 -1.10 15.27
C SER A 330 25.09 -0.75 14.82
N PHE A 331 25.61 -1.50 13.85
CA PHE A 331 26.92 -1.18 13.31
C PHE A 331 26.95 0.24 12.80
N ARG A 332 25.87 0.67 12.16
CA ARG A 332 25.89 2.02 11.61
C ARG A 332 25.96 3.04 12.73
N ASN A 333 25.31 2.78 13.86
CA ASN A 333 25.42 3.76 14.93
C ASN A 333 26.73 3.61 15.69
N THR A 334 27.31 2.41 15.71
CA THR A 334 28.54 2.24 16.44
C THR A 334 29.69 2.95 15.75
N VAL A 335 29.90 2.68 14.46
CA VAL A 335 31.00 3.35 13.80
C VAL A 335 30.67 4.81 13.56
N GLU A 336 29.39 5.17 13.42
CA GLU A 336 29.12 6.60 13.45
C GLU A 336 29.60 7.15 14.77
N GLY A 337 29.29 6.47 15.86
CA GLY A 337 29.90 6.80 17.13
C GLY A 337 29.00 7.37 18.19
N TYR A 338 27.75 6.93 18.22
CA TYR A 338 26.85 7.26 19.31
C TYR A 338 26.67 6.12 20.29
N SER A 339 27.18 4.94 19.99
CA SER A 339 27.33 3.84 20.94
C SER A 339 28.80 3.62 21.21
N ASP A 340 29.09 2.81 22.22
CA ASP A 340 30.47 2.41 22.41
C ASP A 340 30.78 1.35 21.37
N PRO A 341 32.04 0.98 21.20
CA PRO A 341 32.36 0.09 20.09
C PRO A 341 31.69 -1.28 20.14
N THR A 342 31.18 -1.70 21.29
CA THR A 342 30.48 -2.97 21.32
C THR A 342 29.03 -2.87 20.86
N GLY A 343 28.51 -1.66 20.72
CA GLY A 343 27.14 -1.43 20.32
C GLY A 343 26.23 -0.84 21.39
N LYS A 344 26.70 -0.70 22.62
CA LYS A 344 25.84 -0.34 23.74
C LYS A 344 25.58 1.15 23.75
N TYR A 345 24.32 1.54 23.60
CA TYR A 345 24.02 2.95 23.60
C TYR A 345 24.13 3.55 24.99
N ASP A 346 24.51 4.81 25.04
CA ASP A 346 24.63 5.69 26.19
C ASP A 346 24.67 7.10 25.62
N PRO A 347 23.84 8.02 26.12
CA PRO A 347 23.87 9.36 25.59
C PRO A 347 25.16 10.12 25.89
N ALA A 348 25.99 9.65 26.81
CA ALA A 348 27.25 10.32 27.10
C ALA A 348 28.40 9.91 26.20
N VAL A 349 28.40 8.66 25.72
CA VAL A 349 29.52 8.14 24.95
C VAL A 349 29.66 8.86 23.61
N ARG A 350 30.91 8.92 23.16
CA ARG A 350 31.27 9.31 21.82
C ARG A 350 32.44 8.46 21.42
N SER A 351 32.29 7.66 20.37
CA SER A 351 33.37 6.81 19.92
C SER A 351 33.59 7.01 18.42
N LEU A 352 34.65 6.36 17.93
CA LEU A 352 34.99 6.29 16.52
C LEU A 352 34.73 7.58 15.76
N HIS A 353 33.87 7.58 14.75
CA HIS A 353 33.78 8.70 13.81
C HIS A 353 33.49 10.01 14.53
N ASN A 354 32.61 9.97 15.50
CA ASN A 354 32.29 11.19 16.16
C ASN A 354 33.45 11.66 16.95
N LEU A 355 34.11 10.75 17.62
CA LEU A 355 35.19 11.15 18.50
C LEU A 355 36.37 11.64 17.70
N ALA A 356 36.57 11.15 16.49
CA ALA A 356 37.60 11.73 15.66
C ALA A 356 37.29 13.18 15.34
N HIS A 357 36.04 13.49 15.09
CA HIS A 357 35.62 14.82 14.79
C HIS A 357 35.77 15.72 15.99
N LEU A 358 35.29 15.28 17.14
CA LEU A 358 35.38 16.05 18.36
C LEU A 358 36.82 16.30 18.77
N PHE A 359 37.70 15.34 18.56
CA PHE A 359 39.10 15.47 18.93
C PHE A 359 39.70 16.74 18.37
N LEU A 360 39.33 17.10 17.15
CA LEU A 360 39.89 18.29 16.51
C LEU A 360 39.56 19.56 17.29
N ASN A 361 38.48 19.54 18.06
CA ASN A 361 38.04 20.68 18.86
C ASN A 361 38.15 21.95 18.03
N GLY A 362 37.27 22.09 17.06
CA GLY A 362 37.42 23.19 16.11
C GLY A 362 36.44 23.06 14.99
N THR A 363 36.83 23.61 13.85
CA THR A 363 35.96 23.58 12.68
C THR A 363 35.55 22.17 12.31
N GLY A 364 36.41 21.20 12.49
CA GLY A 364 36.09 19.83 12.18
C GLY A 364 35.14 19.15 13.15
N GLY A 365 34.69 19.83 14.19
CA GLY A 365 33.81 19.21 15.16
C GLY A 365 32.40 19.75 15.13
N GLN A 366 32.15 20.62 14.19
CA GLN A 366 30.86 21.26 14.04
C GLN A 366 30.23 20.74 12.77
N THR A 367 28.99 20.25 12.90
CA THR A 367 28.42 19.47 11.82
C THR A 367 28.16 20.31 10.58
N HIS A 368 27.68 21.52 10.75
CA HIS A 368 27.43 22.33 9.56
C HIS A 368 28.70 22.76 8.86
N LEU A 369 29.88 22.39 9.34
CA LEU A 369 31.08 23.05 8.86
C LEU A 369 32.29 22.15 8.73
N SER A 370 32.29 20.97 9.35
CA SER A 370 33.45 20.10 9.45
C SER A 370 34.15 19.78 8.14
N PRO A 371 33.47 19.73 6.99
CA PRO A 371 34.21 19.50 5.75
C PRO A 371 35.16 20.62 5.41
N ASN A 372 34.99 21.80 6.01
CA ASN A 372 35.88 22.90 5.73
C ASN A 372 37.31 22.55 6.09
N ASP A 373 37.47 21.65 7.04
CA ASP A 373 38.76 21.14 7.48
C ASP A 373 39.12 19.94 6.64
N PRO A 374 40.11 20.00 5.81
CA PRO A 374 40.33 18.88 4.89
C PRO A 374 40.71 17.59 5.60
N ILE A 375 40.85 17.60 6.93
CA ILE A 375 41.00 16.32 7.63
C ILE A 375 39.73 15.49 7.44
N PHE A 376 38.60 16.15 7.23
CA PHE A 376 37.34 15.48 6.94
C PHE A 376 37.51 14.41 5.89
N VAL A 377 38.08 14.78 4.75
CA VAL A 377 38.27 13.82 3.66
C VAL A 377 38.96 12.58 4.19
N LEU A 378 40.08 12.75 4.86
CA LEU A 378 40.81 11.61 5.36
C LEU A 378 40.04 10.91 6.46
N LEU A 379 39.28 11.65 7.24
CA LEU A 379 38.51 11.06 8.33
C LEU A 379 37.40 10.18 7.79
N HIS A 380 36.78 10.57 6.69
CA HIS A 380 35.69 9.75 6.18
C HIS A 380 36.13 8.65 5.24
N THR A 381 37.27 8.77 4.55
CA THR A 381 37.69 7.60 3.79
C THR A 381 38.02 6.45 4.71
N PHE A 382 38.53 6.72 5.90
CA PHE A 382 38.76 5.67 6.87
C PHE A 382 37.45 5.13 7.42
N THR A 383 36.52 6.01 7.78
CA THR A 383 35.18 5.55 8.13
C THR A 383 34.58 4.71 7.02
N ASP A 384 34.81 5.10 5.77
CA ASP A 384 34.33 4.30 4.66
C ASP A 384 35.06 2.98 4.56
N ALA A 385 36.35 2.95 4.82
CA ALA A 385 37.06 1.69 4.77
C ALA A 385 36.47 0.70 5.75
N VAL A 386 36.07 1.17 6.93
CA VAL A 386 35.48 0.28 7.93
C VAL A 386 34.14 -0.23 7.44
N PHE A 387 33.34 0.66 6.89
CA PHE A 387 32.14 0.31 6.18
C PHE A 387 32.41 -0.77 5.15
N ASP A 388 33.43 -0.55 4.31
CA ASP A 388 33.69 -1.47 3.21
C ASP A 388 34.00 -2.87 3.73
N GLU A 389 34.72 -2.98 4.85
CA GLU A 389 35.07 -4.28 5.38
C GLU A 389 33.93 -4.92 6.13
N TRP A 390 33.01 -4.13 6.66
CA TRP A 390 31.77 -4.70 7.13
C TRP A 390 30.96 -5.28 5.98
N LEU A 391 30.99 -4.62 4.82
CA LEU A 391 30.27 -5.13 3.68
C LEU A 391 30.89 -6.41 3.15
N ARG A 392 32.21 -6.50 3.16
CA ARG A 392 32.84 -7.74 2.76
C ARG A 392 32.46 -8.86 3.71
N ARG A 393 32.42 -8.55 4.99
CA ARG A 393 32.40 -9.55 6.03
C ARG A 393 31.00 -10.14 6.23
N TYR A 394 29.97 -9.32 6.10
CA TYR A 394 28.60 -9.76 6.27
C TYR A 394 27.85 -9.78 4.94
N ASN A 395 28.59 -9.87 3.85
CA ASN A 395 28.02 -10.14 2.55
C ASN A 395 26.96 -9.10 2.19
N ALA A 396 27.27 -7.84 2.48
CA ALA A 396 26.45 -6.71 2.05
C ALA A 396 24.99 -6.90 2.40
N ASP A 397 24.73 -7.32 3.63
CA ASP A 397 23.37 -7.67 4.02
C ASP A 397 22.63 -6.40 4.38
N ILE A 398 21.80 -5.92 3.47
CA ILE A 398 21.10 -4.65 3.59
C ILE A 398 19.70 -4.89 4.15
N SER A 399 19.45 -6.09 4.70
CA SER A 399 18.11 -6.42 5.20
C SER A 399 17.69 -5.52 6.36
N THR A 400 18.61 -5.20 7.27
CA THR A 400 18.31 -4.34 8.41
C THR A 400 18.16 -2.87 8.04
N PHE A 401 18.51 -2.49 6.83
CA PHE A 401 18.38 -1.10 6.41
C PHE A 401 16.91 -0.82 6.11
N PRO A 402 16.22 -0.01 6.91
CA PRO A 402 14.77 0.06 6.82
C PRO A 402 14.28 0.67 5.52
N LEU A 403 13.19 0.14 5.00
CA LEU A 403 12.54 0.78 3.87
C LEU A 403 11.56 1.85 4.28
N GLU A 404 11.16 1.88 5.55
CA GLU A 404 10.15 2.80 5.99
C GLU A 404 10.37 3.12 7.46
N ASN A 405 10.05 4.34 7.82
CA ASN A 405 10.20 4.84 9.18
C ASN A 405 11.67 4.97 9.59
N ALA A 406 12.51 5.32 8.68
CA ALA A 406 13.75 5.91 9.15
C ALA A 406 13.55 7.41 9.34
N PRO A 407 14.43 8.09 10.07
CA PRO A 407 14.32 9.54 10.10
C PRO A 407 14.37 10.08 8.69
N ILE A 408 13.62 11.13 8.43
CA ILE A 408 13.44 11.55 7.06
C ILE A 408 14.81 11.72 6.41
N GLY A 409 14.92 11.20 5.18
CA GLY A 409 16.14 11.16 4.43
C GLY A 409 16.88 9.85 4.50
N HIS A 410 16.56 9.00 5.47
CA HIS A 410 17.31 7.79 5.70
C HIS A 410 16.59 6.50 5.33
N ASN A 411 15.42 6.59 4.69
CA ASN A 411 14.79 5.39 4.16
C ASN A 411 15.70 4.80 3.10
N ARG A 412 15.68 3.48 2.95
CA ARG A 412 16.66 2.85 2.08
C ARG A 412 16.60 3.42 0.66
N GLN A 413 15.42 3.63 0.10
CA GLN A 413 15.31 4.09 -1.28
C GLN A 413 15.15 5.58 -1.39
N TYR A 414 15.43 6.31 -0.32
CA TYR A 414 15.50 7.77 -0.40
C TYR A 414 16.66 8.19 -1.28
N ASN A 415 16.41 9.14 -2.17
CA ASN A 415 17.51 9.74 -2.91
C ASN A 415 18.37 10.57 -1.96
N MET A 416 19.66 10.26 -1.87
CA MET A 416 20.52 10.93 -0.90
C MET A 416 20.68 12.42 -1.20
N VAL A 417 20.41 13.25 -0.21
CA VAL A 417 20.31 14.70 -0.41
C VAL A 417 21.62 15.45 -0.25
N PRO A 418 21.97 16.31 -1.20
CA PRO A 418 21.34 16.73 -2.44
C PRO A 418 22.07 16.26 -3.69
N PHE A 419 22.35 14.99 -3.83
CA PHE A 419 23.27 14.60 -4.87
C PHE A 419 22.55 14.52 -6.20
N TRP A 420 23.28 14.82 -7.26
CA TRP A 420 22.70 14.78 -8.58
C TRP A 420 23.64 14.11 -9.54
N PRO A 421 23.13 13.18 -10.36
CA PRO A 421 21.74 12.72 -10.46
C PRO A 421 21.27 11.93 -9.23
N PRO A 422 19.96 11.77 -9.06
CA PRO A 422 19.45 11.10 -7.86
C PRO A 422 20.11 9.75 -7.69
N VAL A 423 20.56 9.48 -6.48
CA VAL A 423 21.25 8.24 -6.18
C VAL A 423 20.80 7.80 -4.81
N THR A 424 20.47 6.53 -4.67
CA THR A 424 19.87 6.03 -3.46
C THR A 424 20.91 5.39 -2.56
N ASN A 425 20.53 5.18 -1.30
CA ASN A 425 21.42 4.48 -0.39
C ASN A 425 21.76 3.10 -0.92
N THR A 426 20.80 2.42 -1.55
CA THR A 426 21.07 1.08 -2.07
C THR A 426 22.20 1.09 -3.08
N GLU A 427 22.28 2.13 -3.90
CA GLU A 427 23.28 2.13 -4.96
C GLU A 427 24.68 2.10 -4.41
N MET A 428 24.89 2.65 -3.22
CA MET A 428 26.17 2.66 -2.53
C MET A 428 26.37 1.48 -1.59
N PHE A 429 25.34 0.67 -1.34
CA PHE A 429 25.46 -0.41 -0.36
C PHE A 429 25.97 -1.69 -1.00
N VAL A 430 27.16 -1.62 -1.56
CA VAL A 430 27.78 -2.71 -2.27
C VAL A 430 29.26 -2.71 -1.95
N THR A 431 29.89 -3.86 -1.97
CA THR A 431 31.33 -3.87 -1.76
C THR A 431 32.00 -3.08 -2.86
N ALA A 432 32.90 -2.20 -2.49
CA ALA A 432 33.50 -1.22 -3.39
C ALA A 432 34.43 -1.79 -4.45
N PRO A 433 35.33 -2.75 -4.17
CA PRO A 433 36.25 -3.21 -5.24
C PRO A 433 35.55 -3.76 -6.47
N ASP A 434 34.47 -4.53 -6.31
CA ASP A 434 33.77 -5.11 -7.43
C ASP A 434 32.73 -4.20 -8.04
N ASN A 435 32.26 -3.20 -7.32
CA ASN A 435 31.14 -2.40 -7.78
C ASN A 435 31.42 -0.93 -7.98
N LEU A 436 32.36 -0.35 -7.26
CA LEU A 436 32.56 1.09 -7.32
C LEU A 436 33.94 1.49 -7.81
N GLY A 437 34.80 0.56 -8.15
CA GLY A 437 36.05 0.93 -8.76
C GLY A 437 37.13 1.36 -7.80
N TYR A 438 37.03 0.98 -6.54
CA TYR A 438 38.09 1.35 -5.61
C TYR A 438 38.14 0.33 -4.48
N THR A 439 39.26 0.31 -3.80
CA THR A 439 39.50 -0.59 -2.70
C THR A 439 40.44 0.10 -1.75
N TYR A 440 40.57 -0.45 -0.55
CA TYR A 440 41.43 0.11 0.46
C TYR A 440 42.64 -0.80 0.66
N GLU A 441 43.84 -0.21 0.63
CA GLU A 441 45.05 -0.91 1.05
C GLU A 441 45.16 -0.77 2.55
N ILE A 442 44.66 -1.75 3.29
CA ILE A 442 44.50 -1.59 4.73
C ILE A 442 44.48 -2.97 5.36
N GLN A 443 44.86 -3.02 6.63
CA GLN A 443 44.83 -4.24 7.44
C GLN A 443 44.13 -3.98 8.75
N TRP A 444 43.47 -4.99 9.27
CA TRP A 444 42.57 -4.75 10.37
C TRP A 444 43.05 -5.38 11.66
N PRO A 445 42.84 -4.72 12.79
CA PRO A 445 43.24 -5.31 14.06
C PRO A 445 42.40 -6.52 14.38
N SER A 446 42.99 -7.47 15.08
CA SER A 446 42.29 -8.66 15.51
C SER A 446 42.68 -9.07 16.93
N GLN B 1 -2.18 -5.38 -21.60
CA GLN B 1 -2.79 -5.56 -20.28
C GLN B 1 -1.73 -6.18 -19.43
N PHE B 2 -2.08 -6.73 -18.29
CA PHE B 2 -0.94 -6.84 -17.41
C PHE B 2 -0.47 -8.28 -17.26
N PRO B 3 0.82 -8.48 -17.02
CA PRO B 3 1.32 -9.80 -16.70
C PRO B 3 0.57 -10.37 -15.51
N ARG B 4 0.34 -11.69 -15.54
CA ARG B 4 -0.35 -12.35 -14.43
C ARG B 4 0.42 -12.21 -13.13
N GLN B 5 1.75 -12.08 -13.21
CA GLN B 5 2.52 -11.76 -12.02
C GLN B 5 1.97 -10.52 -11.33
N CYS B 6 1.47 -9.55 -12.11
CA CYS B 6 1.03 -8.27 -11.60
C CYS B 6 -0.47 -8.17 -11.39
N ALA B 7 -1.24 -9.16 -11.81
CA ALA B 7 -2.69 -9.11 -11.66
C ALA B 7 -3.12 -9.60 -10.29
N THR B 8 -2.43 -9.12 -9.26
CA THR B 8 -2.57 -9.63 -7.92
C THR B 8 -3.02 -8.52 -6.98
N VAL B 9 -3.37 -8.91 -5.77
CA VAL B 9 -3.75 -7.91 -4.77
C VAL B 9 -2.51 -7.19 -4.27
N GLU B 10 -1.42 -7.92 -3.99
CA GLU B 10 -0.20 -7.25 -3.54
C GLU B 10 0.26 -6.23 -4.57
N ALA B 11 0.32 -6.64 -5.84
CA ALA B 11 0.92 -5.76 -6.84
C ALA B 11 0.06 -4.54 -7.10
N LEU B 12 -1.25 -4.72 -7.23
CA LEU B 12 -2.12 -3.58 -7.49
C LEU B 12 -2.07 -2.58 -6.36
N ARG B 13 -1.85 -3.04 -5.13
CA ARG B 13 -1.74 -2.12 -4.00
C ARG B 13 -0.41 -1.39 -4.03
N SER B 14 0.68 -2.10 -4.31
CA SER B 14 1.98 -1.45 -4.36
C SER B 14 2.07 -0.46 -5.50
N GLY B 15 1.32 -0.68 -6.57
CA GLY B 15 1.43 0.15 -7.74
C GLY B 15 2.62 -0.16 -8.58
N MET B 16 3.23 -1.32 -8.38
CA MET B 16 4.48 -1.69 -9.01
C MET B 16 4.25 -2.97 -9.80
N CYS B 17 4.58 -2.95 -11.07
CA CYS B 17 4.51 -4.15 -11.89
C CYS B 17 5.91 -4.45 -12.42
N CYS B 18 6.73 -5.07 -11.58
CA CYS B 18 8.12 -5.39 -11.88
C CYS B 18 8.37 -6.84 -11.50
N PRO B 19 7.86 -7.78 -12.27
CA PRO B 19 7.93 -9.18 -11.86
C PRO B 19 9.36 -9.69 -11.89
N ASP B 20 9.58 -10.79 -11.19
CA ASP B 20 10.91 -11.35 -11.14
C ASP B 20 11.26 -12.04 -12.45
N LEU B 21 12.53 -11.98 -12.81
CA LEU B 21 13.03 -12.70 -13.98
C LEU B 21 13.41 -14.12 -13.57
N SER B 22 14.43 -14.25 -12.76
CA SER B 22 15.01 -15.54 -12.40
C SER B 22 15.23 -15.53 -10.89
N PRO B 23 14.22 -15.78 -10.14
CA PRO B 23 14.29 -15.56 -8.67
C PRO B 23 15.03 -16.65 -7.91
N VAL B 24 16.37 -16.65 -8.02
CA VAL B 24 17.18 -17.64 -7.33
C VAL B 24 17.11 -17.44 -5.82
N SER B 25 17.32 -16.20 -5.37
CA SER B 25 17.32 -15.89 -3.94
C SER B 25 15.92 -15.91 -3.35
N GLY B 26 14.87 -15.84 -4.18
CA GLY B 26 13.52 -15.80 -3.70
C GLY B 26 12.74 -14.67 -4.32
N PRO B 27 11.50 -14.48 -3.89
CA PRO B 27 10.65 -13.42 -4.46
C PRO B 27 11.25 -12.03 -4.27
N GLY B 28 10.95 -11.15 -5.23
CA GLY B 28 11.36 -9.77 -5.15
C GLY B 28 12.84 -9.53 -5.25
N THR B 29 13.63 -10.54 -5.59
CA THR B 29 15.06 -10.34 -5.71
C THR B 29 15.53 -10.14 -7.14
N ASP B 30 14.76 -10.57 -8.14
CA ASP B 30 15.17 -10.37 -9.52
C ASP B 30 14.14 -9.58 -10.31
N ARG B 31 13.51 -8.61 -9.66
CA ARG B 31 12.62 -7.71 -10.36
C ARG B 31 13.33 -7.13 -11.59
N CYS B 32 12.66 -7.19 -12.73
CA CYS B 32 13.15 -6.69 -13.99
C CYS B 32 14.48 -7.30 -14.40
N GLY B 33 14.94 -8.32 -13.68
CA GLY B 33 16.20 -8.92 -14.03
C GLY B 33 17.39 -8.08 -13.67
N SER B 34 17.36 -7.46 -12.49
CA SER B 34 18.48 -6.65 -12.03
C SER B 34 19.64 -7.48 -11.52
N SER B 35 19.42 -8.74 -11.16
CA SER B 35 20.52 -9.63 -10.84
C SER B 35 21.48 -9.70 -12.00
N SER B 36 21.02 -10.17 -13.15
CA SER B 36 21.70 -9.92 -14.40
C SER B 36 21.67 -8.41 -14.67
N GLY B 37 22.33 -7.99 -15.73
CA GLY B 37 22.34 -6.57 -15.98
C GLY B 37 21.15 -6.09 -16.78
N ARG B 38 20.06 -6.85 -16.75
CA ARG B 38 19.07 -6.75 -17.81
C ARG B 38 18.10 -5.59 -17.62
N GLY B 39 17.86 -5.13 -16.40
CA GLY B 39 16.96 -4.00 -16.25
C GLY B 39 16.64 -3.73 -14.81
N ARG B 40 15.96 -2.60 -14.60
CA ARG B 40 15.63 -2.11 -13.27
C ARG B 40 14.15 -1.78 -13.19
N CYS B 41 13.63 -1.77 -11.98
CA CYS B 41 12.31 -1.26 -11.71
C CYS B 41 12.43 0.24 -11.55
N GLU B 42 11.40 0.97 -11.94
CA GLU B 42 11.63 2.35 -12.25
C GLU B 42 10.31 3.11 -12.17
N ALA B 43 10.37 4.43 -12.17
CA ALA B 43 9.12 5.16 -12.24
C ALA B 43 8.55 5.10 -13.65
N VAL B 44 7.23 5.14 -13.74
CA VAL B 44 6.57 5.19 -15.03
C VAL B 44 6.58 6.62 -15.52
N THR B 45 6.92 6.80 -16.80
CA THR B 45 6.86 8.09 -17.46
C THR B 45 5.62 8.14 -18.32
N ALA B 46 4.79 9.15 -18.11
CA ALA B 46 3.55 9.23 -18.86
C ALA B 46 3.38 10.65 -19.36
N ASP B 47 2.85 10.77 -20.57
CA ASP B 47 2.55 12.07 -21.13
C ASP B 47 1.53 12.78 -20.25
N SER B 48 1.91 13.95 -19.74
CA SER B 48 1.01 14.79 -18.97
C SER B 48 0.49 15.96 -19.76
N ARG B 49 0.99 16.17 -20.97
CA ARG B 49 0.59 17.28 -21.78
C ARG B 49 -0.90 17.17 -22.16
N PRO B 50 -1.56 18.28 -22.43
CA PRO B 50 -3.02 18.28 -22.54
C PRO B 50 -3.50 17.69 -23.86
N HIS B 51 -4.76 17.31 -23.87
CA HIS B 51 -5.39 16.72 -25.03
C HIS B 51 -6.53 17.60 -25.52
N SER B 52 -7.11 17.21 -26.65
CA SER B 52 -8.11 18.02 -27.32
C SER B 52 -9.31 18.23 -26.41
N PRO B 53 -10.05 19.30 -26.60
CA PRO B 53 -11.23 19.52 -25.78
C PRO B 53 -12.33 18.51 -26.02
N GLN B 54 -12.15 17.60 -26.96
CA GLN B 54 -13.24 16.68 -27.29
C GLN B 54 -13.60 15.79 -26.14
N TYR B 55 -12.68 15.53 -25.23
CA TYR B 55 -12.89 14.61 -24.13
C TYR B 55 -13.11 15.37 -22.82
N PRO B 56 -14.35 15.54 -22.36
CA PRO B 56 -14.58 16.39 -21.19
C PRO B 56 -14.38 15.70 -19.85
N HIS B 57 -14.13 14.40 -19.82
CA HIS B 57 -14.25 13.64 -18.58
C HIS B 57 -12.92 13.23 -17.96
N ASP B 58 -11.93 14.12 -17.94
CA ASP B 58 -10.75 13.87 -17.13
C ASP B 58 -11.18 13.51 -15.72
N GLY B 59 -10.66 12.40 -15.22
CA GLY B 59 -11.00 11.92 -13.90
C GLY B 59 -11.87 10.68 -13.88
N ARG B 60 -12.46 10.31 -15.01
CA ARG B 60 -13.47 9.26 -15.01
C ARG B 60 -13.00 7.93 -15.57
N ASP B 61 -11.92 7.91 -16.37
CA ASP B 61 -11.59 6.77 -17.21
C ASP B 61 -10.17 6.27 -16.96
N ASP B 62 -10.03 4.97 -16.76
CA ASP B 62 -8.78 4.33 -16.36
C ASP B 62 -7.68 4.39 -17.39
N ARG B 63 -7.94 4.83 -18.61
CA ARG B 63 -6.91 4.86 -19.63
C ARG B 63 -6.40 6.26 -19.87
N GLU B 64 -6.87 7.22 -19.09
CA GLU B 64 -6.21 8.50 -19.02
C GLU B 64 -4.82 8.32 -18.43
N VAL B 65 -3.88 9.13 -18.92
CA VAL B 65 -2.48 9.11 -18.52
C VAL B 65 -2.01 7.70 -18.26
N TRP B 66 -2.26 6.83 -19.24
CA TRP B 66 -1.87 5.43 -19.21
C TRP B 66 -0.39 5.33 -19.00
N PRO B 67 0.06 4.45 -18.07
CA PRO B 67 -0.75 3.53 -17.26
C PRO B 67 -0.90 3.91 -15.80
N LEU B 68 -0.84 5.17 -15.46
CA LEU B 68 -0.77 5.50 -14.05
C LEU B 68 -2.04 5.25 -13.28
N ARG B 69 -3.16 4.70 -13.72
CA ARG B 69 -4.25 4.41 -12.81
C ARG B 69 -4.17 3.00 -12.28
N PHE B 70 -3.20 2.24 -12.71
CA PHE B 70 -2.98 0.90 -12.18
C PHE B 70 -1.60 0.75 -11.56
N PHE B 71 -0.56 1.19 -12.24
CA PHE B 71 0.80 1.01 -11.77
C PHE B 71 1.65 2.24 -12.08
N ASN B 72 2.54 2.61 -11.15
CA ASN B 72 3.45 3.71 -11.42
C ASN B 72 4.92 3.31 -11.41
N ARG B 73 5.25 2.06 -11.12
CA ARG B 73 6.56 1.53 -11.34
C ARG B 73 6.50 0.42 -12.37
N THR B 74 7.29 0.53 -13.43
CA THR B 74 7.43 -0.48 -14.46
C THR B 74 8.87 -0.93 -14.57
N CYS B 75 9.09 -1.98 -15.35
CA CYS B 75 10.42 -2.40 -15.75
C CYS B 75 10.86 -1.59 -16.96
N HIS B 76 12.16 -1.34 -17.04
CA HIS B 76 12.77 -0.62 -18.15
C HIS B 76 14.07 -1.35 -18.42
N CYS B 77 14.09 -2.14 -19.47
CA CYS B 77 15.25 -2.97 -19.74
C CYS B 77 16.38 -2.13 -20.34
N ASN B 78 17.59 -2.69 -20.27
CA ASN B 78 18.78 -2.01 -20.74
C ASN B 78 19.23 -2.55 -22.09
N GLY B 79 19.82 -1.68 -22.89
CA GLY B 79 20.41 -2.11 -24.14
C GLY B 79 19.35 -2.62 -25.08
N ASN B 80 19.57 -3.80 -25.63
CA ASN B 80 18.62 -4.44 -26.52
C ASN B 80 17.85 -5.56 -25.82
N PHE B 81 17.60 -5.39 -24.53
CA PHE B 81 16.66 -6.27 -23.84
C PHE B 81 15.28 -5.65 -23.87
N SER B 82 14.27 -6.47 -23.60
CA SER B 82 12.89 -6.01 -23.63
C SER B 82 11.99 -7.03 -22.96
N GLY B 83 10.76 -6.61 -22.71
CA GLY B 83 9.76 -7.47 -22.11
C GLY B 83 9.40 -7.01 -20.71
N HIS B 84 8.22 -7.45 -20.26
CA HIS B 84 7.78 -7.07 -18.92
C HIS B 84 8.80 -7.50 -17.87
N ASN B 85 9.52 -8.57 -18.15
CA ASN B 85 10.52 -9.16 -17.30
C ASN B 85 11.89 -8.63 -17.57
N CYS B 86 12.05 -7.90 -18.67
CA CYS B 86 13.33 -7.83 -19.35
C CYS B 86 13.85 -9.24 -19.63
N GLY B 87 12.92 -10.15 -19.89
CA GLY B 87 13.21 -11.54 -20.10
C GLY B 87 13.34 -11.97 -21.55
N THR B 88 13.27 -11.04 -22.49
CA THR B 88 13.52 -11.34 -23.88
C THR B 88 14.18 -10.13 -24.51
N CYS B 89 14.24 -10.07 -25.83
CA CYS B 89 14.99 -9.01 -26.48
C CYS B 89 14.07 -8.09 -27.26
N ARG B 90 14.58 -6.89 -27.54
CA ARG B 90 13.93 -5.91 -28.40
C ARG B 90 13.56 -6.54 -29.73
N PRO B 91 12.65 -5.96 -30.48
CA PRO B 91 12.31 -6.54 -31.78
C PRO B 91 13.49 -6.38 -32.72
N GLY B 92 13.87 -7.49 -33.36
CA GLY B 92 15.05 -7.50 -34.19
C GLY B 92 16.30 -7.99 -33.50
N TRP B 93 16.16 -8.71 -32.38
CA TRP B 93 17.31 -9.29 -31.69
C TRP B 93 16.84 -10.55 -30.98
N ARG B 94 17.42 -11.70 -31.34
CA ARG B 94 17.43 -12.95 -30.58
C ARG B 94 18.71 -12.84 -29.72
N GLY B 95 19.44 -13.91 -29.44
CA GLY B 95 20.65 -13.95 -28.61
C GLY B 95 20.33 -14.08 -27.14
N ALA B 96 21.17 -14.86 -26.43
CA ALA B 96 21.06 -14.90 -24.98
C ALA B 96 21.36 -13.53 -24.39
N ALA B 97 22.17 -12.75 -25.07
CA ALA B 97 22.50 -11.39 -24.67
C ALA B 97 21.93 -10.39 -25.64
N CYS B 98 21.12 -10.83 -26.58
CA CYS B 98 20.51 -9.96 -27.58
C CYS B 98 21.58 -9.21 -28.37
N ASP B 99 22.53 -9.98 -28.93
CA ASP B 99 23.66 -9.41 -29.65
C ASP B 99 23.84 -9.94 -31.06
N GLN B 100 23.09 -10.96 -31.48
CA GLN B 100 22.94 -11.31 -32.89
C GLN B 100 22.21 -10.17 -33.59
N ARG B 101 21.74 -10.39 -34.81
CA ARG B 101 20.64 -9.54 -35.29
C ARG B 101 19.79 -10.34 -36.25
N VAL B 102 18.48 -10.09 -36.18
CA VAL B 102 17.49 -10.78 -36.99
C VAL B 102 16.75 -9.74 -37.81
N LEU B 103 16.42 -10.09 -39.05
CA LEU B 103 15.44 -9.34 -39.84
C LEU B 103 14.51 -10.33 -40.48
N ILE B 104 13.21 -10.24 -40.17
CA ILE B 104 12.18 -11.05 -40.79
C ILE B 104 11.43 -10.24 -41.82
N VAL B 105 10.99 -10.90 -42.89
CA VAL B 105 10.34 -10.24 -44.01
C VAL B 105 8.88 -10.65 -44.05
N ARG B 106 8.00 -9.65 -43.96
CA ARG B 106 6.56 -9.84 -44.08
C ARG B 106 6.20 -9.80 -45.54
N ARG B 107 5.79 -10.93 -46.07
CA ARG B 107 5.51 -11.04 -47.49
C ARG B 107 4.02 -11.00 -47.76
N ASN B 108 3.68 -10.86 -49.04
CA ASN B 108 2.29 -10.93 -49.48
C ASN B 108 1.74 -12.33 -49.24
N LEU B 109 0.51 -12.41 -48.75
CA LEU B 109 -0.02 -13.72 -48.40
C LEU B 109 -0.15 -14.60 -49.63
N LEU B 110 -0.60 -14.04 -50.75
CA LEU B 110 -0.82 -14.86 -51.93
C LEU B 110 0.47 -15.35 -52.57
N ASP B 111 1.59 -14.67 -52.37
CA ASP B 111 2.87 -15.13 -52.88
C ASP B 111 3.47 -16.27 -52.06
N LEU B 112 2.91 -16.58 -50.90
CA LEU B 112 3.49 -17.65 -50.12
C LEU B 112 3.25 -18.99 -50.80
N SER B 113 3.96 -20.02 -50.33
CA SER B 113 3.85 -21.34 -50.92
C SER B 113 2.68 -22.09 -50.30
N LYS B 114 2.34 -23.24 -50.89
CA LYS B 114 1.25 -24.03 -50.36
C LYS B 114 1.53 -24.45 -48.93
N GLU B 115 2.78 -24.81 -48.64
CA GLU B 115 3.13 -25.23 -47.29
C GLU B 115 3.17 -24.05 -46.33
N GLU B 116 3.56 -22.87 -46.85
CA GLU B 116 3.61 -21.68 -46.01
C GLU B 116 2.22 -21.13 -45.76
N LYS B 117 1.35 -21.14 -46.79
CA LYS B 117 -0.02 -20.68 -46.59
C LYS B 117 -0.72 -21.48 -45.50
N ASN B 118 -0.57 -22.80 -45.53
CA ASN B 118 -1.26 -23.59 -44.52
C ASN B 118 -0.60 -23.45 -43.16
N HIS B 119 0.69 -23.15 -43.12
CA HIS B 119 1.33 -22.88 -41.84
C HIS B 119 0.76 -21.63 -41.20
N PHE B 120 0.61 -20.57 -41.98
CA PHE B 120 0.08 -19.33 -41.44
C PHE B 120 -1.32 -19.54 -40.88
N VAL B 121 -2.17 -20.21 -41.65
CA VAL B 121 -3.55 -20.46 -41.25
C VAL B 121 -3.60 -21.27 -39.96
N ARG B 122 -2.80 -22.32 -39.89
CA ARG B 122 -2.86 -23.16 -38.70
C ARG B 122 -2.25 -22.46 -37.50
N ALA B 123 -1.23 -21.61 -37.71
CA ALA B 123 -0.70 -20.83 -36.60
C ALA B 123 -1.76 -19.88 -36.04
N LEU B 124 -2.45 -19.15 -36.92
CA LEU B 124 -3.55 -18.30 -36.46
C LEU B 124 -4.54 -19.08 -35.63
N ASP B 125 -5.00 -20.23 -36.13
CA ASP B 125 -5.98 -21.01 -35.40
C ASP B 125 -5.43 -21.50 -34.08
N MET B 126 -4.12 -21.76 -34.00
CA MET B 126 -3.53 -22.14 -32.71
C MET B 126 -3.44 -20.95 -31.77
N ALA B 127 -3.14 -19.78 -32.31
CA ALA B 127 -3.13 -18.59 -31.49
C ALA B 127 -4.52 -18.30 -30.93
N LYS B 128 -5.56 -18.74 -31.62
CA LYS B 128 -6.90 -18.58 -31.09
C LYS B 128 -7.14 -19.53 -29.93
N ARG B 129 -6.57 -20.72 -30.00
CA ARG B 129 -6.86 -21.76 -29.02
C ARG B 129 -5.90 -21.75 -27.83
N THR B 130 -4.72 -21.19 -27.98
CA THR B 130 -3.70 -21.33 -26.95
C THR B 130 -3.76 -20.18 -25.95
N THR B 131 -3.88 -20.52 -24.67
CA THR B 131 -3.99 -19.52 -23.62
C THR B 131 -2.74 -18.65 -23.58
N HIS B 132 -2.92 -17.33 -23.49
CA HIS B 132 -1.78 -16.42 -23.52
C HIS B 132 -0.92 -16.66 -22.29
N PRO B 133 0.38 -16.83 -22.44
CA PRO B 133 1.20 -17.17 -21.28
C PRO B 133 1.44 -16.00 -20.36
N LEU B 134 1.72 -14.82 -20.91
CA LEU B 134 2.14 -13.69 -20.10
C LEU B 134 0.98 -12.84 -19.57
N PHE B 135 -0.02 -12.50 -20.38
CA PHE B 135 -0.99 -11.48 -20.00
C PHE B 135 -2.33 -12.08 -19.59
N VAL B 136 -3.07 -11.33 -18.78
CA VAL B 136 -4.45 -11.61 -18.44
C VAL B 136 -5.24 -10.32 -18.58
N ILE B 137 -6.54 -10.42 -18.78
CA ILE B 137 -7.39 -9.26 -19.10
C ILE B 137 -8.38 -8.98 -17.98
N ALA B 138 -8.62 -7.69 -17.75
CA ALA B 138 -9.49 -7.23 -16.68
C ALA B 138 -10.92 -7.15 -17.19
N THR B 139 -11.82 -7.86 -16.54
CA THR B 139 -13.23 -7.79 -16.89
C THR B 139 -13.97 -6.71 -16.14
N ARG B 140 -13.31 -5.98 -15.26
CA ARG B 140 -13.94 -4.87 -14.56
C ARG B 140 -13.03 -3.66 -14.65
N ARG B 141 -13.60 -2.49 -14.37
CA ARG B 141 -12.79 -1.29 -14.35
C ARG B 141 -12.15 -1.15 -12.97
N SER B 142 -11.28 -0.15 -12.83
CA SER B 142 -10.42 -0.07 -11.65
C SER B 142 -11.23 -0.01 -10.36
N GLU B 143 -12.39 0.68 -10.37
CA GLU B 143 -13.21 0.77 -9.16
C GLU B 143 -13.50 -0.61 -8.57
N GLU B 144 -13.81 -1.59 -9.41
CA GLU B 144 -14.16 -2.91 -8.91
C GLU B 144 -13.13 -3.95 -9.30
N ILE B 145 -11.88 -3.54 -9.47
CA ILE B 145 -10.89 -4.45 -10.03
C ILE B 145 -10.61 -5.60 -9.07
N LEU B 146 -10.75 -5.36 -7.77
CA LEU B 146 -10.51 -6.37 -6.76
C LEU B 146 -11.77 -7.12 -6.35
N GLY B 147 -12.92 -6.73 -6.87
CA GLY B 147 -14.08 -7.57 -6.93
C GLY B 147 -15.01 -7.54 -5.73
N PRO B 148 -15.82 -8.60 -5.61
CA PRO B 148 -16.76 -8.73 -4.48
C PRO B 148 -16.20 -8.31 -3.13
N ASP B 149 -15.19 -9.03 -2.67
CA ASP B 149 -14.71 -8.97 -1.30
C ASP B 149 -13.40 -8.20 -1.17
N GLY B 150 -13.02 -7.43 -2.17
CA GLY B 150 -11.78 -6.68 -2.07
C GLY B 150 -10.55 -7.54 -2.13
N ASN B 151 -10.68 -8.79 -2.57
CA ASN B 151 -9.55 -9.72 -2.63
C ASN B 151 -9.56 -10.58 -3.89
N THR B 152 -10.65 -10.67 -4.64
CA THR B 152 -10.64 -11.45 -5.86
C THR B 152 -10.28 -10.54 -7.03
N PRO B 153 -9.09 -10.61 -7.59
CA PRO B 153 -8.79 -9.86 -8.81
C PRO B 153 -9.69 -10.31 -9.94
N GLN B 154 -10.32 -9.34 -10.60
CA GLN B 154 -11.25 -9.60 -11.68
C GLN B 154 -10.53 -9.64 -13.02
N PHE B 155 -9.63 -10.60 -13.18
CA PHE B 155 -8.92 -10.83 -14.43
C PHE B 155 -9.15 -12.26 -14.89
N GLU B 156 -9.09 -12.47 -16.20
CA GLU B 156 -9.19 -13.82 -16.73
C GLU B 156 -8.00 -14.12 -17.64
N ASN B 157 -7.61 -15.39 -17.67
CA ASN B 157 -6.76 -15.83 -18.76
C ASN B 157 -7.48 -15.61 -20.08
N ILE B 158 -6.72 -15.66 -21.17
CA ILE B 158 -7.28 -15.41 -22.49
C ILE B 158 -6.28 -15.88 -23.53
N SER B 159 -6.78 -16.17 -24.72
CA SER B 159 -5.94 -16.76 -25.75
C SER B 159 -5.02 -15.73 -26.37
N ILE B 160 -4.00 -16.23 -27.06
CA ILE B 160 -3.09 -15.33 -27.78
C ILE B 160 -3.89 -14.37 -28.63
N TYR B 161 -4.85 -14.88 -29.40
CA TYR B 161 -5.48 -14.05 -30.40
C TYR B 161 -6.60 -13.21 -29.79
N ASN B 162 -7.30 -13.77 -28.82
CA ASN B 162 -8.34 -12.96 -28.19
C ASN B 162 -7.75 -11.75 -27.49
N TYR B 163 -6.55 -11.88 -26.91
CA TYR B 163 -5.82 -10.73 -26.39
C TYR B 163 -5.59 -9.68 -27.49
N PHE B 164 -5.06 -10.11 -28.64
CA PHE B 164 -5.03 -9.24 -29.81
C PHE B 164 -6.36 -8.54 -30.00
N VAL B 165 -7.47 -9.23 -29.76
CA VAL B 165 -8.78 -8.63 -29.96
C VAL B 165 -9.14 -7.73 -28.79
N TRP B 166 -8.83 -8.15 -27.58
CA TRP B 166 -9.20 -7.38 -26.38
C TRP B 166 -8.50 -6.02 -26.33
N THR B 167 -7.21 -5.97 -26.70
CA THR B 167 -6.49 -4.70 -26.61
C THR B 167 -7.05 -3.67 -27.57
N HIS B 168 -7.47 -4.11 -28.77
CA HIS B 168 -8.16 -3.23 -29.71
C HIS B 168 -9.46 -2.73 -29.11
N TYR B 169 -10.25 -3.65 -28.56
CA TYR B 169 -11.52 -3.29 -27.97
C TYR B 169 -11.35 -2.30 -26.83
N TYR B 170 -10.48 -2.59 -25.87
CA TYR B 170 -10.28 -1.70 -24.73
C TYR B 170 -9.83 -0.33 -25.17
N SER B 171 -9.06 -0.24 -26.24
CA SER B 171 -8.60 1.06 -26.70
C SER B 171 -9.71 1.87 -27.38
N VAL B 172 -10.80 1.24 -27.81
CA VAL B 172 -11.87 1.96 -28.51
C VAL B 172 -13.19 1.97 -27.76
N LYS B 173 -13.35 1.18 -26.70
CA LYS B 173 -14.57 1.17 -25.93
C LYS B 173 -14.92 2.57 -25.42
N LYS B 174 -16.12 2.68 -24.90
CA LYS B 174 -16.65 3.95 -24.45
C LYS B 174 -16.28 4.19 -23.00
N THR B 175 -16.30 5.46 -22.61
CA THR B 175 -16.06 5.82 -21.22
C THR B 175 -17.35 5.64 -20.43
N PHE B 176 -17.34 4.73 -19.48
CA PHE B 176 -18.47 4.57 -18.58
C PHE B 176 -18.52 5.74 -17.61
N LEU B 177 -19.66 6.41 -17.54
CA LEU B 177 -19.87 7.51 -16.61
C LEU B 177 -20.85 7.15 -15.50
N GLY B 178 -21.29 5.90 -15.44
CA GLY B 178 -22.11 5.44 -14.34
C GLY B 178 -23.38 4.74 -14.78
N VAL B 179 -23.84 3.81 -13.94
CA VAL B 179 -25.13 3.16 -14.18
C VAL B 179 -26.20 4.22 -14.27
N GLY B 180 -27.08 4.08 -15.25
CA GLY B 180 -28.12 5.05 -15.47
C GLY B 180 -27.70 6.32 -16.18
N GLN B 181 -26.46 6.43 -16.63
CA GLN B 181 -26.07 7.54 -17.48
C GLN B 181 -25.49 7.00 -18.77
N GLU B 182 -25.52 7.81 -19.82
CA GLU B 182 -25.16 7.35 -21.14
C GLU B 182 -23.66 7.45 -21.33
N SER B 183 -23.04 6.33 -21.68
CA SER B 183 -21.61 6.32 -21.90
C SER B 183 -21.21 7.28 -23.00
N PHE B 184 -19.96 7.68 -22.96
CA PHE B 184 -19.39 8.69 -23.83
C PHE B 184 -18.55 8.00 -24.88
N GLY B 185 -18.69 8.41 -26.12
CA GLY B 185 -18.10 7.67 -27.22
C GLY B 185 -17.32 8.49 -28.22
N GLU B 186 -17.27 9.81 -28.03
CA GLU B 186 -16.35 10.66 -28.78
C GLU B 186 -14.93 10.52 -28.24
N VAL B 187 -14.46 9.29 -28.22
CA VAL B 187 -13.13 8.95 -27.71
C VAL B 187 -12.71 7.65 -28.34
N ASP B 188 -11.44 7.57 -28.71
CA ASP B 188 -10.93 6.37 -29.36
C ASP B 188 -9.41 6.48 -29.32
N PHE B 189 -8.78 5.63 -28.52
CA PHE B 189 -7.37 5.77 -28.21
C PHE B 189 -6.45 5.26 -29.28
N SER B 190 -6.98 4.89 -30.43
CA SER B 190 -6.16 4.26 -31.44
C SER B 190 -6.64 4.53 -32.84
N HIS B 191 -7.73 5.27 -33.02
CA HIS B 191 -8.26 5.59 -34.33
C HIS B 191 -8.63 7.06 -34.35
N GLU B 192 -8.87 7.58 -35.53
CA GLU B 192 -9.24 8.97 -35.70
C GLU B 192 -8.28 9.88 -34.96
N GLY B 193 -7.00 9.74 -35.27
CA GLY B 193 -5.97 10.55 -34.68
C GLY B 193 -4.59 10.02 -35.01
N PRO B 194 -3.55 10.80 -34.75
CA PRO B 194 -2.22 10.42 -35.26
C PRO B 194 -1.68 9.11 -34.71
N ALA B 195 -2.13 8.65 -33.56
CA ALA B 195 -1.62 7.36 -33.09
C ALA B 195 -2.28 6.18 -33.79
N PHE B 196 -3.07 6.41 -34.84
CA PHE B 196 -3.73 5.32 -35.54
C PHE B 196 -2.75 4.31 -36.09
N LEU B 197 -1.58 4.76 -36.52
CA LEU B 197 -0.64 3.89 -37.22
C LEU B 197 0.44 3.34 -36.33
N THR B 198 0.93 4.13 -35.38
CA THR B 198 1.84 3.61 -34.39
C THR B 198 1.15 2.61 -33.49
N TRP B 199 -0.10 2.89 -33.15
CA TRP B 199 -0.87 1.96 -32.32
C TRP B 199 -1.05 0.63 -33.02
N HIS B 200 -1.55 0.65 -34.25
CA HIS B 200 -1.74 -0.62 -34.90
C HIS B 200 -0.40 -1.28 -35.23
N ARG B 201 0.67 -0.50 -35.39
CA ARG B 201 1.99 -1.08 -35.66
C ARG B 201 2.50 -1.90 -34.49
N TYR B 202 2.36 -1.37 -33.27
CA TYR B 202 2.75 -2.17 -32.11
C TYR B 202 1.77 -3.31 -31.90
N HIS B 203 0.49 -3.07 -32.16
CA HIS B 203 -0.50 -4.13 -32.07
C HIS B 203 -0.04 -5.34 -32.87
N LEU B 204 0.41 -5.11 -34.09
CA LEU B 204 0.87 -6.22 -34.91
C LEU B 204 2.14 -6.82 -34.35
N LEU B 205 3.10 -5.99 -34.03
CA LEU B 205 4.39 -6.46 -33.55
C LEU B 205 4.28 -7.28 -32.28
N ARG B 206 3.21 -7.13 -31.52
CA ARG B 206 2.96 -7.95 -30.34
C ARG B 206 2.25 -9.25 -30.67
N LEU B 207 1.32 -9.26 -31.61
CA LEU B 207 0.79 -10.54 -32.07
C LEU B 207 1.91 -11.37 -32.65
N GLU B 208 2.73 -10.74 -33.49
CA GLU B 208 3.82 -11.46 -34.16
C GLU B 208 4.75 -12.09 -33.14
N LYS B 209 5.22 -11.31 -32.19
CA LYS B 209 6.06 -11.86 -31.13
C LYS B 209 5.35 -12.99 -30.39
N ASP B 210 4.07 -12.82 -30.08
CA ASP B 210 3.36 -13.87 -29.36
C ASP B 210 3.31 -15.16 -30.17
N MET B 211 3.13 -15.05 -31.48
CA MET B 211 3.04 -16.25 -32.28
C MET B 211 4.41 -16.86 -32.49
N GLN B 212 5.44 -16.03 -32.64
CA GLN B 212 6.79 -16.54 -32.75
C GLN B 212 7.11 -17.47 -31.60
N GLU B 213 6.79 -17.04 -30.38
CA GLU B 213 7.10 -17.84 -29.22
C GLU B 213 6.10 -18.96 -29.01
N MET B 214 4.85 -18.77 -29.43
CA MET B 214 3.93 -19.90 -29.40
C MET B 214 4.44 -21.03 -30.24
N LEU B 215 5.03 -20.71 -31.40
CA LEU B 215 5.48 -21.72 -32.35
C LEU B 215 6.92 -22.17 -32.11
N GLN B 216 7.70 -21.41 -31.36
CA GLN B 216 9.15 -21.56 -31.31
C GLN B 216 9.75 -21.38 -32.70
N GLU B 217 9.20 -20.43 -33.45
CA GLU B 217 9.73 -20.04 -34.76
C GLU B 217 10.15 -18.58 -34.66
N PRO B 218 11.33 -18.31 -34.16
CA PRO B 218 11.83 -16.93 -34.10
C PRO B 218 11.70 -16.18 -35.42
N SER B 219 11.58 -16.89 -36.51
CA SER B 219 11.57 -16.31 -37.84
C SER B 219 10.17 -15.99 -38.36
N PHE B 220 9.13 -16.39 -37.65
CA PHE B 220 7.77 -16.33 -38.18
C PHE B 220 7.35 -14.88 -38.38
N SER B 221 6.77 -14.59 -39.53
CA SER B 221 6.35 -13.24 -39.84
C SER B 221 4.88 -13.18 -40.19
N LEU B 222 4.28 -12.03 -39.95
CA LEU B 222 2.91 -11.79 -40.37
C LEU B 222 2.93 -11.35 -41.83
N PRO B 223 2.26 -12.08 -42.73
CA PRO B 223 2.11 -11.62 -44.11
C PRO B 223 1.04 -10.54 -44.22
N TYR B 224 0.91 -9.98 -45.41
CA TYR B 224 -0.07 -8.92 -45.57
C TYR B 224 -1.11 -9.26 -46.64
N TRP B 225 -2.04 -8.34 -46.85
CA TRP B 225 -3.09 -8.46 -47.86
C TRP B 225 -3.08 -7.19 -48.69
N ASN B 226 -2.81 -7.32 -49.98
CA ASN B 226 -2.90 -6.15 -50.85
C ASN B 226 -4.35 -5.91 -51.21
N PHE B 227 -5.03 -5.07 -50.44
CA PHE B 227 -6.41 -4.75 -50.77
C PHE B 227 -6.54 -3.57 -51.71
N ALA B 228 -5.44 -3.01 -52.18
CA ALA B 228 -5.50 -1.96 -53.18
C ALA B 228 -5.56 -2.53 -54.58
N THR B 229 -6.45 -3.49 -54.83
CA THR B 229 -6.56 -4.15 -56.11
C THR B 229 -7.72 -3.67 -56.95
N GLY B 230 -8.47 -2.66 -56.51
CA GLY B 230 -9.64 -2.28 -57.26
C GLY B 230 -10.70 -3.36 -57.35
N LYS B 231 -10.51 -4.49 -56.69
CA LYS B 231 -11.29 -5.66 -56.99
C LYS B 231 -12.70 -5.58 -56.41
N ASN B 232 -13.58 -6.39 -56.99
CA ASN B 232 -14.98 -6.53 -56.64
C ASN B 232 -15.19 -7.53 -55.53
N VAL B 233 -14.15 -8.28 -55.16
CA VAL B 233 -14.29 -9.45 -54.31
C VAL B 233 -13.07 -9.58 -53.42
N CYS B 234 -13.15 -10.50 -52.46
CA CYS B 234 -12.07 -10.72 -51.49
C CYS B 234 -11.17 -11.82 -52.00
N ASP B 235 -10.08 -11.44 -52.66
CA ASP B 235 -9.13 -12.36 -53.30
C ASP B 235 -8.36 -13.23 -52.32
N ILE B 236 -8.54 -13.10 -51.01
CA ILE B 236 -7.94 -14.00 -50.05
C ILE B 236 -8.98 -14.75 -49.24
N CYS B 237 -10.26 -14.55 -49.51
CA CYS B 237 -11.32 -15.33 -48.88
C CYS B 237 -11.48 -16.64 -49.64
N THR B 238 -10.52 -17.53 -49.42
CA THR B 238 -10.51 -18.86 -49.99
C THR B 238 -10.06 -19.83 -48.92
N ASP B 239 -10.53 -21.07 -48.99
CA ASP B 239 -10.38 -21.98 -47.85
C ASP B 239 -8.92 -22.31 -47.57
N ASP B 240 -8.04 -22.25 -48.57
CA ASP B 240 -6.63 -22.44 -48.24
C ASP B 240 -6.07 -21.21 -47.54
N LEU B 241 -6.78 -20.10 -47.59
CA LEU B 241 -6.40 -18.87 -46.91
C LEU B 241 -7.44 -18.52 -45.87
N MET B 242 -7.93 -17.29 -45.89
CA MET B 242 -8.80 -16.77 -44.85
C MET B 242 -10.26 -17.23 -44.95
N GLY B 243 -10.60 -18.18 -45.82
CA GLY B 243 -11.93 -18.75 -45.84
C GLY B 243 -12.91 -18.12 -46.81
N SER B 244 -13.66 -18.93 -47.54
CA SER B 244 -14.58 -18.43 -48.55
C SER B 244 -15.99 -18.38 -47.98
N ARG B 245 -16.95 -18.04 -48.82
CA ARG B 245 -18.29 -17.80 -48.33
C ARG B 245 -19.03 -19.12 -48.12
N SER B 246 -19.74 -19.19 -46.99
CA SER B 246 -20.58 -20.34 -46.71
C SER B 246 -21.64 -20.49 -47.79
N ASN B 247 -21.73 -21.69 -48.37
CA ASN B 247 -22.83 -21.96 -49.29
C ASN B 247 -24.17 -22.11 -48.58
N PHE B 248 -24.19 -22.13 -47.25
CA PHE B 248 -25.44 -22.24 -46.50
C PHE B 248 -25.90 -20.95 -45.87
N ASP B 249 -25.04 -19.93 -45.83
CA ASP B 249 -25.38 -18.65 -45.22
C ASP B 249 -24.41 -17.68 -45.84
N SER B 250 -24.89 -16.79 -46.71
CA SER B 250 -23.96 -15.90 -47.38
C SER B 250 -23.21 -14.99 -46.41
N THR B 251 -23.60 -14.90 -45.15
CA THR B 251 -22.87 -14.05 -44.21
C THR B 251 -21.85 -14.80 -43.37
N LEU B 252 -21.64 -16.08 -43.61
CA LEU B 252 -20.71 -16.85 -42.82
C LEU B 252 -19.51 -17.28 -43.65
N ILE B 253 -18.74 -18.19 -43.10
CA ILE B 253 -17.47 -18.62 -43.67
C ILE B 253 -17.57 -20.11 -43.88
N SER B 254 -17.03 -20.58 -45.01
CA SER B 254 -17.25 -21.96 -45.43
C SER B 254 -16.97 -22.89 -44.25
N PRO B 255 -17.78 -23.87 -44.03
CA PRO B 255 -17.51 -24.78 -42.92
C PRO B 255 -16.21 -25.52 -43.11
N ASN B 256 -15.56 -25.34 -44.25
CA ASN B 256 -14.28 -25.98 -44.52
C ASN B 256 -13.09 -25.04 -44.37
N SER B 257 -13.27 -23.85 -43.81
CA SER B 257 -12.16 -23.08 -43.28
C SER B 257 -12.23 -23.13 -41.77
N VAL B 258 -11.08 -23.26 -41.12
CA VAL B 258 -11.09 -23.43 -39.69
C VAL B 258 -11.61 -22.17 -39.01
N PHE B 259 -11.54 -21.04 -39.68
CA PHE B 259 -12.10 -19.80 -39.19
C PHE B 259 -13.61 -19.83 -39.06
N SER B 260 -14.28 -20.85 -39.58
CA SER B 260 -15.72 -20.95 -39.41
C SER B 260 -16.09 -21.44 -38.02
N GLN B 261 -15.12 -22.01 -37.30
CA GLN B 261 -15.32 -22.48 -35.94
C GLN B 261 -15.05 -21.41 -34.89
N TRP B 262 -14.36 -20.32 -35.25
CA TRP B 262 -14.03 -19.31 -34.25
C TRP B 262 -15.31 -18.71 -33.67
N ARG B 263 -15.25 -18.37 -32.39
CA ARG B 263 -16.28 -17.60 -31.74
C ARG B 263 -15.68 -16.30 -31.19
N VAL B 264 -16.48 -15.26 -31.13
CA VAL B 264 -15.94 -13.91 -31.06
C VAL B 264 -16.13 -13.31 -29.68
N VAL B 265 -15.17 -12.47 -29.30
CA VAL B 265 -15.16 -11.83 -28.01
C VAL B 265 -15.63 -10.40 -28.14
N CYS B 266 -16.13 -9.87 -27.02
CA CYS B 266 -16.44 -8.47 -26.88
C CYS B 266 -17.58 -8.02 -27.78
N ASP B 267 -18.55 -8.88 -28.03
CA ASP B 267 -19.67 -8.45 -28.87
C ASP B 267 -20.81 -7.87 -28.06
N SER B 268 -20.72 -7.87 -26.74
CA SER B 268 -21.85 -7.54 -25.87
C SER B 268 -21.77 -6.09 -25.38
N LEU B 269 -21.64 -5.15 -26.31
CA LEU B 269 -21.47 -3.76 -25.93
C LEU B 269 -22.58 -3.28 -25.02
N GLU B 270 -23.81 -3.73 -25.29
CA GLU B 270 -24.96 -3.35 -24.48
C GLU B 270 -24.72 -3.64 -23.01
N ASP B 271 -23.95 -4.68 -22.70
CA ASP B 271 -23.71 -5.02 -21.31
C ASP B 271 -22.60 -4.16 -20.72
N TYR B 272 -21.47 -4.10 -21.42
CA TYR B 272 -20.35 -3.29 -20.95
C TYR B 272 -20.78 -1.85 -20.70
N ASP B 273 -21.47 -1.26 -21.65
CA ASP B 273 -21.69 0.17 -21.63
C ASP B 273 -22.84 0.60 -20.74
N THR B 274 -23.53 -0.34 -20.12
CA THR B 274 -24.55 0.04 -19.16
C THR B 274 -24.25 -0.48 -17.77
N LEU B 275 -23.71 -1.69 -17.68
CA LEU B 275 -23.30 -2.21 -16.38
C LEU B 275 -21.98 -1.64 -15.92
N GLY B 276 -21.18 -1.09 -16.82
CA GLY B 276 -19.82 -0.73 -16.48
C GLY B 276 -18.84 -1.86 -16.47
N THR B 277 -19.16 -2.99 -17.07
CA THR B 277 -18.22 -4.08 -17.19
C THR B 277 -17.34 -3.89 -18.42
N LEU B 278 -16.47 -4.86 -18.67
CA LEU B 278 -15.58 -4.86 -19.81
C LEU B 278 -15.60 -6.24 -20.45
N CYS B 279 -15.17 -6.29 -21.70
CA CYS B 279 -15.13 -7.54 -22.41
C CYS B 279 -14.38 -8.60 -21.62
N ASN B 280 -14.98 -9.77 -21.54
CA ASN B 280 -14.53 -10.94 -20.82
C ASN B 280 -13.81 -11.86 -21.82
N SER B 281 -13.63 -13.13 -21.47
CA SER B 281 -13.03 -14.08 -22.38
C SER B 281 -13.99 -15.12 -22.94
N THR B 282 -15.23 -15.21 -22.44
CA THR B 282 -16.18 -16.20 -22.93
C THR B 282 -16.70 -15.80 -24.29
N GLU B 283 -16.55 -16.69 -25.26
CA GLU B 283 -16.87 -16.36 -26.64
C GLU B 283 -18.37 -16.48 -26.90
N ASP B 284 -18.85 -15.72 -27.89
CA ASP B 284 -20.27 -15.75 -28.24
C ASP B 284 -20.51 -16.17 -29.68
N GLY B 285 -20.89 -15.21 -30.53
CA GLY B 285 -21.35 -15.51 -31.86
C GLY B 285 -20.23 -15.90 -32.79
N PRO B 286 -20.59 -16.25 -34.02
CA PRO B 286 -19.58 -16.57 -35.03
C PRO B 286 -19.18 -15.32 -35.81
N ILE B 287 -18.14 -15.48 -36.61
CA ILE B 287 -17.67 -14.37 -37.44
C ILE B 287 -18.66 -14.11 -38.55
N ARG B 288 -18.98 -12.86 -38.78
CA ARG B 288 -19.80 -12.48 -39.91
C ARG B 288 -18.94 -11.80 -40.97
N ARG B 289 -19.22 -12.11 -42.23
CA ARG B 289 -18.48 -11.52 -43.32
C ARG B 289 -19.24 -11.76 -44.62
N ASN B 290 -19.18 -10.81 -45.50
CA ASN B 290 -19.95 -10.81 -46.72
C ASN B 290 -19.30 -9.85 -47.70
N PRO B 291 -18.12 -10.15 -48.21
CA PRO B 291 -17.38 -9.15 -48.99
C PRO B 291 -18.22 -8.60 -50.12
N ALA B 292 -18.07 -7.29 -50.35
CA ALA B 292 -18.85 -6.54 -51.33
C ALA B 292 -20.35 -6.57 -51.07
N GLY B 293 -20.79 -7.16 -49.97
CA GLY B 293 -22.19 -7.37 -49.73
C GLY B 293 -23.01 -6.24 -49.14
N ASN B 294 -22.42 -5.09 -48.84
CA ASN B 294 -23.23 -3.99 -48.30
C ASN B 294 -23.89 -3.33 -49.49
N VAL B 295 -25.11 -3.77 -49.80
CA VAL B 295 -25.80 -3.28 -50.98
C VAL B 295 -26.41 -1.90 -50.78
N ALA B 296 -26.59 -1.47 -49.53
CA ALA B 296 -27.14 -0.13 -49.26
C ALA B 296 -26.10 0.98 -49.37
N ARG B 297 -24.81 0.64 -49.38
CA ARG B 297 -23.75 1.62 -49.57
C ARG B 297 -22.85 1.12 -50.69
N PRO B 298 -23.21 1.40 -51.94
CA PRO B 298 -22.37 0.95 -53.06
C PRO B 298 -20.91 1.34 -52.92
N MET B 299 -20.62 2.43 -52.21
CA MET B 299 -19.25 2.92 -52.13
C MET B 299 -18.31 1.95 -51.42
N VAL B 300 -18.85 1.00 -50.66
CA VAL B 300 -18.01 0.05 -49.94
C VAL B 300 -18.20 -1.34 -50.49
N GLN B 301 -18.54 -1.43 -51.78
CA GLN B 301 -18.64 -2.70 -52.47
C GLN B 301 -17.42 -2.98 -53.33
N ARG B 302 -16.44 -2.08 -53.34
CA ARG B 302 -15.23 -2.24 -54.11
C ARG B 302 -14.04 -1.73 -53.30
N LEU B 303 -12.95 -2.46 -53.34
CA LEU B 303 -11.76 -2.17 -52.56
C LEU B 303 -10.99 -1.01 -53.19
N PRO B 304 -10.03 -0.44 -52.47
CA PRO B 304 -9.30 0.71 -53.02
C PRO B 304 -8.53 0.31 -54.26
N GLU B 305 -8.25 1.27 -55.08
CA GLU B 305 -7.52 0.96 -56.30
C GLU B 305 -6.06 1.31 -56.13
N PRO B 306 -5.16 0.67 -56.87
CA PRO B 306 -3.72 0.93 -56.66
C PRO B 306 -3.34 2.38 -56.81
N GLN B 307 -4.10 3.15 -57.59
CA GLN B 307 -3.87 4.59 -57.68
C GLN B 307 -4.02 5.25 -56.32
N ASP B 308 -4.88 4.71 -55.46
CA ASP B 308 -5.08 5.32 -54.15
C ASP B 308 -3.84 5.22 -53.28
N VAL B 309 -3.13 4.10 -53.35
CA VAL B 309 -1.92 3.96 -52.56
C VAL B 309 -0.86 4.92 -53.05
N ALA B 310 -0.59 4.91 -54.36
CA ALA B 310 0.41 5.81 -54.90
C ALA B 310 0.10 7.26 -54.55
N GLN B 311 -1.17 7.64 -54.57
CA GLN B 311 -1.54 9.04 -54.33
C GLN B 311 -1.33 9.43 -52.88
N CYS B 312 -1.74 8.57 -51.93
CA CYS B 312 -1.62 8.95 -50.53
C CYS B 312 -0.16 9.07 -50.11
N LEU B 313 0.72 8.26 -50.69
CA LEU B 313 2.15 8.38 -50.42
C LEU B 313 2.74 9.68 -50.95
N GLU B 314 1.93 10.54 -51.54
CA GLU B 314 2.37 11.86 -51.97
C GLU B 314 1.86 12.94 -51.03
N VAL B 315 1.26 12.57 -49.92
CA VAL B 315 0.86 13.50 -48.88
C VAL B 315 2.04 13.65 -47.94
N GLY B 316 2.68 14.81 -47.98
CA GLY B 316 3.97 14.95 -47.34
C GLY B 316 3.92 15.10 -45.84
N LEU B 317 2.85 15.70 -45.33
CA LEU B 317 2.72 15.91 -43.90
C LEU B 317 2.10 14.67 -43.27
N PHE B 318 2.65 14.24 -42.14
CA PHE B 318 2.12 13.06 -41.49
C PHE B 318 0.71 13.30 -40.98
N ASP B 319 0.50 14.40 -40.27
CA ASP B 319 -0.82 14.73 -39.78
C ASP B 319 -0.94 16.24 -39.73
N THR B 320 -2.17 16.72 -39.68
CA THR B 320 -2.47 18.15 -39.65
C THR B 320 -3.52 18.43 -38.58
N PRO B 321 -3.61 19.68 -38.12
CA PRO B 321 -4.65 19.99 -37.15
C PRO B 321 -6.02 19.89 -37.77
N PRO B 322 -7.04 19.54 -37.00
CA PRO B 322 -7.06 19.27 -35.56
C PRO B 322 -6.59 17.89 -35.16
N PHE B 323 -5.78 17.23 -35.98
CA PHE B 323 -5.24 15.92 -35.65
C PHE B 323 -6.33 14.89 -35.39
N TYR B 324 -7.34 14.87 -36.26
CA TYR B 324 -8.54 14.10 -36.05
C TYR B 324 -8.95 13.50 -37.39
N SER B 325 -10.07 12.79 -37.39
CA SER B 325 -10.56 12.16 -38.59
C SER B 325 -11.20 13.14 -39.56
N ASN B 326 -11.16 14.45 -39.30
CA ASN B 326 -11.53 15.42 -40.31
C ASN B 326 -10.33 16.30 -40.68
N SER B 327 -9.14 15.75 -40.58
CA SER B 327 -7.94 16.48 -40.95
C SER B 327 -7.76 16.44 -42.46
N THR B 328 -7.50 17.60 -43.04
CA THR B 328 -7.21 17.71 -44.46
C THR B 328 -5.71 17.65 -44.71
N ASN B 329 -5.35 17.08 -45.85
CA ASN B 329 -3.96 17.04 -46.29
C ASN B 329 -3.07 16.35 -45.29
N SER B 330 -3.65 15.47 -44.50
CA SER B 330 -2.93 14.65 -43.55
C SER B 330 -2.76 13.24 -44.08
N PHE B 331 -1.53 12.74 -44.11
CA PHE B 331 -1.30 11.37 -44.56
C PHE B 331 -2.02 10.40 -43.64
N ARG B 332 -1.71 10.44 -42.35
CA ARG B 332 -2.33 9.53 -41.40
C ARG B 332 -3.82 9.43 -41.60
N ASN B 333 -4.48 10.57 -41.87
CA ASN B 333 -5.91 10.50 -42.14
C ASN B 333 -6.17 9.92 -43.51
N THR B 334 -5.26 10.15 -44.45
CA THR B 334 -5.51 9.66 -45.80
C THR B 334 -5.43 8.14 -45.85
N VAL B 335 -4.40 7.56 -45.24
CA VAL B 335 -4.29 6.12 -45.25
C VAL B 335 -5.28 5.49 -44.28
N GLU B 336 -5.63 6.15 -43.18
CA GLU B 336 -6.67 5.58 -42.32
C GLU B 336 -7.97 5.48 -43.07
N GLY B 337 -8.29 6.48 -43.88
CA GLY B 337 -9.38 6.35 -44.83
C GLY B 337 -10.51 7.33 -44.64
N TYR B 338 -10.25 8.47 -44.01
CA TYR B 338 -11.27 9.47 -43.80
C TYR B 338 -11.15 10.66 -44.74
N SER B 339 -10.11 10.72 -45.56
CA SER B 339 -10.01 11.64 -46.68
C SER B 339 -9.79 10.82 -47.94
N ASP B 340 -10.13 11.40 -49.10
CA ASP B 340 -9.89 10.68 -50.34
C ASP B 340 -8.38 10.59 -50.57
N PRO B 341 -7.93 9.75 -51.49
CA PRO B 341 -6.51 9.43 -51.55
C PRO B 341 -5.61 10.60 -51.91
N THR B 342 -6.15 11.76 -52.25
CA THR B 342 -5.31 12.92 -52.45
C THR B 342 -5.07 13.72 -51.19
N GLY B 343 -5.69 13.36 -50.07
CA GLY B 343 -5.55 14.09 -48.83
C GLY B 343 -6.67 15.06 -48.54
N LYS B 344 -7.60 15.27 -49.47
CA LYS B 344 -8.71 16.18 -49.24
C LYS B 344 -9.73 15.49 -48.35
N TYR B 345 -10.03 16.07 -47.19
CA TYR B 345 -11.06 15.50 -46.35
C TYR B 345 -12.42 15.73 -46.99
N ASP B 346 -13.32 14.76 -46.81
CA ASP B 346 -14.70 14.86 -47.27
C ASP B 346 -15.53 13.84 -46.51
N PRO B 347 -16.53 14.29 -45.74
CA PRO B 347 -17.23 13.39 -44.82
C PRO B 347 -17.92 12.21 -45.48
N ALA B 348 -18.13 12.24 -46.79
CA ALA B 348 -18.78 11.12 -47.42
C ALA B 348 -17.81 10.00 -47.73
N VAL B 349 -16.54 10.33 -47.84
CA VAL B 349 -15.53 9.42 -48.36
C VAL B 349 -15.17 8.38 -47.31
N ARG B 350 -14.85 7.20 -47.80
CA ARG B 350 -14.13 6.24 -47.05
C ARG B 350 -13.18 5.58 -47.99
N SER B 351 -11.91 5.58 -47.65
CA SER B 351 -10.92 5.03 -48.57
C SER B 351 -9.99 4.10 -47.84
N LEU B 352 -9.03 3.59 -48.60
CA LEU B 352 -7.87 2.83 -48.13
C LEU B 352 -8.20 1.93 -46.95
N HIS B 353 -7.76 2.29 -45.74
CA HIS B 353 -7.88 1.37 -44.61
C HIS B 353 -9.33 1.15 -44.24
N ASN B 354 -10.10 2.22 -44.12
CA ASN B 354 -11.48 2.09 -43.67
C ASN B 354 -12.31 1.35 -44.69
N LEU B 355 -12.14 1.70 -45.95
CA LEU B 355 -12.85 1.01 -47.01
C LEU B 355 -12.59 -0.49 -46.96
N ALA B 356 -11.34 -0.89 -46.78
CA ALA B 356 -11.07 -2.31 -46.67
C ALA B 356 -11.83 -2.92 -45.50
N HIS B 357 -11.94 -2.17 -44.40
CA HIS B 357 -12.64 -2.59 -43.19
C HIS B 357 -14.18 -2.66 -43.54
N LEU B 358 -14.79 -1.69 -44.25
CA LEU B 358 -16.23 -1.66 -44.54
C LEU B 358 -16.60 -2.66 -45.63
N PHE B 359 -15.73 -2.84 -46.61
CA PHE B 359 -15.96 -3.75 -47.72
C PHE B 359 -16.45 -5.10 -47.24
N LEU B 360 -15.91 -5.58 -46.13
CA LEU B 360 -16.18 -6.93 -45.69
C LEU B 360 -17.61 -7.12 -45.22
N ASN B 361 -18.38 -6.03 -45.08
CA ASN B 361 -19.79 -6.03 -44.68
C ASN B 361 -20.11 -7.08 -43.62
N GLY B 362 -19.54 -6.92 -42.42
CA GLY B 362 -19.66 -7.92 -41.39
C GLY B 362 -18.83 -7.57 -40.16
N THR B 363 -18.22 -8.56 -39.53
CA THR B 363 -17.53 -8.31 -38.28
C THR B 363 -16.33 -7.37 -38.47
N GLY B 364 -15.59 -7.54 -39.54
CA GLY B 364 -14.41 -6.73 -39.75
C GLY B 364 -14.71 -5.27 -39.97
N GLY B 365 -15.97 -4.87 -39.86
CA GLY B 365 -16.32 -3.49 -40.09
C GLY B 365 -16.77 -2.75 -38.86
N GLN B 366 -16.66 -3.34 -37.68
CA GLN B 366 -17.16 -2.76 -36.44
C GLN B 366 -15.97 -2.54 -35.52
N THR B 367 -15.69 -1.28 -35.19
CA THR B 367 -14.39 -0.94 -34.62
C THR B 367 -14.11 -1.79 -33.40
N HIS B 368 -15.13 -2.01 -32.58
CA HIS B 368 -14.88 -2.73 -31.34
C HIS B 368 -14.58 -4.18 -31.61
N LEU B 369 -14.92 -4.69 -32.79
CA LEU B 369 -14.92 -6.12 -33.03
C LEU B 369 -13.95 -6.57 -34.10
N SER B 370 -13.45 -5.66 -34.92
CA SER B 370 -12.87 -6.05 -36.20
C SER B 370 -11.71 -7.03 -36.12
N PRO B 371 -10.86 -7.07 -35.10
CA PRO B 371 -9.80 -8.09 -35.12
C PRO B 371 -10.31 -9.51 -34.88
N ASN B 372 -11.60 -9.67 -34.56
CA ASN B 372 -12.18 -11.01 -34.49
C ASN B 372 -12.15 -11.70 -35.84
N ASP B 373 -12.04 -10.94 -36.89
CA ASP B 373 -11.94 -11.46 -38.23
C ASP B 373 -10.48 -11.40 -38.61
N PRO B 374 -9.79 -12.53 -38.71
CA PRO B 374 -8.34 -12.50 -38.91
C PRO B 374 -7.89 -11.76 -40.16
N ILE B 375 -8.79 -11.31 -41.02
CA ILE B 375 -8.33 -10.48 -42.14
C ILE B 375 -7.67 -9.23 -41.59
N PHE B 376 -8.12 -8.77 -40.43
CA PHE B 376 -7.53 -7.65 -39.72
C PHE B 376 -6.02 -7.68 -39.73
N VAL B 377 -5.43 -8.82 -39.35
CA VAL B 377 -3.98 -8.93 -39.33
C VAL B 377 -3.40 -8.57 -40.68
N LEU B 378 -3.87 -9.23 -41.74
CA LEU B 378 -3.32 -8.98 -43.05
C LEU B 378 -3.75 -7.63 -43.57
N LEU B 379 -4.90 -7.15 -43.14
CA LEU B 379 -5.28 -5.79 -43.44
C LEU B 379 -4.28 -4.82 -42.83
N HIS B 380 -3.88 -5.04 -41.58
CA HIS B 380 -3.10 -4.00 -40.95
C HIS B 380 -1.61 -4.12 -41.23
N THR B 381 -1.11 -5.32 -41.56
CA THR B 381 0.25 -5.39 -42.05
C THR B 381 0.38 -4.66 -43.38
N PHE B 382 -0.63 -4.73 -44.22
CA PHE B 382 -0.55 -3.92 -45.42
C PHE B 382 -0.63 -2.45 -45.08
N THR B 383 -1.48 -2.09 -44.12
CA THR B 383 -1.55 -0.68 -43.75
C THR B 383 -0.24 -0.21 -43.16
N ASP B 384 0.48 -1.09 -42.48
CA ASP B 384 1.78 -0.75 -41.92
C ASP B 384 2.86 -0.66 -42.97
N ALA B 385 2.77 -1.45 -44.03
CA ALA B 385 3.73 -1.30 -45.13
C ALA B 385 3.60 0.08 -45.75
N VAL B 386 2.39 0.52 -46.01
CA VAL B 386 2.18 1.88 -46.50
C VAL B 386 2.75 2.88 -45.50
N PHE B 387 2.42 2.70 -44.23
CA PHE B 387 3.02 3.53 -43.18
C PHE B 387 4.54 3.49 -43.27
N ASP B 388 5.11 2.28 -43.24
CA ASP B 388 6.56 2.12 -43.29
C ASP B 388 7.16 2.81 -44.48
N GLU B 389 6.54 2.68 -45.65
CA GLU B 389 7.11 3.31 -46.83
C GLU B 389 7.07 4.83 -46.70
N TRP B 390 6.00 5.36 -46.11
CA TRP B 390 5.94 6.80 -45.90
C TRP B 390 7.07 7.25 -44.98
N LEU B 391 7.33 6.48 -43.92
CA LEU B 391 8.40 6.81 -43.00
C LEU B 391 9.73 6.96 -43.73
N ARG B 392 10.04 6.02 -44.61
CA ARG B 392 11.32 6.10 -45.32
C ARG B 392 11.27 7.12 -46.44
N ARG B 393 10.15 7.22 -47.15
CA ARG B 393 10.06 8.20 -48.22
C ARG B 393 10.18 9.63 -47.73
N TYR B 394 9.81 9.91 -46.49
CA TYR B 394 9.96 11.25 -45.93
C TYR B 394 10.88 11.26 -44.72
N ASN B 395 11.74 10.26 -44.60
CA ASN B 395 12.75 10.15 -43.54
C ASN B 395 12.19 10.53 -42.17
N ALA B 396 11.15 9.81 -41.78
CA ALA B 396 10.68 9.78 -40.39
C ALA B 396 10.36 11.16 -39.87
N ASP B 397 9.85 12.05 -40.72
CA ASP B 397 9.54 13.41 -40.30
C ASP B 397 8.43 13.41 -39.26
N ILE B 398 8.82 13.38 -37.98
CA ILE B 398 7.85 13.35 -36.89
C ILE B 398 7.38 14.73 -36.49
N SER B 399 7.83 15.78 -37.16
CA SER B 399 7.53 17.12 -36.69
C SER B 399 6.05 17.43 -36.65
N THR B 400 5.25 16.69 -37.42
CA THR B 400 3.82 17.00 -37.54
C THR B 400 2.98 16.19 -36.59
N PHE B 401 3.51 15.11 -36.06
CA PHE B 401 2.90 14.37 -34.98
C PHE B 401 2.90 15.24 -33.74
N PRO B 402 1.78 15.79 -33.32
CA PRO B 402 1.79 16.82 -32.28
C PRO B 402 2.15 16.25 -30.91
N LEU B 403 2.78 17.09 -30.11
CA LEU B 403 3.10 16.72 -28.74
C LEU B 403 1.98 17.07 -27.77
N GLU B 404 0.97 17.81 -28.19
CA GLU B 404 -0.16 18.09 -27.33
C GLU B 404 -1.33 18.55 -28.18
N ASN B 405 -2.50 18.56 -27.54
CA ASN B 405 -3.77 18.97 -28.13
C ASN B 405 -4.25 18.00 -29.21
N ALA B 406 -3.70 16.81 -29.25
CA ALA B 406 -4.26 15.72 -30.01
C ALA B 406 -5.43 15.13 -29.24
N PRO B 407 -6.29 14.37 -29.91
CA PRO B 407 -7.32 13.62 -29.17
C PRO B 407 -6.67 12.75 -28.13
N ILE B 408 -7.29 12.64 -26.97
CA ILE B 408 -6.69 11.90 -25.89
C ILE B 408 -6.33 10.53 -26.42
N GLY B 409 -5.15 10.07 -26.05
CA GLY B 409 -4.56 8.88 -26.60
C GLY B 409 -3.50 9.14 -27.66
N HIS B 410 -3.52 10.29 -28.32
CA HIS B 410 -2.78 10.47 -29.57
C HIS B 410 -1.64 11.47 -29.46
N ASN B 411 -1.34 11.93 -28.27
CA ASN B 411 -0.18 12.77 -28.06
C ASN B 411 1.07 11.94 -28.23
N ARG B 412 2.07 12.52 -28.89
CA ARG B 412 3.23 11.75 -29.30
C ARG B 412 3.79 10.91 -28.17
N GLN B 413 3.95 11.48 -26.99
CA GLN B 413 4.60 10.73 -25.92
C GLN B 413 3.62 9.93 -25.10
N TYR B 414 2.38 9.87 -25.53
CA TYR B 414 1.41 9.07 -24.81
C TYR B 414 1.85 7.61 -24.86
N ASN B 415 1.65 6.89 -23.78
CA ASN B 415 1.82 5.45 -23.86
C ASN B 415 0.59 4.85 -24.49
N MET B 416 0.80 4.05 -25.53
CA MET B 416 -0.31 3.58 -26.34
C MET B 416 -1.16 2.62 -25.54
N VAL B 417 -2.45 2.89 -25.48
CA VAL B 417 -3.33 2.11 -24.62
C VAL B 417 -3.83 0.82 -25.29
N PRO B 418 -3.76 -0.30 -24.56
CA PRO B 418 -3.23 -0.53 -23.22
C PRO B 418 -2.03 -1.42 -23.18
N PHE B 419 -0.98 -1.09 -23.93
CA PHE B 419 0.08 -2.06 -23.97
C PHE B 419 0.98 -1.93 -22.74
N TRP B 420 1.63 -3.04 -22.42
CA TRP B 420 2.54 -3.11 -21.30
C TRP B 420 3.75 -3.90 -21.73
N PRO B 421 4.96 -3.45 -21.38
CA PRO B 421 5.38 -2.23 -20.72
C PRO B 421 5.05 -0.97 -21.52
N PRO B 422 4.90 0.16 -20.84
CA PRO B 422 4.51 1.38 -21.54
C PRO B 422 5.40 1.61 -22.74
N VAL B 423 4.79 1.98 -23.85
CA VAL B 423 5.51 2.28 -25.06
C VAL B 423 4.81 3.44 -25.75
N THR B 424 5.58 4.37 -26.30
CA THR B 424 5.02 5.60 -26.80
C THR B 424 4.85 5.55 -28.31
N ASN B 425 3.96 6.40 -28.80
CA ASN B 425 3.86 6.57 -30.24
C ASN B 425 5.20 6.94 -30.86
N THR B 426 6.09 7.58 -30.09
CA THR B 426 7.41 7.95 -30.61
C THR B 426 8.24 6.72 -30.92
N GLU B 427 8.12 5.67 -30.12
CA GLU B 427 8.99 4.52 -30.30
C GLU B 427 8.65 3.71 -31.53
N MET B 428 7.45 3.86 -32.07
CA MET B 428 7.04 3.19 -33.29
C MET B 428 7.17 4.08 -34.51
N PHE B 429 7.56 5.32 -34.33
CA PHE B 429 7.74 6.23 -35.45
C PHE B 429 9.17 6.16 -35.95
N VAL B 430 9.56 4.94 -36.27
CA VAL B 430 10.87 4.59 -36.78
C VAL B 430 10.70 3.73 -38.00
N THR B 431 11.63 3.81 -38.94
CA THR B 431 11.58 2.91 -40.07
C THR B 431 11.78 1.49 -39.57
N ALA B 432 10.98 0.57 -40.10
CA ALA B 432 10.96 -0.77 -39.50
C ALA B 432 12.28 -1.52 -39.65
N PRO B 433 12.87 -1.65 -40.85
CA PRO B 433 13.94 -2.65 -41.02
C PRO B 433 15.19 -2.42 -40.16
N ASP B 434 15.64 -1.18 -40.01
CA ASP B 434 16.77 -0.93 -39.14
C ASP B 434 16.37 -1.04 -37.68
N ASN B 435 15.20 -0.52 -37.35
CA ASN B 435 14.82 -0.23 -35.97
C ASN B 435 13.95 -1.30 -35.33
N LEU B 436 13.02 -1.92 -36.05
CA LEU B 436 12.16 -2.89 -35.39
C LEU B 436 12.29 -4.30 -35.93
N GLY B 437 13.17 -4.54 -36.89
CA GLY B 437 13.54 -5.90 -37.22
C GLY B 437 12.66 -6.59 -38.23
N TYR B 438 11.86 -5.85 -38.97
CA TYR B 438 11.07 -6.44 -40.03
C TYR B 438 11.07 -5.50 -41.22
N THR B 439 10.92 -6.09 -42.40
CA THR B 439 10.70 -5.32 -43.61
C THR B 439 9.61 -6.02 -44.39
N TYR B 440 9.08 -5.32 -45.38
CA TYR B 440 8.04 -5.84 -46.25
C TYR B 440 8.62 -6.15 -47.62
N GLU B 441 8.48 -7.40 -48.07
CA GLU B 441 8.73 -7.68 -49.49
C GLU B 441 7.60 -7.07 -50.28
N ILE B 442 7.84 -5.90 -50.88
CA ILE B 442 6.78 -5.18 -51.56
C ILE B 442 7.41 -4.18 -52.51
N GLN B 443 6.61 -3.67 -53.44
CA GLN B 443 7.06 -2.62 -54.35
C GLN B 443 5.82 -1.83 -54.76
N TRP B 444 6.03 -0.57 -55.10
CA TRP B 444 4.92 0.37 -55.09
C TRP B 444 4.55 0.87 -56.48
N PRO B 445 3.26 0.95 -56.77
CA PRO B 445 2.83 1.49 -58.07
C PRO B 445 3.20 2.95 -58.23
N SER B 446 3.58 3.29 -59.46
CA SER B 446 3.95 4.65 -59.84
C SER B 446 3.04 5.17 -60.95
N GLN C 1 13.28 -23.75 26.24
CA GLN C 1 14.15 -23.98 27.39
C GLN C 1 15.60 -23.96 26.98
N PHE C 2 16.49 -24.39 27.85
CA PHE C 2 17.83 -23.94 27.64
C PHE C 2 18.71 -25.04 27.08
N PRO C 3 19.70 -24.67 26.28
CA PRO C 3 20.62 -25.67 25.75
C PRO C 3 21.38 -26.36 26.87
N ARG C 4 21.65 -27.65 26.65
CA ARG C 4 22.42 -28.40 27.62
C ARG C 4 23.73 -27.69 27.94
N GLN C 5 24.38 -27.09 26.93
CA GLN C 5 25.62 -26.38 27.21
C GLN C 5 25.40 -25.26 28.23
N CYS C 6 24.25 -24.59 28.16
CA CYS C 6 23.93 -23.51 29.07
C CYS C 6 23.23 -23.96 30.34
N ALA C 7 22.96 -25.25 30.50
CA ALA C 7 22.34 -25.69 31.75
C ALA C 7 23.37 -26.07 32.79
N THR C 8 24.47 -25.34 32.85
CA THR C 8 25.53 -25.57 33.80
C THR C 8 25.40 -24.51 34.90
N VAL C 9 26.19 -24.67 35.97
CA VAL C 9 26.25 -23.61 36.97
C VAL C 9 27.07 -22.42 36.49
N GLU C 10 28.24 -22.69 35.89
CA GLU C 10 29.07 -21.60 35.37
C GLU C 10 28.25 -20.71 34.46
N ALA C 11 27.42 -21.30 33.63
CA ALA C 11 26.56 -20.53 32.75
C ALA C 11 25.46 -19.81 33.51
N LEU C 12 24.81 -20.49 34.46
CA LEU C 12 23.59 -19.93 35.03
C LEU C 12 23.83 -18.70 35.87
N ARG C 13 25.01 -18.57 36.46
CA ARG C 13 25.35 -17.41 37.27
C ARG C 13 26.19 -16.38 36.53
N SER C 14 26.83 -16.76 35.44
CA SER C 14 27.31 -15.74 34.53
C SER C 14 26.16 -14.97 33.93
N GLY C 15 24.97 -15.56 33.88
CA GLY C 15 23.83 -14.95 33.23
C GLY C 15 23.91 -14.96 31.73
N MET C 16 24.87 -15.68 31.17
CA MET C 16 25.15 -15.68 29.75
C MET C 16 24.96 -17.08 29.18
N CYS C 17 24.02 -17.21 28.24
CA CYS C 17 23.78 -18.45 27.50
C CYS C 17 24.20 -18.24 26.05
N CYS C 18 25.50 -18.39 25.80
CA CYS C 18 26.08 -18.12 24.48
C CYS C 18 27.04 -19.24 24.12
N PRO C 19 26.51 -20.40 23.76
CA PRO C 19 27.37 -21.57 23.59
C PRO C 19 28.21 -21.44 22.34
N ASP C 20 29.28 -22.21 22.32
CA ASP C 20 30.15 -22.25 21.16
C ASP C 20 29.47 -22.97 20.01
N LEU C 21 30.01 -22.76 18.81
CA LEU C 21 29.58 -23.52 17.65
C LEU C 21 30.69 -24.43 17.15
N SER C 22 31.80 -23.89 16.64
CA SER C 22 32.97 -24.67 16.28
C SER C 22 34.20 -24.18 17.03
N PRO C 23 34.35 -24.51 18.29
CA PRO C 23 35.51 -24.07 19.06
C PRO C 23 36.82 -24.61 18.53
N VAL C 24 37.36 -24.00 17.47
CA VAL C 24 38.63 -24.49 16.95
C VAL C 24 39.71 -24.34 18.01
N SER C 25 39.81 -23.17 18.63
CA SER C 25 40.84 -22.96 19.63
C SER C 25 40.37 -23.22 21.04
N GLY C 26 39.14 -23.71 21.24
CA GLY C 26 38.76 -24.11 22.58
C GLY C 26 37.63 -23.35 23.20
N PRO C 27 37.70 -23.28 24.53
CA PRO C 27 36.82 -22.42 25.36
C PRO C 27 36.27 -21.20 24.67
N GLY C 28 35.04 -20.77 24.94
CA GLY C 28 34.61 -19.46 24.53
C GLY C 28 35.10 -18.85 23.21
N THR C 29 35.83 -19.60 22.37
CA THR C 29 36.47 -18.98 21.22
C THR C 29 35.50 -18.67 20.09
N ASP C 30 34.44 -19.47 19.94
CA ASP C 30 33.51 -19.26 18.86
C ASP C 30 32.08 -19.23 19.37
N ARG C 31 31.86 -18.50 20.45
CA ARG C 31 30.50 -18.36 20.94
C ARG C 31 29.62 -17.80 19.85
N CYS C 32 28.42 -18.35 19.73
CA CYS C 32 27.48 -17.92 18.71
C CYS C 32 28.05 -17.90 17.31
N GLY C 33 29.20 -18.52 17.10
CA GLY C 33 29.77 -18.59 15.77
C GLY C 33 30.30 -17.27 15.27
N SER C 34 31.15 -16.64 16.06
CA SER C 34 31.68 -15.33 15.71
C SER C 34 33.04 -15.38 15.03
N SER C 35 33.70 -16.54 14.97
CA SER C 35 34.84 -16.65 14.06
C SER C 35 34.36 -16.67 12.61
N SER C 36 33.43 -17.56 12.28
CA SER C 36 32.66 -17.34 11.07
C SER C 36 31.74 -16.14 11.30
N GLY C 37 30.97 -15.78 10.29
CA GLY C 37 30.24 -14.55 10.40
C GLY C 37 28.89 -14.63 11.06
N ARG C 38 28.61 -15.73 11.77
CA ARG C 38 27.22 -16.13 11.89
C ARG C 38 26.47 -15.39 13.00
N GLY C 39 27.14 -15.01 14.08
CA GLY C 39 26.44 -14.23 15.09
C GLY C 39 27.36 -13.93 16.25
N ARG C 40 26.81 -13.25 17.24
CA ARG C 40 27.61 -12.89 18.40
C ARG C 40 26.76 -12.96 19.65
N CYS C 41 27.45 -12.99 20.79
CA CYS C 41 26.80 -12.93 22.09
C CYS C 41 26.49 -11.49 22.45
N GLU C 42 25.30 -11.26 22.98
CA GLU C 42 24.71 -9.94 22.96
C GLU C 42 23.81 -9.78 24.16
N ALA C 43 23.48 -8.55 24.49
CA ALA C 43 22.51 -8.33 25.54
C ALA C 43 21.15 -8.78 25.03
N VAL C 44 20.29 -9.16 25.95
CA VAL C 44 18.97 -9.65 25.60
C VAL C 44 18.02 -8.46 25.58
N THR C 45 17.28 -8.31 24.50
CA THR C 45 16.20 -7.33 24.46
C THR C 45 14.99 -7.97 25.11
N ALA C 46 14.37 -7.29 26.06
CA ALA C 46 13.21 -7.86 26.72
C ALA C 46 12.16 -6.80 26.95
N ASP C 47 10.91 -7.22 26.88
CA ASP C 47 9.78 -6.31 27.00
C ASP C 47 9.66 -5.88 28.45
N SER C 48 9.88 -4.60 28.71
CA SER C 48 9.74 -4.08 30.06
C SER C 48 8.38 -3.46 30.30
N ARG C 49 7.70 -3.07 29.25
CA ARG C 49 6.43 -2.37 29.27
C ARG C 49 5.42 -3.15 30.09
N PRO C 50 4.47 -2.49 30.74
CA PRO C 50 3.61 -3.15 31.71
C PRO C 50 2.53 -3.99 31.02
N HIS C 51 1.84 -4.76 31.85
CA HIS C 51 0.83 -5.71 31.43
C HIS C 51 -0.48 -5.40 32.14
N SER C 52 -1.50 -6.17 31.78
CA SER C 52 -2.82 -6.01 32.38
C SER C 52 -2.72 -6.13 33.90
N PRO C 53 -3.64 -5.48 34.62
CA PRO C 53 -3.65 -5.65 36.08
C PRO C 53 -4.05 -7.04 36.51
N GLN C 54 -4.55 -7.86 35.59
CA GLN C 54 -5.03 -9.20 35.92
C GLN C 54 -3.95 -10.05 36.57
N TYR C 55 -2.67 -9.88 36.16
CA TYR C 55 -1.59 -10.60 36.82
C TYR C 55 -0.95 -9.69 37.85
N PRO C 56 -1.13 -9.97 39.11
CA PRO C 56 -0.60 -9.10 40.16
C PRO C 56 0.84 -9.39 40.57
N HIS C 57 1.22 -10.66 40.61
CA HIS C 57 2.38 -11.05 41.39
C HIS C 57 3.71 -10.80 40.69
N ASP C 58 3.92 -9.58 40.19
CA ASP C 58 5.22 -9.24 39.60
C ASP C 58 6.30 -9.33 40.67
N GLY C 59 7.33 -10.12 40.40
CA GLY C 59 8.39 -10.38 41.35
C GLY C 59 8.48 -11.82 41.82
N ARG C 60 7.50 -12.67 41.58
CA ARG C 60 7.47 -14.01 42.16
C ARG C 60 7.72 -15.14 41.19
N ASP C 61 7.39 -14.99 39.91
CA ASP C 61 7.34 -16.10 38.96
C ASP C 61 8.47 -16.01 37.95
N ASP C 62 9.01 -17.15 37.58
CA ASP C 62 10.19 -17.03 36.74
C ASP C 62 9.88 -16.76 35.27
N ARG C 63 8.61 -16.74 34.87
CA ARG C 63 8.23 -16.42 33.49
C ARG C 63 8.18 -14.93 33.22
N GLU C 64 8.34 -14.09 34.23
CA GLU C 64 8.31 -12.66 34.00
C GLU C 64 9.48 -12.23 33.15
N VAL C 65 9.29 -11.15 32.38
CA VAL C 65 10.28 -10.53 31.51
C VAL C 65 11.26 -11.59 31.01
N TRP C 66 10.71 -12.63 30.42
CA TRP C 66 11.45 -13.77 29.93
C TRP C 66 12.42 -13.28 28.88
N PRO C 67 13.65 -13.78 28.91
CA PRO C 67 14.16 -14.81 29.80
C PRO C 67 15.02 -14.24 30.89
N LEU C 68 14.77 -13.03 31.34
CA LEU C 68 15.84 -12.36 32.07
C LEU C 68 16.03 -12.87 33.47
N ARG C 69 15.09 -13.61 34.04
CA ARG C 69 15.39 -14.23 35.32
C ARG C 69 16.52 -15.23 35.23
N PHE C 70 16.79 -15.78 34.04
CA PHE C 70 17.75 -16.85 33.87
C PHE C 70 19.01 -16.45 33.15
N PHE C 71 18.91 -15.62 32.11
CA PHE C 71 20.07 -15.24 31.32
C PHE C 71 19.83 -13.85 30.76
N ASN C 72 20.86 -12.99 30.80
CA ASN C 72 20.75 -11.68 30.18
C ASN C 72 21.61 -11.51 28.94
N ARG C 73 22.30 -12.54 28.51
CA ARG C 73 23.01 -12.52 27.25
C ARG C 73 22.60 -13.76 26.48
N THR C 74 22.12 -13.58 25.26
CA THR C 74 21.73 -14.65 24.37
C THR C 74 22.54 -14.51 23.10
N CYS C 75 22.58 -15.56 22.30
CA CYS C 75 23.14 -15.39 20.98
C CYS C 75 22.15 -14.62 20.12
N HIS C 76 22.62 -13.65 19.37
CA HIS C 76 21.83 -13.06 18.29
C HIS C 76 22.59 -13.27 17.00
N CYS C 77 21.90 -13.78 15.99
CA CYS C 77 22.53 -14.25 14.75
C CYS C 77 22.33 -13.28 13.60
N ASN C 78 23.25 -13.34 12.65
CA ASN C 78 23.24 -12.43 11.51
C ASN C 78 22.43 -12.99 10.36
N GLY C 79 21.70 -12.12 9.68
CA GLY C 79 21.08 -12.50 8.42
C GLY C 79 20.13 -13.65 8.61
N ASN C 80 20.34 -14.73 7.88
CA ASN C 80 19.48 -15.90 7.98
C ASN C 80 20.17 -17.06 8.68
N PHE C 81 21.15 -16.78 9.52
CA PHE C 81 21.58 -17.78 10.48
C PHE C 81 20.64 -17.73 11.69
N SER C 82 20.57 -18.83 12.41
CA SER C 82 19.64 -18.95 13.51
C SER C 82 20.13 -20.05 14.45
N GLY C 83 19.43 -20.22 15.56
CA GLY C 83 19.75 -21.27 16.49
C GLY C 83 20.45 -20.77 17.73
N HIS C 84 20.37 -21.56 18.79
CA HIS C 84 21.06 -21.22 20.03
C HIS C 84 22.52 -20.93 19.78
N ASN C 85 23.10 -21.56 18.76
CA ASN C 85 24.49 -21.45 18.35
C ASN C 85 24.73 -20.48 17.21
N CYS C 86 23.70 -19.94 16.61
CA CYS C 86 23.77 -19.50 15.21
C CYS C 86 24.32 -20.62 14.34
N GLY C 87 24.12 -21.86 14.79
CA GLY C 87 24.65 -22.99 14.09
C GLY C 87 23.85 -23.49 12.91
N THR C 88 22.67 -22.97 12.65
CA THR C 88 21.96 -23.36 11.44
C THR C 88 21.21 -22.11 10.96
N CYS C 89 20.14 -22.32 10.19
CA CYS C 89 19.52 -21.25 9.43
C CYS C 89 18.16 -20.88 10.01
N ARG C 90 17.67 -19.73 9.59
CA ARG C 90 16.30 -19.35 9.82
C ARG C 90 15.37 -20.28 9.07
N PRO C 91 14.09 -20.31 9.42
CA PRO C 91 13.15 -21.15 8.68
C PRO C 91 13.05 -20.71 7.23
N GLY C 92 13.03 -21.68 6.34
CA GLY C 92 13.00 -21.39 4.93
C GLY C 92 14.34 -21.29 4.26
N TRP C 93 15.42 -21.64 4.95
CA TRP C 93 16.76 -21.48 4.43
C TRP C 93 17.59 -22.67 4.88
N ARG C 94 18.51 -23.08 4.01
CA ARG C 94 19.34 -24.25 4.30
C ARG C 94 20.70 -24.04 3.69
N GLY C 95 21.68 -24.79 4.17
CA GLY C 95 23.00 -24.68 3.61
C GLY C 95 23.98 -24.09 4.60
N ALA C 96 25.27 -24.31 4.32
CA ALA C 96 26.32 -23.81 5.20
C ALA C 96 26.24 -22.30 5.37
N ALA C 97 25.81 -21.59 4.34
CA ALA C 97 25.67 -20.14 4.40
C ALA C 97 24.21 -19.70 4.35
N CYS C 98 23.26 -20.63 4.47
CA CYS C 98 21.85 -20.33 4.61
C CYS C 98 21.35 -19.45 3.48
N ASP C 99 21.79 -19.74 2.27
CA ASP C 99 21.39 -18.96 1.10
C ASP C 99 20.59 -19.80 0.12
N GLN C 100 20.14 -20.98 0.51
CA GLN C 100 19.36 -21.86 -0.35
C GLN C 100 17.92 -21.84 0.14
N ARG C 101 17.04 -21.23 -0.64
CA ARG C 101 15.65 -21.10 -0.20
C ARG C 101 14.93 -22.42 -0.38
N VAL C 102 14.14 -22.79 0.62
CA VAL C 102 13.32 -23.99 0.57
C VAL C 102 11.94 -23.65 1.10
N LEU C 103 10.91 -24.26 0.51
CA LEU C 103 9.53 -23.99 0.90
C LEU C 103 8.81 -25.30 1.12
N ILE C 104 8.29 -25.49 2.32
CA ILE C 104 7.66 -26.74 2.67
C ILE C 104 6.16 -26.49 2.75
N VAL C 105 5.40 -27.52 2.43
CA VAL C 105 3.96 -27.43 2.30
C VAL C 105 3.35 -28.29 3.39
N ARG C 106 2.49 -27.70 4.19
CA ARG C 106 1.69 -28.45 5.13
C ARG C 106 0.35 -28.77 4.48
N ARG C 107 0.08 -30.06 4.26
CA ARG C 107 -1.11 -30.50 3.53
C ARG C 107 -2.11 -31.11 4.50
N ASN C 108 -3.34 -31.29 4.02
CA ASN C 108 -4.36 -32.00 4.79
C ASN C 108 -3.96 -33.45 5.01
N LEU C 109 -4.01 -33.88 6.27
CA LEU C 109 -3.52 -35.21 6.59
C LEU C 109 -4.24 -36.27 5.79
N LEU C 110 -5.50 -36.03 5.48
CA LEU C 110 -6.32 -37.00 4.78
C LEU C 110 -6.02 -37.06 3.28
N ASP C 111 -5.27 -36.11 2.74
CA ASP C 111 -4.86 -36.16 1.35
C ASP C 111 -3.49 -36.79 1.16
N LEU C 112 -2.80 -37.19 2.24
CA LEU C 112 -1.50 -37.78 2.08
C LEU C 112 -1.61 -39.24 1.63
N SER C 113 -0.57 -39.73 0.97
CA SER C 113 -0.56 -41.09 0.49
C SER C 113 -0.47 -42.07 1.65
N LYS C 114 -0.76 -43.33 1.35
CA LYS C 114 -0.71 -44.37 2.37
C LYS C 114 0.59 -44.37 3.17
N GLU C 115 1.74 -44.21 2.51
CA GLU C 115 2.96 -44.25 3.29
C GLU C 115 3.34 -42.89 3.80
N GLU C 116 2.88 -41.81 3.14
CA GLU C 116 3.06 -40.50 3.73
C GLU C 116 2.31 -40.45 5.04
N LYS C 117 1.04 -40.85 5.03
CA LYS C 117 0.28 -41.01 6.26
C LYS C 117 1.06 -41.84 7.26
N ASN C 118 1.68 -42.90 6.80
CA ASN C 118 2.32 -43.82 7.71
C ASN C 118 3.65 -43.27 8.23
N HIS C 119 4.37 -42.54 7.37
CA HIS C 119 5.61 -41.90 7.75
C HIS C 119 5.39 -40.88 8.87
N PHE C 120 4.27 -40.16 8.80
CA PHE C 120 3.99 -39.15 9.81
C PHE C 120 3.85 -39.80 11.17
N VAL C 121 3.04 -40.86 11.23
CA VAL C 121 2.78 -41.52 12.51
C VAL C 121 4.06 -42.09 13.08
N ARG C 122 4.87 -42.73 12.27
CA ARG C 122 6.08 -43.28 12.84
C ARG C 122 7.06 -42.19 13.22
N ALA C 123 7.04 -41.05 12.53
CA ALA C 123 7.91 -39.95 12.90
C ALA C 123 7.52 -39.38 14.25
N LEU C 124 6.25 -39.02 14.40
CA LEU C 124 5.78 -38.60 15.70
C LEU C 124 6.22 -39.58 16.77
N ASP C 125 5.92 -40.86 16.56
CA ASP C 125 6.27 -41.88 17.53
C ASP C 125 7.75 -41.87 17.86
N MET C 126 8.59 -41.67 16.85
CA MET C 126 10.02 -41.60 17.09
C MET C 126 10.40 -40.39 17.92
N ALA C 127 9.76 -39.24 17.67
CA ALA C 127 10.02 -38.05 18.46
C ALA C 127 9.47 -38.18 19.86
N LYS C 128 8.55 -39.10 20.09
CA LYS C 128 8.13 -39.37 21.45
C LYS C 128 9.21 -40.12 22.21
N ARG C 129 9.97 -40.94 21.51
CA ARG C 129 10.95 -41.82 22.14
C ARG C 129 12.34 -41.22 22.17
N THR C 130 12.68 -40.36 21.19
CA THR C 130 14.04 -39.88 20.99
C THR C 130 14.36 -38.67 21.84
N THR C 131 15.52 -38.69 22.46
CA THR C 131 15.97 -37.61 23.31
C THR C 131 16.24 -36.34 22.51
N HIS C 132 15.77 -35.20 23.02
CA HIS C 132 16.03 -33.95 22.31
C HIS C 132 17.52 -33.67 22.36
N PRO C 133 18.19 -33.54 21.23
CA PRO C 133 19.64 -33.36 21.27
C PRO C 133 20.06 -32.04 21.84
N LEU C 134 19.20 -31.03 21.70
CA LEU C 134 19.52 -29.66 22.08
C LEU C 134 19.04 -29.32 23.48
N PHE C 135 17.74 -29.30 23.70
CA PHE C 135 17.21 -28.72 24.92
C PHE C 135 17.19 -29.74 26.04
N VAL C 136 17.49 -29.26 27.24
CA VAL C 136 17.19 -29.96 28.48
C VAL C 136 16.19 -29.08 29.19
N ILE C 137 15.64 -29.58 30.26
CA ILE C 137 14.46 -28.92 30.80
C ILE C 137 14.39 -29.01 32.31
N ALA C 138 13.90 -27.94 32.92
CA ALA C 138 14.00 -27.74 34.36
C ALA C 138 12.89 -28.43 35.14
N THR C 139 13.27 -29.05 36.24
CA THR C 139 12.32 -29.68 37.16
C THR C 139 11.95 -28.81 38.35
N ARG C 140 12.73 -27.77 38.66
CA ARG C 140 12.45 -26.92 39.81
C ARG C 140 12.43 -25.47 39.36
N ARG C 141 11.85 -24.59 40.18
CA ARG C 141 11.92 -23.17 39.86
C ARG C 141 13.33 -22.65 40.10
N SER C 142 13.54 -21.38 39.75
CA SER C 142 14.87 -20.79 39.84
C SER C 142 15.39 -20.77 41.26
N GLU C 143 14.50 -20.70 42.24
CA GLU C 143 14.92 -20.61 43.63
C GLU C 143 15.88 -21.73 43.99
N GLU C 144 15.45 -22.98 43.75
CA GLU C 144 16.24 -24.17 44.00
C GLU C 144 16.81 -24.78 42.72
N ILE C 145 16.97 -23.97 41.68
CA ILE C 145 17.27 -24.54 40.36
C ILE C 145 18.57 -25.32 40.36
N LEU C 146 19.56 -24.88 41.12
CA LEU C 146 20.78 -25.67 41.21
C LEU C 146 20.78 -26.59 42.40
N GLY C 147 19.64 -26.76 43.05
CA GLY C 147 19.38 -27.96 43.79
C GLY C 147 19.69 -27.92 45.27
N PRO C 148 19.95 -29.09 45.82
CA PRO C 148 20.25 -29.22 47.24
C PRO C 148 21.59 -28.58 47.56
N ASP C 149 22.66 -29.26 47.13
CA ASP C 149 24.02 -28.83 47.38
C ASP C 149 24.44 -27.68 46.49
N GLY C 150 23.51 -26.93 45.91
CA GLY C 150 23.87 -25.79 45.09
C GLY C 150 24.82 -26.07 43.94
N ASN C 151 25.00 -27.35 43.56
CA ASN C 151 25.92 -27.73 42.50
C ASN C 151 25.39 -28.92 41.68
N THR C 152 24.08 -29.14 41.67
CA THR C 152 23.49 -30.05 40.70
C THR C 152 22.28 -29.36 40.09
N PRO C 153 22.44 -28.75 38.94
CA PRO C 153 21.31 -28.07 38.30
C PRO C 153 20.20 -29.07 38.04
N GLN C 154 18.98 -28.65 38.35
CA GLN C 154 17.82 -29.54 38.28
C GLN C 154 17.24 -29.51 36.86
N PHE C 155 17.95 -30.16 35.95
CA PHE C 155 17.49 -30.34 34.59
C PHE C 155 17.57 -31.80 34.21
N GLU C 156 16.61 -32.22 33.39
CA GLU C 156 16.63 -33.54 32.80
C GLU C 156 16.52 -33.38 31.30
N ASN C 157 17.08 -34.32 30.55
CA ASN C 157 16.74 -34.31 29.13
C ASN C 157 15.30 -34.75 28.96
N ILE C 158 14.81 -34.63 27.72
CA ILE C 158 13.40 -34.87 27.46
C ILE C 158 13.29 -35.19 25.98
N SER C 159 12.29 -35.98 25.64
CA SER C 159 12.19 -36.39 24.25
C SER C 159 11.73 -35.22 23.40
N ILE C 160 12.00 -35.33 22.10
CA ILE C 160 11.61 -34.27 21.20
C ILE C 160 10.15 -33.93 21.41
N TYR C 161 9.30 -34.94 21.44
CA TYR C 161 7.89 -34.65 21.59
C TYR C 161 7.54 -34.18 22.99
N ASN C 162 8.21 -34.68 24.02
CA ASN C 162 7.80 -34.27 25.35
C ASN C 162 8.20 -32.83 25.62
N TYR C 163 9.34 -32.39 25.06
CA TYR C 163 9.70 -30.97 25.09
C TYR C 163 8.57 -30.11 24.55
N PHE C 164 8.05 -30.49 23.38
CA PHE C 164 6.87 -29.86 22.82
C PHE C 164 5.73 -29.79 23.83
N VAL C 165 5.51 -30.86 24.59
CA VAL C 165 4.43 -30.88 25.57
C VAL C 165 4.76 -29.95 26.72
N TRP C 166 6.02 -29.97 27.14
CA TRP C 166 6.41 -29.27 28.35
C TRP C 166 6.40 -27.76 28.15
N THR C 167 6.88 -27.29 27.01
CA THR C 167 6.85 -25.85 26.78
C THR C 167 5.43 -25.34 26.84
N HIS C 168 4.48 -26.07 26.28
CA HIS C 168 3.09 -25.63 26.36
C HIS C 168 2.64 -25.55 27.80
N TYR C 169 3.03 -26.54 28.59
CA TYR C 169 2.58 -26.59 29.98
C TYR C 169 3.18 -25.46 30.80
N TYR C 170 4.48 -25.25 30.67
CA TYR C 170 5.13 -24.18 31.41
C TYR C 170 4.49 -22.83 31.13
N SER C 171 4.00 -22.62 29.92
CA SER C 171 3.41 -21.34 29.60
C SER C 171 2.00 -21.21 30.13
N VAL C 172 1.31 -22.33 30.36
CA VAL C 172 -0.06 -22.28 30.84
C VAL C 172 -0.09 -22.45 32.35
N LYS C 173 1.00 -22.91 32.92
CA LYS C 173 1.19 -23.20 34.32
C LYS C 173 0.71 -22.07 35.24
N LYS C 174 0.53 -22.40 36.49
CA LYS C 174 0.17 -21.47 37.54
C LYS C 174 1.37 -20.80 38.16
N THR C 175 1.12 -19.66 38.78
CA THR C 175 2.15 -18.93 39.50
C THR C 175 2.28 -19.49 40.93
N PHE C 176 3.42 -20.07 41.24
CA PHE C 176 3.63 -20.60 42.59
C PHE C 176 3.95 -19.48 43.55
N LEU C 177 3.22 -19.45 44.66
CA LEU C 177 3.34 -18.41 45.66
C LEU C 177 4.09 -18.85 46.91
N GLY C 178 3.99 -20.12 47.29
CA GLY C 178 4.72 -20.61 48.44
C GLY C 178 4.09 -21.85 49.02
N VAL C 179 4.90 -22.58 49.79
CA VAL C 179 4.40 -23.75 50.50
C VAL C 179 3.22 -23.34 51.37
N GLY C 180 2.12 -24.09 51.28
CA GLY C 180 0.92 -23.74 51.98
C GLY C 180 0.01 -22.78 51.25
N GLN C 181 0.52 -22.06 50.25
CA GLN C 181 -0.29 -21.13 49.49
C GLN C 181 -1.07 -21.82 48.38
N GLU C 182 -2.15 -21.17 47.95
CA GLU C 182 -2.89 -21.60 46.77
C GLU C 182 -2.32 -20.84 45.58
N SER C 183 -1.81 -21.56 44.60
CA SER C 183 -1.12 -20.94 43.49
C SER C 183 -2.08 -20.16 42.60
N PHE C 184 -1.54 -19.19 41.88
CA PHE C 184 -2.34 -18.26 41.11
C PHE C 184 -2.57 -18.82 39.71
N GLY C 185 -3.82 -18.75 39.25
CA GLY C 185 -4.22 -19.44 38.05
C GLY C 185 -4.68 -18.56 36.92
N GLU C 186 -4.97 -17.29 37.20
CA GLU C 186 -5.41 -16.37 36.15
C GLU C 186 -4.18 -15.81 35.45
N VAL C 187 -3.47 -16.69 34.77
CA VAL C 187 -2.29 -16.31 34.01
C VAL C 187 -2.03 -17.43 33.02
N ASP C 188 -1.79 -17.03 31.78
CA ASP C 188 -1.63 -18.00 30.70
C ASP C 188 -0.79 -17.26 29.67
N PHE C 189 0.50 -17.60 29.61
CA PHE C 189 1.41 -16.92 28.72
C PHE C 189 1.21 -17.29 27.27
N SER C 190 0.32 -18.24 26.96
CA SER C 190 0.14 -18.75 25.62
C SER C 190 -1.30 -18.79 25.15
N HIS C 191 -2.29 -18.55 26.02
CA HIS C 191 -3.70 -18.53 25.65
C HIS C 191 -4.35 -17.34 26.32
N GLU C 192 -5.57 -17.05 25.91
CA GLU C 192 -6.32 -15.96 26.49
C GLU C 192 -5.49 -14.68 26.44
N GLY C 193 -5.03 -14.37 25.23
CA GLY C 193 -4.11 -13.27 24.97
C GLY C 193 -3.67 -13.31 23.53
N PRO C 194 -3.37 -12.15 22.95
CA PRO C 194 -3.11 -12.12 21.50
C PRO C 194 -1.89 -12.89 21.08
N ALA C 195 -1.01 -13.24 22.01
CA ALA C 195 0.09 -14.13 21.66
C ALA C 195 -0.38 -15.55 21.42
N PHE C 196 -1.68 -15.84 21.49
CA PHE C 196 -2.15 -17.21 21.36
C PHE C 196 -1.82 -17.80 20.00
N LEU C 197 -2.06 -17.04 18.95
CA LEU C 197 -1.77 -17.54 17.61
C LEU C 197 -0.28 -17.54 17.35
N THR C 198 0.41 -16.48 17.77
CA THR C 198 1.84 -16.41 17.53
C THR C 198 2.60 -17.36 18.44
N TRP C 199 2.13 -17.60 19.65
CA TRP C 199 2.81 -18.57 20.49
C TRP C 199 2.76 -19.95 19.89
N HIS C 200 1.55 -20.42 19.57
CA HIS C 200 1.41 -21.77 19.04
C HIS C 200 2.02 -21.90 17.67
N ARG C 201 2.11 -20.82 16.91
CA ARG C 201 2.82 -20.85 15.64
C ARG C 201 4.29 -21.17 15.84
N TYR C 202 4.94 -20.54 16.80
CA TYR C 202 6.33 -20.87 17.03
C TYR C 202 6.46 -22.26 17.60
N HIS C 203 5.56 -22.61 18.52
CA HIS C 203 5.51 -23.94 19.10
C HIS C 203 5.58 -25.01 18.02
N LEU C 204 4.68 -24.93 17.05
CA LEU C 204 4.66 -25.91 15.98
C LEU C 204 5.92 -25.85 15.14
N LEU C 205 6.39 -24.64 14.85
CA LEU C 205 7.56 -24.48 14.00
C LEU C 205 8.81 -25.05 14.64
N ARG C 206 8.86 -25.08 15.96
CA ARG C 206 9.97 -25.70 16.66
C ARG C 206 9.87 -27.23 16.62
N LEU C 207 8.66 -27.79 16.70
CA LEU C 207 8.52 -29.23 16.50
C LEU C 207 8.90 -29.63 15.08
N GLU C 208 8.48 -28.85 14.10
CA GLU C 208 8.78 -29.18 12.72
C GLU C 208 10.28 -29.23 12.47
N LYS C 209 11.02 -28.23 12.97
CA LYS C 209 12.47 -28.23 12.80
C LYS C 209 13.09 -29.43 13.49
N ASP C 210 12.66 -29.71 14.71
CA ASP C 210 13.23 -30.82 15.44
C ASP C 210 13.03 -32.12 14.69
N MET C 211 11.83 -32.32 14.13
CA MET C 211 11.57 -33.57 13.43
C MET C 211 12.28 -33.59 12.10
N GLN C 212 12.44 -32.44 11.45
CA GLN C 212 13.24 -32.38 10.24
C GLN C 212 14.63 -32.91 10.48
N GLU C 213 15.24 -32.57 11.60
CA GLU C 213 16.59 -33.04 11.84
C GLU C 213 16.65 -34.39 12.50
N MET C 214 15.61 -34.78 13.23
CA MET C 214 15.58 -36.13 13.77
C MET C 214 15.55 -37.17 12.66
N LEU C 215 14.71 -36.93 11.66
CA LEU C 215 14.55 -37.78 10.49
C LEU C 215 15.61 -37.53 9.44
N GLN C 216 16.42 -36.51 9.61
CA GLN C 216 17.22 -35.93 8.54
C GLN C 216 16.44 -35.82 7.23
N GLU C 217 15.27 -35.19 7.29
CA GLU C 217 14.47 -34.87 6.11
C GLU C 217 14.17 -33.38 6.11
N PRO C 218 14.99 -32.57 5.44
CA PRO C 218 14.81 -31.12 5.53
C PRO C 218 13.43 -30.63 5.12
N SER C 219 12.73 -31.38 4.29
CA SER C 219 11.43 -30.98 3.74
C SER C 219 10.26 -31.59 4.49
N PHE C 220 10.50 -32.35 5.55
CA PHE C 220 9.41 -32.89 6.33
C PHE C 220 8.52 -31.76 6.81
N SER C 221 7.21 -31.98 6.79
CA SER C 221 6.27 -30.93 7.14
C SER C 221 5.16 -31.51 8.00
N LEU C 222 4.57 -30.68 8.85
CA LEU C 222 3.50 -31.14 9.72
C LEU C 222 2.16 -31.00 9.02
N PRO C 223 1.41 -32.07 8.84
CA PRO C 223 0.09 -31.96 8.20
C PRO C 223 -0.95 -31.26 9.08
N TYR C 224 -2.15 -31.03 8.58
CA TYR C 224 -3.20 -30.40 9.38
C TYR C 224 -4.48 -31.22 9.36
N TRP C 225 -5.37 -30.88 10.28
CA TRP C 225 -6.64 -31.57 10.45
C TRP C 225 -7.77 -30.58 10.25
N ASN C 226 -8.54 -30.74 9.18
CA ASN C 226 -9.68 -29.87 8.93
C ASN C 226 -10.82 -30.30 9.84
N PHE C 227 -10.78 -29.82 11.08
CA PHE C 227 -11.85 -30.11 12.02
C PHE C 227 -13.06 -29.21 11.81
N ALA C 228 -13.13 -28.50 10.70
CA ALA C 228 -14.26 -27.63 10.44
C ALA C 228 -15.19 -28.27 9.42
N THR C 229 -15.67 -29.46 9.77
CA THR C 229 -16.54 -30.24 8.92
C THR C 229 -17.88 -30.52 9.57
N GLY C 230 -18.10 -30.01 10.79
CA GLY C 230 -19.34 -30.21 11.51
C GLY C 230 -19.59 -31.63 11.97
N LYS C 231 -18.61 -32.51 11.86
CA LYS C 231 -18.86 -33.93 12.02
C LYS C 231 -19.17 -34.30 13.46
N ASN C 232 -19.82 -35.44 13.60
CA ASN C 232 -20.15 -36.06 14.88
C ASN C 232 -19.02 -36.95 15.38
N VAL C 233 -17.98 -37.13 14.57
CA VAL C 233 -16.92 -38.07 14.87
C VAL C 233 -15.58 -37.46 14.50
N CYS C 234 -14.52 -38.07 15.02
CA CYS C 234 -13.16 -37.63 14.75
C CYS C 234 -12.66 -38.39 13.53
N ASP C 235 -12.68 -37.72 12.38
CA ASP C 235 -12.40 -38.40 11.12
C ASP C 235 -10.93 -38.77 10.92
N ILE C 236 -10.02 -38.38 11.83
CA ILE C 236 -8.64 -38.83 11.77
C ILE C 236 -8.33 -39.78 12.89
N CYS C 237 -9.34 -40.16 13.66
CA CYS C 237 -9.14 -41.11 14.76
C CYS C 237 -9.31 -42.53 14.23
N THR C 238 -8.36 -42.92 13.39
CA THR C 238 -8.30 -44.25 12.83
C THR C 238 -6.89 -44.76 13.02
N ASP C 239 -6.73 -46.09 13.00
CA ASP C 239 -5.47 -46.68 13.40
C ASP C 239 -4.38 -46.44 12.37
N ASP C 240 -4.72 -46.10 11.15
CA ASP C 240 -3.68 -45.75 10.20
C ASP C 240 -3.16 -44.34 10.44
N LEU C 241 -3.93 -43.54 11.18
CA LEU C 241 -3.60 -42.15 11.50
C LEU C 241 -3.52 -42.06 13.02
N MET C 242 -4.41 -41.32 13.67
CA MET C 242 -4.23 -40.95 15.06
C MET C 242 -4.90 -41.92 16.02
N GLY C 243 -5.46 -43.01 15.52
CA GLY C 243 -5.94 -44.02 16.43
C GLY C 243 -7.45 -44.05 16.62
N SER C 244 -8.06 -45.21 16.39
CA SER C 244 -9.48 -45.35 16.64
C SER C 244 -9.72 -45.54 18.13
N ARG C 245 -11.00 -45.53 18.50
CA ARG C 245 -11.38 -45.71 19.89
C ARG C 245 -11.15 -47.15 20.31
N SER C 246 -10.65 -47.33 21.52
CA SER C 246 -10.40 -48.68 22.02
C SER C 246 -11.70 -49.44 22.21
N ASN C 247 -11.71 -50.71 21.78
CA ASN C 247 -12.86 -51.56 22.03
C ASN C 247 -12.91 -52.10 23.44
N PHE C 248 -11.84 -51.96 24.22
CA PHE C 248 -11.83 -52.40 25.60
C PHE C 248 -12.11 -51.28 26.60
N ASP C 249 -12.08 -50.03 26.16
CA ASP C 249 -12.24 -48.88 27.05
C ASP C 249 -12.57 -47.69 26.17
N SER C 250 -13.76 -47.13 26.34
CA SER C 250 -14.20 -46.08 25.43
C SER C 250 -13.40 -44.80 25.58
N THR C 251 -12.47 -44.74 26.54
CA THR C 251 -11.67 -43.55 26.77
C THR C 251 -10.20 -43.77 26.48
N LEU C 252 -9.85 -44.77 25.68
CA LEU C 252 -8.48 -45.00 25.32
C LEU C 252 -8.37 -45.10 23.80
N ILE C 253 -7.14 -45.29 23.34
CA ILE C 253 -6.84 -45.33 21.92
C ILE C 253 -6.60 -46.78 21.56
N SER C 254 -7.12 -47.19 20.40
CA SER C 254 -6.98 -48.55 19.91
C SER C 254 -5.58 -49.08 20.15
N PRO C 255 -5.44 -50.24 20.74
CA PRO C 255 -4.11 -50.83 20.92
C PRO C 255 -3.46 -51.19 19.59
N ASN C 256 -4.17 -51.00 18.50
CA ASN C 256 -3.62 -51.20 17.17
C ASN C 256 -3.00 -49.93 16.62
N SER C 257 -3.01 -48.85 17.40
CA SER C 257 -2.31 -47.62 17.05
C SER C 257 -1.23 -47.40 18.10
N VAL C 258 -0.03 -47.02 17.65
CA VAL C 258 1.08 -46.92 18.61
C VAL C 258 0.87 -45.82 19.63
N PHE C 259 -0.08 -44.93 19.43
CA PHE C 259 -0.28 -43.88 20.41
C PHE C 259 -0.88 -44.43 21.69
N SER C 260 -1.42 -45.64 21.66
CA SER C 260 -1.87 -46.26 22.90
C SER C 260 -0.71 -46.61 23.79
N GLN C 261 0.48 -46.75 23.23
CA GLN C 261 1.65 -47.03 24.05
C GLN C 261 2.19 -45.77 24.71
N TRP C 262 1.84 -44.61 24.17
CA TRP C 262 2.38 -43.36 24.67
C TRP C 262 1.99 -43.19 26.13
N ARG C 263 2.89 -42.67 26.92
CA ARG C 263 2.61 -42.34 28.30
C ARG C 263 2.93 -40.87 28.55
N VAL C 264 2.07 -40.24 29.32
CA VAL C 264 1.90 -38.80 29.34
C VAL C 264 2.93 -38.13 30.25
N VAL C 265 3.30 -36.89 29.95
CA VAL C 265 4.10 -36.09 30.85
C VAL C 265 3.22 -34.97 31.42
N CYS C 266 3.58 -34.50 32.62
CA CYS C 266 2.99 -33.32 33.24
C CYS C 266 1.58 -33.56 33.75
N ASP C 267 1.27 -34.75 34.24
CA ASP C 267 -0.08 -34.96 34.72
C ASP C 267 -0.26 -34.60 36.18
N SER C 268 0.82 -34.45 36.94
CA SER C 268 0.71 -34.32 38.39
C SER C 268 0.57 -32.85 38.79
N LEU C 269 -0.45 -32.19 38.24
CA LEU C 269 -0.68 -30.78 38.52
C LEU C 269 -0.74 -30.51 40.01
N GLU C 270 -1.27 -31.46 40.78
CA GLU C 270 -1.34 -31.25 42.21
C GLU C 270 0.05 -31.20 42.81
N ASP C 271 0.96 -32.07 42.35
CA ASP C 271 2.34 -32.01 42.84
C ASP C 271 2.98 -30.66 42.55
N TYR C 272 2.71 -30.09 41.39
CA TYR C 272 3.35 -28.82 41.05
C TYR C 272 2.87 -27.71 41.95
N ASP C 273 1.60 -27.76 42.36
CA ASP C 273 1.00 -26.70 43.16
C ASP C 273 1.21 -26.88 44.62
N THR C 274 1.57 -28.08 45.01
CA THR C 274 1.79 -28.31 46.40
C THR C 274 3.24 -28.02 46.78
N LEU C 275 4.18 -28.56 46.02
CA LEU C 275 5.58 -28.54 46.42
C LEU C 275 6.38 -27.41 45.79
N GLY C 276 5.88 -26.79 44.73
CA GLY C 276 6.63 -25.77 44.03
C GLY C 276 7.60 -26.31 43.00
N THR C 277 7.38 -27.52 42.51
CA THR C 277 8.21 -28.11 41.48
C THR C 277 7.58 -27.83 40.12
N LEU C 278 8.18 -28.40 39.08
CA LEU C 278 7.64 -28.32 37.73
C LEU C 278 7.68 -29.71 37.08
N CYS C 279 6.88 -29.86 36.02
CA CYS C 279 6.81 -31.11 35.28
C CYS C 279 8.19 -31.62 34.86
N ASN C 280 8.42 -32.90 35.06
CA ASN C 280 9.69 -33.51 34.69
C ASN C 280 9.49 -34.47 33.54
N SER C 281 10.54 -35.25 33.27
CA SER C 281 10.59 -36.12 32.12
C SER C 281 10.13 -37.53 32.42
N THR C 282 9.34 -37.72 33.47
CA THR C 282 8.88 -39.03 33.89
C THR C 282 7.43 -39.21 33.43
N GLU C 283 7.22 -40.14 32.50
CA GLU C 283 5.90 -40.35 31.93
C GLU C 283 5.03 -41.17 32.90
N ASP C 284 3.72 -40.96 32.80
CA ASP C 284 2.74 -41.55 33.73
C ASP C 284 1.62 -42.32 33.02
N GLY C 285 0.40 -41.80 33.08
CA GLY C 285 -0.74 -42.51 32.55
C GLY C 285 -0.78 -42.48 31.05
N PRO C 286 -1.82 -43.08 30.48
CA PRO C 286 -1.95 -43.12 29.03
C PRO C 286 -2.77 -41.94 28.53
N ILE C 287 -2.77 -41.76 27.22
CA ILE C 287 -3.60 -40.72 26.65
C ILE C 287 -5.06 -41.11 26.81
N ARG C 288 -5.89 -40.14 27.17
CA ARG C 288 -7.33 -40.32 27.27
C ARG C 288 -8.01 -39.52 26.19
N ARG C 289 -8.86 -40.18 25.40
CA ARG C 289 -9.55 -39.53 24.31
C ARG C 289 -10.91 -40.18 24.15
N ASN C 290 -11.93 -39.38 23.82
CA ASN C 290 -13.29 -39.90 23.63
C ASN C 290 -14.06 -38.98 22.72
N PRO C 291 -13.79 -39.04 21.41
CA PRO C 291 -14.43 -38.12 20.48
C PRO C 291 -15.94 -38.10 20.62
N ALA C 292 -16.51 -36.90 20.56
CA ALA C 292 -17.95 -36.65 20.68
C ALA C 292 -18.46 -37.13 22.02
N GLY C 293 -17.56 -37.60 22.88
CA GLY C 293 -17.93 -38.37 24.05
C GLY C 293 -18.41 -37.58 25.24
N ASN C 294 -18.55 -36.27 25.13
CA ASN C 294 -18.93 -35.47 26.29
C ASN C 294 -20.44 -35.30 26.33
N VAL C 295 -21.12 -36.33 26.85
CA VAL C 295 -22.57 -36.30 26.90
C VAL C 295 -23.09 -35.23 27.86
N ALA C 296 -22.29 -34.79 28.84
CA ALA C 296 -22.81 -33.84 29.82
C ALA C 296 -23.07 -32.47 29.23
N ARG C 297 -22.34 -32.08 28.19
CA ARG C 297 -22.48 -30.77 27.57
C ARG C 297 -22.60 -30.96 26.06
N PRO C 298 -23.80 -31.13 25.55
CA PRO C 298 -23.97 -31.44 24.10
C PRO C 298 -23.30 -30.42 23.22
N MET C 299 -22.93 -29.25 23.77
CA MET C 299 -22.20 -28.23 23.03
C MET C 299 -20.92 -28.76 22.40
N VAL C 300 -20.29 -29.75 23.01
CA VAL C 300 -18.95 -30.19 22.61
C VAL C 300 -18.98 -31.53 21.87
N GLN C 301 -20.16 -32.02 21.47
CA GLN C 301 -20.28 -33.28 20.78
C GLN C 301 -20.37 -33.14 19.26
N ARG C 302 -20.19 -31.93 18.75
CA ARG C 302 -20.13 -31.66 17.31
C ARG C 302 -19.03 -30.65 17.03
N LEU C 303 -18.30 -30.87 15.95
CA LEU C 303 -17.21 -30.00 15.55
C LEU C 303 -17.77 -28.77 14.82
N PRO C 304 -16.97 -27.72 14.66
CA PRO C 304 -17.47 -26.52 13.97
C PRO C 304 -17.81 -26.79 12.52
N GLU C 305 -18.66 -25.96 11.97
CA GLU C 305 -19.08 -26.23 10.61
C GLU C 305 -18.35 -25.31 9.63
N PRO C 306 -18.17 -25.75 8.37
CA PRO C 306 -17.35 -24.98 7.43
C PRO C 306 -17.69 -23.51 7.34
N GLN C 307 -18.93 -23.15 7.68
CA GLN C 307 -19.27 -21.74 7.71
C GLN C 307 -18.54 -21.01 8.83
N ASP C 308 -18.23 -21.72 9.92
CA ASP C 308 -17.57 -21.06 11.05
C ASP C 308 -16.23 -20.47 10.66
N VAL C 309 -15.45 -21.20 9.88
CA VAL C 309 -14.14 -20.70 9.48
C VAL C 309 -14.30 -19.51 8.54
N ALA C 310 -15.25 -19.58 7.61
CA ALA C 310 -15.40 -18.49 6.65
C ALA C 310 -15.83 -17.19 7.32
N GLN C 311 -16.58 -17.26 8.43
CA GLN C 311 -17.03 -16.04 9.07
C GLN C 311 -15.94 -15.36 9.89
N CYS C 312 -15.14 -16.13 10.62
CA CYS C 312 -14.14 -15.49 11.47
C CYS C 312 -13.08 -14.80 10.62
N LEU C 313 -12.81 -15.32 9.44
CA LEU C 313 -11.93 -14.66 8.49
C LEU C 313 -12.52 -13.38 7.93
N GLU C 314 -13.71 -12.98 8.38
CA GLU C 314 -14.30 -11.70 8.06
C GLU C 314 -14.31 -10.75 9.24
N VAL C 315 -13.80 -11.19 10.38
CA VAL C 315 -13.55 -10.29 11.51
C VAL C 315 -12.29 -9.49 11.19
N GLY C 316 -12.45 -8.18 11.05
CA GLY C 316 -11.41 -7.35 10.47
C GLY C 316 -10.30 -6.95 11.42
N LEU C 317 -10.63 -6.73 12.69
CA LEU C 317 -9.61 -6.41 13.67
C LEU C 317 -9.01 -7.70 14.20
N PHE C 318 -7.69 -7.73 14.33
CA PHE C 318 -7.03 -8.91 14.86
C PHE C 318 -7.44 -9.16 16.30
N ASP C 319 -7.29 -8.14 17.13
CA ASP C 319 -7.69 -8.27 18.51
C ASP C 319 -8.19 -6.92 18.98
N THR C 320 -9.01 -6.96 20.02
CA THR C 320 -9.66 -5.79 20.57
C THR C 320 -9.47 -5.78 22.07
N PRO C 321 -9.49 -4.60 22.70
CA PRO C 321 -9.33 -4.66 24.15
C PRO C 321 -10.58 -5.27 24.76
N PRO C 322 -10.49 -5.83 25.98
CA PRO C 322 -9.35 -5.90 26.92
C PRO C 322 -8.25 -6.92 26.60
N PHE C 323 -8.15 -7.40 25.36
CA PHE C 323 -7.08 -8.29 24.93
C PHE C 323 -7.04 -9.56 25.78
N TYR C 324 -8.20 -10.20 25.90
CA TYR C 324 -8.35 -11.33 26.80
C TYR C 324 -9.33 -12.29 26.16
N SER C 325 -9.65 -13.36 26.89
CA SER C 325 -10.53 -14.39 26.35
C SER C 325 -11.95 -13.91 26.12
N ASN C 326 -12.29 -12.71 26.57
CA ASN C 326 -13.64 -12.20 26.40
C ASN C 326 -13.70 -10.88 25.63
N SER C 327 -12.88 -10.73 24.61
CA SER C 327 -12.94 -9.55 23.76
C SER C 327 -13.90 -9.74 22.59
N THR C 328 -14.51 -8.64 22.16
CA THR C 328 -15.50 -8.64 21.10
C THR C 328 -14.86 -8.14 19.82
N ASN C 329 -15.35 -8.63 18.68
CA ASN C 329 -14.87 -8.23 17.34
C ASN C 329 -13.39 -8.49 17.17
N SER C 330 -12.86 -9.44 17.91
CA SER C 330 -11.44 -9.78 17.87
C SER C 330 -11.27 -11.04 17.04
N PHE C 331 -10.58 -10.93 15.91
CA PHE C 331 -10.30 -12.12 15.13
C PHE C 331 -9.58 -13.16 15.97
N ARG C 332 -8.70 -12.72 16.84
CA ARG C 332 -7.91 -13.68 17.59
C ARG C 332 -8.75 -14.39 18.65
N ASN C 333 -9.75 -13.73 19.23
CA ASN C 333 -10.58 -14.44 20.21
C ASN C 333 -11.63 -15.32 19.57
N THR C 334 -12.09 -15.00 18.36
CA THR C 334 -13.04 -15.92 17.73
C THR C 334 -12.31 -17.18 17.31
N VAL C 335 -11.19 -17.05 16.61
CA VAL C 335 -10.50 -18.24 16.11
C VAL C 335 -10.02 -19.09 17.26
N GLU C 336 -9.64 -18.49 18.38
CA GLU C 336 -9.35 -19.29 19.56
C GLU C 336 -10.58 -20.03 20.02
N GLY C 337 -11.74 -19.37 19.99
CA GLY C 337 -12.98 -20.05 20.22
C GLY C 337 -13.65 -19.66 21.53
N TYR C 338 -13.43 -18.42 21.96
CA TYR C 338 -14.17 -17.87 23.08
C TYR C 338 -15.28 -16.93 22.64
N SER C 339 -15.29 -16.54 21.38
CA SER C 339 -16.45 -15.93 20.73
C SER C 339 -16.99 -16.91 19.71
N ASP C 340 -18.21 -16.66 19.26
CA ASP C 340 -18.73 -17.43 18.15
C ASP C 340 -18.16 -16.91 16.83
N PRO C 341 -18.37 -17.63 15.73
CA PRO C 341 -17.73 -17.26 14.46
C PRO C 341 -18.08 -15.88 13.94
N THR C 342 -19.13 -15.21 14.45
CA THR C 342 -19.42 -13.87 13.98
C THR C 342 -18.51 -12.81 14.60
N GLY C 343 -17.85 -13.14 15.71
CA GLY C 343 -17.05 -12.21 16.46
C GLY C 343 -17.66 -11.83 17.77
N LYS C 344 -18.90 -12.23 17.99
CA LYS C 344 -19.69 -11.78 19.12
C LYS C 344 -19.36 -12.63 20.33
N TYR C 345 -18.88 -12.00 21.40
CA TYR C 345 -18.52 -12.77 22.59
C TYR C 345 -19.76 -13.27 23.30
N ASP C 346 -19.62 -14.40 23.96
CA ASP C 346 -20.68 -15.00 24.78
C ASP C 346 -19.96 -16.00 25.67
N PRO C 347 -20.08 -15.89 27.00
CA PRO C 347 -19.33 -16.81 27.88
C PRO C 347 -19.78 -18.26 27.80
N ALA C 348 -20.92 -18.53 27.19
CA ALA C 348 -21.35 -19.91 26.98
C ALA C 348 -20.71 -20.51 25.74
N VAL C 349 -20.36 -19.68 24.75
CA VAL C 349 -19.86 -20.17 23.49
C VAL C 349 -18.53 -20.90 23.67
N ARG C 350 -18.33 -21.94 22.87
CA ARG C 350 -17.02 -22.48 22.52
C ARG C 350 -17.08 -22.83 21.05
N SER C 351 -16.28 -22.16 20.24
CA SER C 351 -16.29 -22.40 18.83
C SER C 351 -14.87 -22.76 18.38
N LEU C 352 -14.76 -23.07 17.09
CA LEU C 352 -13.49 -23.25 16.42
C LEU C 352 -12.45 -23.98 17.27
N HIS C 353 -11.38 -23.21 17.51
CA HIS C 353 -10.15 -23.88 18.24
C HIS C 353 -10.82 -24.24 19.39
N ASN C 354 -11.18 -23.92 20.37
CA ASN C 354 -11.39 -24.53 21.68
C ASN C 354 -12.41 -25.65 21.62
N LEU C 355 -13.38 -25.55 20.72
CA LEU C 355 -14.38 -26.60 20.68
C LEU C 355 -13.78 -27.86 20.08
N ALA C 356 -12.78 -27.72 19.20
CA ALA C 356 -12.08 -28.89 18.71
C ALA C 356 -11.39 -29.61 19.87
N HIS C 357 -10.89 -28.86 20.83
CA HIS C 357 -10.22 -29.44 21.97
C HIS C 357 -11.25 -30.16 22.83
N LEU C 358 -12.34 -29.46 23.12
CA LEU C 358 -13.42 -29.99 23.94
C LEU C 358 -14.07 -31.20 23.30
N PHE C 359 -14.21 -31.19 21.97
CA PHE C 359 -14.80 -32.31 21.25
C PHE C 359 -14.12 -33.62 21.59
N LEU C 360 -12.79 -33.62 21.63
CA LEU C 360 -12.08 -34.84 21.96
C LEU C 360 -12.42 -35.28 23.37
N ASN C 361 -12.69 -34.32 24.25
CA ASN C 361 -13.04 -34.61 25.63
C ASN C 361 -12.11 -35.65 26.25
N GLY C 362 -10.96 -35.20 26.70
CA GLY C 362 -9.96 -36.10 27.26
C GLY C 362 -8.71 -35.28 27.55
N THR C 363 -7.55 -35.95 27.59
CA THR C 363 -6.34 -35.18 27.86
C THR C 363 -6.19 -34.06 26.85
N GLY C 364 -6.68 -34.25 25.63
CA GLY C 364 -6.63 -33.22 24.61
C GLY C 364 -7.54 -32.05 24.87
N GLY C 365 -8.30 -32.08 25.96
CA GLY C 365 -9.17 -30.97 26.29
C GLY C 365 -8.70 -30.18 27.49
N GLN C 366 -7.55 -30.57 28.03
CA GLN C 366 -6.98 -29.97 29.23
C GLN C 366 -5.74 -29.19 28.86
N THR C 367 -5.77 -27.91 29.15
CA THR C 367 -4.78 -26.98 28.71
C THR C 367 -3.38 -27.34 29.10
N HIS C 368 -3.18 -27.73 30.34
CA HIS C 368 -1.82 -28.06 30.74
C HIS C 368 -1.29 -29.31 30.06
N LEU C 369 -2.09 -30.00 29.23
CA LEU C 369 -1.64 -31.29 28.76
C LEU C 369 -2.08 -31.62 27.34
N SER C 370 -3.00 -30.86 26.77
CA SER C 370 -3.54 -31.26 25.49
C SER C 370 -2.49 -31.64 24.46
N PRO C 371 -1.26 -31.12 24.50
CA PRO C 371 -0.24 -31.62 23.56
C PRO C 371 0.14 -33.10 23.69
N ASN C 372 -0.11 -33.79 24.81
CA ASN C 372 0.25 -35.21 24.82
C ASN C 372 -0.53 -36.01 23.78
N ASP C 373 -1.70 -35.55 23.43
CA ASP C 373 -2.49 -36.14 22.38
C ASP C 373 -2.01 -35.53 21.09
N PRO C 374 -1.32 -36.27 20.27
CA PRO C 374 -0.71 -35.67 19.09
C PRO C 374 -1.72 -35.13 18.09
N ILE C 375 -3.03 -35.25 18.36
CA ILE C 375 -3.99 -34.52 17.54
C ILE C 375 -3.75 -33.03 17.68
N PHE C 376 -3.22 -32.64 18.83
CA PHE C 376 -2.83 -31.27 19.07
C PHE C 376 -2.04 -30.73 17.90
N VAL C 377 -1.00 -31.45 17.50
CA VAL C 377 -0.19 -31.01 16.37
C VAL C 377 -1.06 -30.70 15.18
N LEU C 378 -1.90 -31.64 14.80
CA LEU C 378 -2.75 -31.43 13.63
C LEU C 378 -3.81 -30.38 13.89
N LEU C 379 -4.30 -30.30 15.13
CA LEU C 379 -5.37 -29.36 15.43
C LEU C 379 -4.89 -27.94 15.28
N HIS C 380 -3.63 -27.69 15.64
CA HIS C 380 -3.10 -26.35 15.67
C HIS C 380 -2.50 -25.90 14.34
N THR C 381 -1.93 -26.83 13.56
CA THR C 381 -1.49 -26.44 12.22
C THR C 381 -2.67 -25.98 11.38
N PHE C 382 -3.84 -26.54 11.63
CA PHE C 382 -5.03 -26.00 10.99
C PHE C 382 -5.37 -24.64 11.55
N THR C 383 -5.34 -24.50 12.89
CA THR C 383 -5.49 -23.19 13.50
C THR C 383 -4.49 -22.20 12.93
N ASP C 384 -3.27 -22.65 12.72
CA ASP C 384 -2.27 -21.79 12.11
C ASP C 384 -2.60 -21.48 10.66
N ALA C 385 -3.20 -22.43 9.93
CA ALA C 385 -3.56 -22.15 8.55
C ALA C 385 -4.55 -21.00 8.49
N VAL C 386 -5.49 -20.96 9.42
CA VAL C 386 -6.48 -19.89 9.41
C VAL C 386 -5.82 -18.57 9.71
N PHE C 387 -4.97 -18.56 10.74
CA PHE C 387 -4.12 -17.42 11.03
C PHE C 387 -3.41 -16.93 9.79
N ASP C 388 -2.67 -17.83 9.12
CA ASP C 388 -1.78 -17.39 8.06
C ASP C 388 -2.51 -16.67 6.95
N GLU C 389 -3.71 -17.11 6.60
CA GLU C 389 -4.38 -16.43 5.51
C GLU C 389 -5.19 -15.25 6.00
N TRP C 390 -5.49 -15.16 7.30
CA TRP C 390 -5.96 -13.89 7.82
C TRP C 390 -4.90 -12.82 7.63
N LEU C 391 -3.64 -13.19 7.81
CA LEU C 391 -2.55 -12.25 7.59
C LEU C 391 -2.40 -11.93 6.12
N ARG C 392 -2.61 -12.93 5.25
CA ARG C 392 -2.57 -12.65 3.82
C ARG C 392 -3.67 -11.67 3.44
N ARG C 393 -4.87 -11.86 3.98
CA ARG C 393 -6.04 -11.10 3.52
C ARG C 393 -6.10 -9.70 4.11
N TYR C 394 -5.65 -9.51 5.34
CA TYR C 394 -5.69 -8.21 5.99
C TYR C 394 -4.34 -7.52 6.02
N ASN C 395 -3.46 -7.84 5.07
CA ASN C 395 -2.24 -7.09 4.86
C ASN C 395 -1.34 -7.12 6.09
N ALA C 396 -1.26 -8.29 6.73
CA ALA C 396 -0.34 -8.52 7.84
C ALA C 396 -0.38 -7.35 8.83
N ASP C 397 -1.59 -6.91 9.16
CA ASP C 397 -1.87 -5.66 9.87
C ASP C 397 -1.69 -5.88 11.37
N ILE C 398 -0.58 -5.36 11.90
CA ILE C 398 -0.16 -5.60 13.28
C ILE C 398 -0.65 -4.50 14.23
N SER C 399 -1.45 -3.57 13.74
CA SER C 399 -1.78 -2.39 14.54
C SER C 399 -2.60 -2.74 15.78
N THR C 400 -3.56 -3.65 15.65
CA THR C 400 -4.41 -3.99 16.78
C THR C 400 -3.70 -4.84 17.84
N PHE C 401 -2.51 -5.34 17.53
CA PHE C 401 -1.76 -6.12 18.50
C PHE C 401 -1.11 -5.17 19.49
N PRO C 402 -1.50 -5.16 20.74
CA PRO C 402 -1.03 -4.13 21.66
C PRO C 402 0.44 -4.31 22.04
N LEU C 403 1.13 -3.18 22.15
CA LEU C 403 2.49 -3.12 22.68
C LEU C 403 2.53 -3.11 24.19
N GLU C 404 1.38 -2.88 24.84
CA GLU C 404 1.30 -2.64 26.26
C GLU C 404 -0.05 -3.08 26.79
N ASN C 405 -0.07 -3.45 28.07
CA ASN C 405 -1.28 -3.64 28.87
C ASN C 405 -2.10 -4.86 28.49
N ALA C 406 -1.56 -5.77 27.70
CA ALA C 406 -2.18 -7.06 27.50
C ALA C 406 -1.83 -7.98 28.67
N PRO C 407 -2.55 -9.09 28.87
CA PRO C 407 -2.20 -10.00 29.96
C PRO C 407 -0.73 -10.36 29.90
N ILE C 408 -0.13 -10.56 31.07
CA ILE C 408 1.30 -10.77 31.09
C ILE C 408 1.64 -11.90 30.13
N GLY C 409 2.68 -11.71 29.32
CA GLY C 409 3.06 -12.66 28.32
C GLY C 409 2.56 -12.36 26.91
N HIS C 410 1.59 -11.46 26.75
CA HIS C 410 1.03 -11.24 25.43
C HIS C 410 1.28 -9.84 24.89
N ASN C 411 2.12 -9.04 25.55
CA ASN C 411 2.53 -7.79 24.93
C ASN C 411 3.23 -8.10 23.63
N ARG C 412 3.13 -7.18 22.68
CA ARG C 412 3.60 -7.45 21.33
C ARG C 412 5.06 -7.90 21.31
N GLN C 413 5.93 -7.19 22.03
CA GLN C 413 7.36 -7.48 22.01
C GLN C 413 7.80 -8.37 23.16
N TYR C 414 6.85 -9.03 23.82
CA TYR C 414 7.17 -10.00 24.85
C TYR C 414 7.85 -11.22 24.24
N ASN C 415 8.96 -11.65 24.81
CA ASN C 415 9.56 -12.91 24.38
C ASN C 415 8.66 -14.06 24.78
N MET C 416 8.21 -14.86 23.81
CA MET C 416 7.24 -15.90 24.08
C MET C 416 7.85 -16.99 24.96
N VAL C 417 7.16 -17.34 26.04
CA VAL C 417 7.70 -18.25 27.05
C VAL C 417 7.37 -19.73 26.77
N PRO C 418 8.37 -20.60 26.88
CA PRO C 418 9.77 -20.46 27.25
C PRO C 418 10.77 -20.68 26.14
N PHE C 419 10.67 -19.95 25.05
CA PHE C 419 11.43 -20.34 23.89
C PHE C 419 12.83 -19.77 23.91
N TRP C 420 13.77 -20.54 23.37
CA TRP C 420 15.15 -20.11 23.28
C TRP C 420 15.71 -20.40 21.91
N PRO C 421 16.44 -19.44 21.33
CA PRO C 421 16.76 -18.13 21.90
C PRO C 421 15.52 -17.25 21.94
N PRO C 422 15.55 -16.17 22.70
CA PRO C 422 14.33 -15.36 22.87
C PRO C 422 13.76 -14.96 21.53
N VAL C 423 12.45 -15.07 21.42
CA VAL C 423 11.72 -14.78 20.19
C VAL C 423 10.41 -14.11 20.57
N THR C 424 10.08 -13.02 19.91
CA THR C 424 8.95 -12.19 20.28
C THR C 424 7.76 -12.54 19.43
N ASN C 425 6.59 -12.10 19.88
CA ASN C 425 5.40 -12.32 19.10
C ASN C 425 5.49 -11.68 17.73
N THR C 426 6.16 -10.54 17.61
CA THR C 426 6.25 -9.86 16.33
C THR C 426 6.91 -10.75 15.28
N GLU C 427 7.92 -11.51 15.67
CA GLU C 427 8.64 -12.31 14.69
C GLU C 427 7.73 -13.32 14.03
N MET C 428 6.67 -13.75 14.71
CA MET C 428 5.72 -14.72 14.20
C MET C 428 4.54 -14.09 13.50
N PHE C 429 4.36 -12.79 13.58
CA PHE C 429 3.19 -12.14 12.97
C PHE C 429 3.51 -11.77 11.52
N VAL C 430 3.76 -12.79 10.71
CA VAL C 430 4.19 -12.63 9.34
C VAL C 430 3.42 -13.62 8.49
N THR C 431 3.21 -13.28 7.22
CA THR C 431 2.70 -14.29 6.31
C THR C 431 3.75 -15.36 6.18
N ALA C 432 3.34 -16.60 6.34
CA ALA C 432 4.26 -17.71 6.44
C ALA C 432 5.03 -18.01 5.16
N PRO C 433 4.40 -18.01 3.97
CA PRO C 433 5.15 -18.43 2.77
C PRO C 433 6.41 -17.64 2.52
N ASP C 434 6.36 -16.33 2.69
CA ASP C 434 7.46 -15.46 2.33
C ASP C 434 8.47 -15.27 3.46
N ASN C 435 8.07 -15.52 4.69
CA ASN C 435 8.91 -15.18 5.82
C ASN C 435 9.32 -16.37 6.65
N LEU C 436 8.52 -17.43 6.70
CA LEU C 436 8.79 -18.54 7.58
C LEU C 436 9.08 -19.82 6.81
N GLY C 437 9.06 -19.77 5.49
CA GLY C 437 9.49 -20.91 4.73
C GLY C 437 8.47 -22.01 4.64
N TYR C 438 7.19 -21.69 4.82
CA TYR C 438 6.19 -22.73 4.72
C TYR C 438 4.86 -22.15 4.32
N THR C 439 4.00 -23.02 3.80
CA THR C 439 2.69 -22.61 3.33
C THR C 439 1.72 -23.77 3.50
N TYR C 440 0.44 -23.47 3.38
CA TYR C 440 -0.62 -24.47 3.52
C TYR C 440 -1.23 -24.79 2.17
N GLU C 441 -1.35 -26.07 1.87
CA GLU C 441 -2.12 -26.58 0.74
C GLU C 441 -3.55 -26.71 1.21
N ILE C 442 -4.34 -25.66 0.98
CA ILE C 442 -5.67 -25.56 1.55
C ILE C 442 -6.47 -24.61 0.69
N GLN C 443 -7.78 -24.79 0.68
CA GLN C 443 -8.68 -23.92 -0.04
C GLN C 443 -9.81 -23.56 0.90
N TRP C 444 -10.36 -22.37 0.73
CA TRP C 444 -11.21 -21.87 1.80
C TRP C 444 -12.67 -21.76 1.38
N PRO C 445 -13.60 -22.05 2.29
CA PRO C 445 -15.03 -21.89 1.98
C PRO C 445 -15.42 -20.43 1.82
N SER C 446 -16.43 -20.21 0.99
CA SER C 446 -16.94 -18.87 0.76
C SER C 446 -18.48 -18.86 0.69
N GLN D 1 -18.95 13.58 11.04
CA GLN D 1 -17.74 13.15 11.73
C GLN D 1 -16.53 13.32 10.85
N PHE D 2 -15.48 12.60 11.12
CA PHE D 2 -14.31 13.22 10.53
C PHE D 2 -13.71 12.34 9.46
N PRO D 3 -13.03 12.93 8.50
CA PRO D 3 -12.31 12.12 7.53
C PRO D 3 -11.28 11.26 8.22
N ARG D 4 -11.20 10.00 7.80
CA ARG D 4 -10.25 9.12 8.47
C ARG D 4 -8.86 9.74 8.48
N GLN D 5 -8.54 10.54 7.46
CA GLN D 5 -7.24 11.21 7.37
C GLN D 5 -6.99 12.13 8.56
N CYS D 6 -8.04 12.71 9.10
CA CYS D 6 -7.93 13.62 10.22
C CYS D 6 -8.12 12.93 11.56
N ALA D 7 -8.62 11.71 11.58
CA ALA D 7 -8.82 10.98 12.84
C ALA D 7 -7.53 10.40 13.38
N THR D 8 -6.44 11.15 13.30
CA THR D 8 -5.12 10.73 13.73
C THR D 8 -4.68 11.62 14.89
N VAL D 9 -3.62 11.20 15.58
CA VAL D 9 -3.11 12.02 16.67
C VAL D 9 -2.53 13.32 16.14
N GLU D 10 -1.68 13.22 15.11
CA GLU D 10 -1.05 14.40 14.54
C GLU D 10 -2.06 15.47 14.19
N ALA D 11 -3.16 15.07 13.58
CA ALA D 11 -4.15 16.02 13.09
C ALA D 11 -5.00 16.56 14.21
N LEU D 12 -5.30 15.74 15.22
CA LEU D 12 -6.10 16.21 16.34
C LEU D 12 -5.30 17.16 17.23
N ARG D 13 -3.97 17.01 17.27
CA ARG D 13 -3.13 17.95 17.99
C ARG D 13 -2.93 19.24 17.21
N SER D 14 -2.78 19.16 15.90
CA SER D 14 -2.67 20.38 15.11
C SER D 14 -3.96 21.15 15.08
N GLY D 15 -5.10 20.50 15.36
CA GLY D 15 -6.38 21.16 15.22
C GLY D 15 -6.72 21.49 13.80
N MET D 16 -6.03 20.90 12.85
CA MET D 16 -6.18 21.22 11.45
C MET D 16 -6.60 19.94 10.75
N CYS D 17 -7.72 20.01 10.05
CA CYS D 17 -8.23 18.93 9.22
C CYS D 17 -8.20 19.47 7.80
N CYS D 18 -7.09 19.24 7.13
CA CYS D 18 -6.87 19.74 5.78
C CYS D 18 -6.08 18.68 5.04
N PRO D 19 -6.74 17.61 4.62
CA PRO D 19 -6.00 16.51 4.03
C PRO D 19 -5.52 16.87 2.65
N ASP D 20 -4.59 16.07 2.15
CA ASP D 20 -4.14 16.26 0.80
C ASP D 20 -5.21 15.84 -0.17
N LEU D 21 -5.13 16.34 -1.40
CA LEU D 21 -5.97 15.91 -2.50
C LEU D 21 -5.17 15.08 -3.49
N SER D 22 -4.26 15.70 -4.25
CA SER D 22 -3.32 15.00 -5.14
C SER D 22 -1.90 15.36 -4.72
N PRO D 23 -1.44 14.81 -3.83
CA PRO D 23 -0.17 15.26 -3.24
C PRO D 23 1.03 14.68 -3.99
N VAL D 24 1.30 15.23 -5.17
CA VAL D 24 2.33 14.64 -6.04
C VAL D 24 3.73 14.84 -5.45
N SER D 25 3.99 16.01 -4.88
CA SER D 25 5.28 16.31 -4.27
C SER D 25 5.42 15.76 -2.85
N GLY D 26 4.67 14.74 -2.46
CA GLY D 26 4.74 14.21 -1.11
C GLY D 26 3.71 14.86 -0.19
N PRO D 27 3.49 14.24 0.97
CA PRO D 27 2.50 14.79 1.90
C PRO D 27 2.72 16.27 2.15
N GLY D 28 1.63 16.99 2.41
CA GLY D 28 1.71 18.39 2.77
C GLY D 28 1.63 19.34 1.60
N THR D 29 1.67 18.84 0.37
CA THR D 29 1.80 19.71 -0.79
C THR D 29 0.51 19.94 -1.54
N ASP D 30 -0.57 19.25 -1.20
CA ASP D 30 -1.83 19.53 -1.89
C ASP D 30 -2.97 19.59 -0.90
N ARG D 31 -2.70 20.10 0.30
CA ARG D 31 -3.78 20.35 1.23
C ARG D 31 -4.90 21.08 0.52
N CYS D 32 -6.13 20.59 0.71
CA CYS D 32 -7.34 21.20 0.19
C CYS D 32 -7.31 21.44 -1.31
N GLY D 33 -6.38 20.80 -2.02
CA GLY D 33 -6.35 20.95 -3.46
C GLY D 33 -5.89 22.30 -3.94
N SER D 34 -4.94 22.90 -3.25
CA SER D 34 -4.45 24.23 -3.62
C SER D 34 -3.48 24.20 -4.79
N SER D 35 -2.86 23.06 -5.08
CA SER D 35 -2.03 22.98 -6.28
C SER D 35 -2.83 23.40 -7.49
N SER D 36 -4.00 22.79 -7.68
CA SER D 36 -5.02 23.32 -8.56
C SER D 36 -5.83 24.38 -7.82
N GLY D 37 -6.81 24.98 -8.47
CA GLY D 37 -7.39 26.17 -7.87
C GLY D 37 -8.49 25.92 -6.86
N ARG D 38 -8.57 24.68 -6.34
CA ARG D 38 -9.83 24.17 -5.80
C ARG D 38 -10.19 24.72 -4.42
N GLY D 39 -9.24 24.92 -3.51
CA GLY D 39 -9.59 25.41 -2.19
C GLY D 39 -8.41 25.36 -1.26
N ARG D 40 -8.54 26.05 -0.12
CA ARG D 40 -7.41 26.29 0.78
C ARG D 40 -7.76 25.99 2.22
N CYS D 41 -6.73 25.63 2.98
CA CYS D 41 -6.82 25.41 4.42
C CYS D 41 -6.87 26.76 5.12
N GLU D 42 -8.02 27.12 5.63
CA GLU D 42 -8.25 28.38 6.32
C GLU D 42 -8.75 28.10 7.73
N ALA D 43 -9.13 29.15 8.43
CA ALA D 43 -9.72 28.99 9.75
C ALA D 43 -11.22 28.74 9.62
N VAL D 44 -11.78 28.27 10.67
CA VAL D 44 -13.19 27.92 10.72
C VAL D 44 -13.97 29.11 11.21
N THR D 45 -15.11 29.37 10.58
CA THR D 45 -16.08 30.33 11.08
C THR D 45 -17.16 29.57 11.84
N ALA D 46 -17.40 29.99 13.09
CA ALA D 46 -18.40 29.38 13.93
C ALA D 46 -19.35 30.45 14.45
N ASP D 47 -20.59 30.05 14.69
CA ASP D 47 -21.58 30.96 15.23
C ASP D 47 -21.27 31.21 16.69
N SER D 48 -20.75 32.40 16.97
CA SER D 48 -20.39 32.83 18.31
C SER D 48 -21.59 33.11 19.21
N ARG D 49 -22.72 33.29 18.64
CA ARG D 49 -23.86 34.03 19.16
C ARG D 49 -24.69 33.18 20.11
N PRO D 50 -25.40 33.80 21.07
CA PRO D 50 -26.01 33.02 22.17
C PRO D 50 -27.14 32.11 21.72
N HIS D 51 -27.52 31.24 22.66
CA HIS D 51 -28.62 30.30 22.51
C HIS D 51 -29.62 30.55 23.64
N SER D 52 -30.59 29.68 23.75
CA SER D 52 -31.62 29.86 24.76
C SER D 52 -31.07 29.47 26.12
N PRO D 53 -31.60 30.05 27.20
CA PRO D 53 -31.13 29.69 28.54
C PRO D 53 -31.44 28.26 28.92
N GLN D 54 -32.16 27.51 28.08
CA GLN D 54 -32.50 26.13 28.42
C GLN D 54 -31.26 25.27 28.59
N TYR D 55 -30.18 25.60 27.88
CA TYR D 55 -28.95 24.83 27.97
C TYR D 55 -27.97 25.58 28.85
N PRO D 56 -27.79 25.19 30.09
CA PRO D 56 -26.96 25.99 31.00
C PRO D 56 -25.48 25.70 30.88
N HIS D 57 -25.13 24.50 30.41
CA HIS D 57 -23.80 23.91 30.59
C HIS D 57 -22.78 24.32 29.54
N ASP D 58 -22.73 25.58 29.13
CA ASP D 58 -21.68 26.00 28.21
C ASP D 58 -20.31 25.66 28.75
N GLY D 59 -19.55 24.88 27.98
CA GLY D 59 -18.24 24.42 28.38
C GLY D 59 -18.13 22.94 28.67
N ARG D 60 -19.22 22.19 28.56
CA ARG D 60 -19.23 20.80 28.99
C ARG D 60 -19.38 19.78 27.88
N ASP D 61 -19.95 20.17 26.73
CA ASP D 61 -20.28 19.22 25.68
C ASP D 61 -19.48 19.55 24.42
N ASP D 62 -19.02 18.50 23.74
CA ASP D 62 -18.22 18.63 22.53
C ASP D 62 -19.00 19.18 21.35
N ARG D 63 -20.32 19.27 21.44
CA ARG D 63 -21.11 19.72 20.31
C ARG D 63 -21.26 21.24 20.25
N GLU D 64 -20.90 21.95 21.32
CA GLU D 64 -20.94 23.40 21.28
C GLU D 64 -19.96 23.93 20.26
N VAL D 65 -20.27 25.12 19.73
CA VAL D 65 -19.49 25.82 18.70
C VAL D 65 -18.77 24.85 17.77
N TRP D 66 -19.53 23.93 17.19
CA TRP D 66 -19.03 22.91 16.30
C TRP D 66 -18.35 23.52 15.08
N PRO D 67 -17.17 23.01 14.71
CA PRO D 67 -16.38 21.94 15.32
C PRO D 67 -15.17 22.34 16.14
N LEU D 68 -15.15 23.45 16.86
CA LEU D 68 -13.90 23.94 17.44
C LEU D 68 -13.41 23.14 18.61
N ARG D 69 -14.27 22.37 19.26
CA ARG D 69 -13.73 21.47 20.27
C ARG D 69 -12.85 20.40 19.65
N PHE D 70 -12.79 20.29 18.31
CA PHE D 70 -11.90 19.33 17.68
C PHE D 70 -10.92 19.94 16.69
N PHE D 71 -11.35 20.88 15.85
CA PHE D 71 -10.47 21.44 14.84
C PHE D 71 -10.76 22.92 14.67
N ASN D 72 -9.70 23.69 14.41
CA ASN D 72 -9.87 25.09 14.04
C ASN D 72 -9.43 25.41 12.61
N ARG D 73 -9.03 24.41 11.83
CA ARG D 73 -8.66 24.63 10.44
C ARG D 73 -9.34 23.59 9.57
N THR D 74 -9.96 24.04 8.48
CA THR D 74 -10.65 23.15 7.56
C THR D 74 -10.43 23.62 6.14
N CYS D 75 -10.83 22.77 5.21
CA CYS D 75 -10.79 23.15 3.81
C CYS D 75 -12.02 23.96 3.48
N HIS D 76 -11.79 25.20 3.08
CA HIS D 76 -12.80 25.99 2.40
C HIS D 76 -12.51 25.82 0.93
N CYS D 77 -13.56 25.58 0.16
CA CYS D 77 -13.34 25.40 -1.27
C CYS D 77 -13.86 26.59 -2.05
N ASN D 78 -13.40 26.69 -3.29
CA ASN D 78 -13.74 27.78 -4.17
C ASN D 78 -14.90 27.36 -5.08
N GLY D 79 -15.90 28.23 -5.18
CA GLY D 79 -16.93 28.07 -6.19
C GLY D 79 -17.83 26.87 -5.96
N ASN D 80 -17.79 25.92 -6.88
CA ASN D 80 -18.63 24.73 -6.81
C ASN D 80 -17.84 23.46 -6.48
N PHE D 81 -16.66 23.62 -5.87
CA PHE D 81 -15.93 22.49 -5.31
C PHE D 81 -16.33 22.33 -3.85
N SER D 82 -16.30 21.09 -3.37
CA SER D 82 -16.82 20.85 -2.03
C SER D 82 -16.12 19.64 -1.41
N GLY D 83 -16.42 19.40 -0.14
CA GLY D 83 -15.98 18.21 0.55
C GLY D 83 -14.70 18.42 1.33
N HIS D 84 -14.39 17.49 2.22
CA HIS D 84 -13.25 17.59 3.12
C HIS D 84 -11.94 17.83 2.38
N ASN D 85 -11.97 17.62 1.08
CA ASN D 85 -10.79 17.62 0.23
C ASN D 85 -10.77 18.76 -0.75
N CYS D 86 -11.87 19.48 -0.89
CA CYS D 86 -12.23 20.11 -2.15
C CYS D 86 -12.00 19.17 -3.32
N GLY D 87 -12.24 17.88 -3.11
CA GLY D 87 -12.03 16.85 -4.11
C GLY D 87 -13.28 16.33 -4.78
N THR D 88 -14.42 17.00 -4.58
CA THR D 88 -15.69 16.65 -5.20
C THR D 88 -16.38 17.96 -5.52
N CYS D 89 -17.68 17.90 -5.80
CA CYS D 89 -18.45 19.08 -6.14
C CYS D 89 -19.57 19.27 -5.11
N ARG D 90 -20.13 20.35 -5.14
CA ARG D 90 -21.30 20.77 -4.38
C ARG D 90 -22.58 20.36 -5.09
N PRO D 91 -23.66 20.14 -4.33
CA PRO D 91 -24.94 19.73 -4.95
C PRO D 91 -25.33 20.45 -6.22
N GLY D 92 -25.63 19.65 -7.25
CA GLY D 92 -26.08 20.16 -8.51
C GLY D 92 -25.01 20.20 -9.58
N TRP D 93 -23.85 19.61 -9.32
CA TRP D 93 -22.70 19.78 -10.18
C TRP D 93 -21.84 18.54 -10.12
N ARG D 94 -21.39 18.06 -11.28
CA ARG D 94 -20.40 17.01 -11.38
C ARG D 94 -19.32 17.47 -12.35
N GLY D 95 -18.33 16.63 -12.57
CA GLY D 95 -17.27 16.93 -13.50
C GLY D 95 -15.97 17.26 -12.79
N ALA D 96 -14.88 17.10 -13.53
CA ALA D 96 -13.58 17.45 -12.98
C ALA D 96 -13.57 18.90 -12.55
N ALA D 97 -14.08 19.79 -13.39
CA ALA D 97 -14.09 21.21 -13.10
C ALA D 97 -15.33 21.66 -12.35
N CYS D 98 -16.22 20.73 -11.97
CA CYS D 98 -17.48 21.06 -11.32
C CYS D 98 -18.23 22.13 -12.10
N ASP D 99 -18.37 21.89 -13.40
CA ASP D 99 -19.18 22.73 -14.27
C ASP D 99 -20.34 22.01 -14.91
N GLN D 100 -20.30 20.67 -14.98
CA GLN D 100 -21.38 19.90 -15.58
C GLN D 100 -22.54 19.85 -14.60
N ARG D 101 -23.67 20.43 -15.01
CA ARG D 101 -24.84 20.56 -14.15
C ARG D 101 -25.68 19.30 -14.17
N VAL D 102 -26.35 19.01 -13.05
CA VAL D 102 -27.30 17.91 -12.97
C VAL D 102 -28.40 18.30 -12.00
N LEU D 103 -29.48 17.51 -12.01
CA LEU D 103 -30.65 17.77 -11.17
C LEU D 103 -31.45 16.48 -11.12
N ILE D 104 -31.45 15.82 -9.97
CA ILE D 104 -32.10 14.53 -9.83
C ILE D 104 -33.51 14.73 -9.30
N VAL D 105 -34.34 13.71 -9.44
CA VAL D 105 -35.75 13.78 -9.08
C VAL D 105 -36.03 12.73 -8.01
N ARG D 106 -36.70 13.14 -6.94
CA ARG D 106 -37.10 12.25 -5.86
C ARG D 106 -38.57 11.93 -6.01
N ARG D 107 -38.88 10.69 -6.34
CA ARG D 107 -40.24 10.29 -6.67
C ARG D 107 -40.89 9.57 -5.49
N ASN D 108 -42.22 9.46 -5.56
CA ASN D 108 -42.96 8.64 -4.60
C ASN D 108 -42.52 7.21 -4.74
N LEU D 109 -42.35 6.51 -3.60
CA LEU D 109 -41.82 5.17 -3.68
C LEU D 109 -42.76 4.25 -4.45
N LEU D 110 -44.06 4.44 -4.27
CA LEU D 110 -45.04 3.56 -4.92
C LEU D 110 -45.13 3.79 -6.43
N ASP D 111 -44.72 4.95 -6.95
CA ASP D 111 -44.70 5.17 -8.39
C ASP D 111 -43.54 4.47 -9.09
N LEU D 112 -42.65 3.83 -8.36
CA LEU D 112 -41.47 3.27 -8.98
C LEU D 112 -41.81 1.95 -9.62
N SER D 113 -41.05 1.58 -10.64
CA SER D 113 -41.33 0.33 -11.29
C SER D 113 -40.91 -0.83 -10.38
N LYS D 114 -41.25 -2.04 -10.79
CA LYS D 114 -40.80 -3.21 -10.05
C LYS D 114 -39.29 -3.24 -9.94
N GLU D 115 -38.59 -2.99 -11.03
CA GLU D 115 -37.12 -3.10 -10.99
C GLU D 115 -36.52 -1.96 -10.18
N GLU D 116 -37.15 -0.79 -10.22
CA GLU D 116 -36.66 0.33 -9.45
C GLU D 116 -36.92 0.13 -7.97
N LYS D 117 -38.09 -0.40 -7.62
CA LYS D 117 -38.36 -0.69 -6.23
C LYS D 117 -37.39 -1.72 -5.68
N ASN D 118 -37.01 -2.68 -6.50
CA ASN D 118 -36.05 -3.67 -6.03
C ASN D 118 -34.66 -3.07 -5.93
N HIS D 119 -34.30 -2.20 -6.87
CA HIS D 119 -32.98 -1.59 -6.84
C HIS D 119 -32.79 -0.77 -5.57
N PHE D 120 -33.82 -0.04 -5.16
CA PHE D 120 -33.73 0.80 -3.97
C PHE D 120 -33.53 -0.05 -2.72
N VAL D 121 -34.30 -1.12 -2.57
CA VAL D 121 -34.22 -1.92 -1.37
C VAL D 121 -32.86 -2.60 -1.24
N ARG D 122 -32.31 -3.11 -2.34
CA ARG D 122 -30.99 -3.71 -2.26
C ARG D 122 -29.91 -2.67 -2.06
N ALA D 123 -30.14 -1.45 -2.53
CA ALA D 123 -29.17 -0.39 -2.32
C ALA D 123 -29.10 -0.03 -0.84
N LEU D 124 -30.23 0.11 -0.17
CA LEU D 124 -30.20 0.29 1.27
C LEU D 124 -29.49 -0.88 1.94
N ASP D 125 -29.81 -2.10 1.54
CA ASP D 125 -29.14 -3.22 2.18
C ASP D 125 -27.67 -3.23 1.85
N MET D 126 -27.28 -2.68 0.71
CA MET D 126 -25.85 -2.55 0.44
C MET D 126 -25.23 -1.49 1.32
N ALA D 127 -25.92 -0.39 1.54
CA ALA D 127 -25.38 0.68 2.35
C ALA D 127 -25.22 0.24 3.79
N LYS D 128 -26.01 -0.72 4.25
CA LYS D 128 -25.88 -1.18 5.62
C LYS D 128 -24.64 -2.03 5.80
N ARG D 129 -24.21 -2.73 4.76
CA ARG D 129 -23.12 -3.68 4.85
C ARG D 129 -21.80 -3.10 4.44
N THR D 130 -21.80 -1.94 3.80
CA THR D 130 -20.61 -1.38 3.17
C THR D 130 -19.94 -0.37 4.08
N THR D 131 -18.65 -0.55 4.33
CA THR D 131 -17.90 0.39 5.14
C THR D 131 -17.85 1.76 4.49
N HIS D 132 -18.01 2.80 5.29
CA HIS D 132 -18.03 4.15 4.76
C HIS D 132 -16.62 4.55 4.33
N PRO D 133 -16.43 4.95 3.06
CA PRO D 133 -15.05 5.15 2.58
C PRO D 133 -14.35 6.34 3.19
N LEU D 134 -15.07 7.30 3.73
CA LEU D 134 -14.49 8.59 4.09
C LEU D 134 -14.56 8.92 5.57
N PHE D 135 -15.65 8.62 6.26
CA PHE D 135 -15.77 9.02 7.65
C PHE D 135 -15.56 7.85 8.60
N VAL D 136 -14.99 8.15 9.76
CA VAL D 136 -15.00 7.25 10.89
C VAL D 136 -15.79 7.93 12.00
N ILE D 137 -16.13 7.17 13.03
CA ILE D 137 -16.94 7.72 14.12
C ILE D 137 -16.22 7.57 15.44
N ALA D 138 -16.44 8.53 16.33
CA ALA D 138 -15.78 8.59 17.62
C ALA D 138 -16.58 7.82 18.66
N THR D 139 -15.97 6.81 19.25
CA THR D 139 -16.59 6.04 20.33
C THR D 139 -16.41 6.68 21.71
N ARG D 140 -15.69 7.78 21.82
CA ARG D 140 -15.43 8.44 23.10
C ARG D 140 -15.54 9.94 22.92
N ARG D 141 -15.63 10.65 24.04
CA ARG D 141 -15.65 12.10 23.99
C ARG D 141 -14.23 12.65 23.98
N SER D 142 -14.10 13.91 23.58
CA SER D 142 -12.80 14.47 23.22
C SER D 142 -11.79 14.35 24.35
N GLU D 143 -12.24 14.56 25.59
CA GLU D 143 -11.36 14.34 26.73
C GLU D 143 -10.69 12.97 26.65
N GLU D 144 -11.42 11.95 26.19
CA GLU D 144 -10.90 10.60 26.13
C GLU D 144 -10.61 10.14 24.70
N ILE D 145 -10.62 11.07 23.74
CA ILE D 145 -10.55 10.69 22.34
C ILE D 145 -9.23 10.03 22.02
N LEU D 146 -8.16 10.41 22.70
CA LEU D 146 -6.87 9.83 22.35
C LEU D 146 -6.66 8.48 23.02
N GLY D 147 -7.60 8.04 23.83
CA GLY D 147 -7.58 6.71 24.37
C GLY D 147 -6.81 6.62 25.66
N PRO D 148 -6.39 5.42 26.02
CA PRO D 148 -5.74 5.22 27.31
C PRO D 148 -4.28 5.64 27.29
N ASP D 149 -3.47 4.98 26.47
CA ASP D 149 -2.09 5.36 26.33
C ASP D 149 -1.93 6.72 25.67
N GLY D 150 -2.96 7.53 25.57
CA GLY D 150 -2.88 8.82 24.92
C GLY D 150 -2.61 8.79 23.43
N ASN D 151 -2.34 7.63 22.85
CA ASN D 151 -2.02 7.57 21.42
C ASN D 151 -2.74 6.41 20.75
N THR D 152 -4.02 6.24 21.05
CA THR D 152 -4.87 5.35 20.27
C THR D 152 -6.14 6.15 19.97
N PRO D 153 -6.25 6.73 18.79
CA PRO D 153 -7.48 7.44 18.45
C PRO D 153 -8.67 6.50 18.55
N GLN D 154 -9.68 6.98 19.27
CA GLN D 154 -10.88 6.20 19.56
C GLN D 154 -11.93 6.42 18.46
N PHE D 155 -11.63 5.88 17.30
CA PHE D 155 -12.51 5.95 16.16
C PHE D 155 -12.70 4.56 15.58
N GLU D 156 -13.87 4.33 15.00
CA GLU D 156 -14.17 3.06 14.37
C GLU D 156 -14.61 3.30 12.95
N ASN D 157 -14.32 2.34 12.10
CA ASN D 157 -14.95 2.27 10.80
C ASN D 157 -16.46 2.03 10.98
N ILE D 158 -17.25 2.51 10.02
CA ILE D 158 -18.68 2.34 10.16
C ILE D 158 -19.31 2.26 8.77
N SER D 159 -20.41 1.54 8.67
CA SER D 159 -21.04 1.38 7.37
C SER D 159 -21.77 2.63 6.98
N ILE D 160 -21.94 2.81 5.68
CA ILE D 160 -22.58 4.01 5.13
C ILE D 160 -23.87 4.31 5.86
N TYR D 161 -24.69 3.29 6.10
CA TYR D 161 -26.00 3.55 6.66
C TYR D 161 -25.91 3.70 8.17
N ASN D 162 -25.08 2.91 8.83
CA ASN D 162 -24.89 3.13 10.26
C ASN D 162 -24.32 4.52 10.55
N TYR D 163 -23.48 5.05 9.67
CA TYR D 163 -23.07 6.44 9.82
C TYR D 163 -24.26 7.37 9.76
N PHE D 164 -25.27 7.03 8.97
CA PHE D 164 -26.45 7.87 8.85
C PHE D 164 -27.24 7.86 10.14
N VAL D 165 -27.20 6.78 10.90
CA VAL D 165 -27.94 6.75 12.14
C VAL D 165 -27.08 7.24 13.29
N TRP D 166 -25.77 7.06 13.22
CA TRP D 166 -24.88 7.66 14.21
C TRP D 166 -24.96 9.18 14.20
N THR D 167 -24.83 9.82 13.03
CA THR D 167 -24.86 11.27 13.03
C THR D 167 -26.15 11.79 13.65
N HIS D 168 -27.26 11.11 13.38
CA HIS D 168 -28.53 11.49 14.01
C HIS D 168 -28.47 11.31 15.52
N TYR D 169 -27.91 10.20 15.98
CA TYR D 169 -27.80 9.98 17.42
C TYR D 169 -26.94 11.07 18.07
N TYR D 170 -25.77 11.34 17.51
CA TYR D 170 -24.86 12.28 18.14
C TYR D 170 -25.51 13.64 18.34
N SER D 171 -26.49 14.01 17.52
CA SER D 171 -27.13 15.32 17.62
C SER D 171 -28.23 15.38 18.67
N VAL D 172 -28.81 14.24 19.06
CA VAL D 172 -29.85 14.21 20.08
C VAL D 172 -29.38 13.59 21.37
N LYS D 173 -28.16 13.06 21.42
CA LYS D 173 -27.47 12.61 22.62
C LYS D 173 -27.65 13.57 23.77
N LYS D 174 -27.56 13.07 24.99
CA LYS D 174 -27.56 13.93 26.16
C LYS D 174 -26.13 14.28 26.52
N THR D 175 -25.97 15.48 27.07
CA THR D 175 -24.66 15.97 27.51
C THR D 175 -24.15 15.14 28.68
N PHE D 176 -23.04 14.45 28.49
CA PHE D 176 -22.48 13.72 29.60
C PHE D 176 -21.86 14.71 30.59
N LEU D 177 -22.23 14.61 31.86
CA LEU D 177 -21.75 15.55 32.85
C LEU D 177 -20.64 14.99 33.72
N GLY D 178 -20.72 13.71 34.08
CA GLY D 178 -19.67 13.09 34.86
C GLY D 178 -20.18 11.82 35.50
N VAL D 179 -19.30 10.82 35.64
CA VAL D 179 -19.75 9.53 36.14
C VAL D 179 -20.30 9.69 37.55
N GLY D 180 -21.48 9.14 37.77
CA GLY D 180 -22.19 9.29 39.01
C GLY D 180 -23.30 10.31 38.97
N GLN D 181 -23.24 11.27 38.07
CA GLN D 181 -24.29 12.26 37.92
C GLN D 181 -25.29 11.82 36.87
N GLU D 182 -26.33 12.62 36.72
CA GLU D 182 -27.42 12.36 35.78
C GLU D 182 -27.24 13.28 34.58
N SER D 183 -27.10 12.69 33.40
CA SER D 183 -26.82 13.45 32.19
C SER D 183 -28.02 14.32 31.80
N PHE D 184 -27.74 15.38 31.05
CA PHE D 184 -28.69 16.44 30.76
C PHE D 184 -29.29 16.28 29.37
N GLY D 185 -30.61 16.29 29.29
CA GLY D 185 -31.28 15.96 28.05
C GLY D 185 -32.27 16.99 27.51
N GLU D 186 -32.34 18.15 28.15
CA GLU D 186 -33.09 19.26 27.55
C GLU D 186 -32.23 19.95 26.50
N VAL D 187 -31.64 19.16 25.62
CA VAL D 187 -30.80 19.66 24.54
C VAL D 187 -31.01 18.76 23.34
N ASP D 188 -31.11 19.37 22.16
CA ASP D 188 -31.40 18.60 20.95
C ASP D 188 -31.03 19.46 19.76
N PHE D 189 -29.94 19.10 19.10
CA PHE D 189 -29.40 19.93 18.03
C PHE D 189 -30.16 19.82 16.73
N SER D 190 -31.08 18.85 16.60
CA SER D 190 -31.71 18.59 15.31
C SER D 190 -33.24 18.56 15.33
N HIS D 191 -33.88 18.58 16.50
CA HIS D 191 -35.31 18.75 16.56
C HIS D 191 -35.66 19.76 17.64
N GLU D 192 -36.95 20.01 17.81
CA GLU D 192 -37.45 20.99 18.75
C GLU D 192 -36.72 22.32 18.58
N GLY D 193 -36.76 22.84 17.36
CA GLY D 193 -36.14 24.10 17.02
C GLY D 193 -36.08 24.31 15.52
N PRO D 194 -35.76 25.51 15.07
CA PRO D 194 -35.81 25.80 13.62
C PRO D 194 -34.87 24.99 12.78
N ALA D 195 -33.79 24.43 13.35
CA ALA D 195 -32.83 23.71 12.54
C ALA D 195 -33.35 22.36 12.11
N PHE D 196 -34.53 21.97 12.59
CA PHE D 196 -35.09 20.66 12.30
C PHE D 196 -35.13 20.38 10.81
N LEU D 197 -35.81 21.23 10.06
CA LEU D 197 -35.90 20.98 8.63
C LEU D 197 -34.55 21.11 7.93
N THR D 198 -33.67 22.01 8.40
CA THR D 198 -32.39 22.13 7.72
C THR D 198 -31.49 20.98 8.08
N TRP D 199 -31.47 20.58 9.36
CA TRP D 199 -30.61 19.48 9.77
C TRP D 199 -30.95 18.21 9.01
N HIS D 200 -32.23 17.81 9.04
CA HIS D 200 -32.63 16.55 8.41
C HIS D 200 -32.51 16.62 6.91
N ARG D 201 -32.65 17.79 6.32
CA ARG D 201 -32.43 17.91 4.89
C ARG D 201 -31.01 17.56 4.50
N TYR D 202 -30.01 18.04 5.25
CA TYR D 202 -28.63 17.70 4.93
C TYR D 202 -28.35 16.23 5.22
N HIS D 203 -28.74 15.76 6.40
CA HIS D 203 -28.68 14.35 6.74
C HIS D 203 -29.05 13.47 5.55
N LEU D 204 -30.14 13.82 4.86
CA LEU D 204 -30.59 13.09 3.68
C LEU D 204 -29.64 13.28 2.51
N LEU D 205 -29.40 14.52 2.11
CA LEU D 205 -28.44 14.84 1.06
C LEU D 205 -27.10 14.15 1.26
N ARG D 206 -26.70 13.88 2.49
CA ARG D 206 -25.44 13.20 2.72
C ARG D 206 -25.55 11.70 2.44
N LEU D 207 -26.60 11.04 2.91
CA LEU D 207 -26.82 9.63 2.56
C LEU D 207 -26.98 9.46 1.06
N GLU D 208 -27.79 10.31 0.43
CA GLU D 208 -27.97 10.26 -1.01
C GLU D 208 -26.65 10.31 -1.76
N LYS D 209 -25.72 11.17 -1.34
CA LYS D 209 -24.44 11.21 -2.02
C LYS D 209 -23.64 9.96 -1.74
N ASP D 210 -23.67 9.48 -0.51
CA ASP D 210 -22.86 8.31 -0.20
C ASP D 210 -23.33 7.10 -0.98
N MET D 211 -24.62 7.00 -1.26
CA MET D 211 -25.13 5.87 -2.02
C MET D 211 -24.87 6.04 -3.50
N GLN D 212 -24.99 7.27 -3.99
CA GLN D 212 -24.55 7.57 -5.34
C GLN D 212 -23.12 7.12 -5.57
N GLU D 213 -22.21 7.45 -4.67
CA GLU D 213 -20.84 7.00 -4.88
C GLU D 213 -20.71 5.50 -4.72
N MET D 214 -21.55 4.90 -3.88
CA MET D 214 -21.48 3.46 -3.65
C MET D 214 -21.97 2.69 -4.86
N LEU D 215 -23.04 3.14 -5.46
CA LEU D 215 -23.66 2.46 -6.59
C LEU D 215 -23.02 2.81 -7.92
N GLN D 216 -22.11 3.76 -7.96
CA GLN D 216 -21.62 4.33 -9.20
C GLN D 216 -22.80 4.78 -10.07
N GLU D 217 -23.72 5.50 -9.44
CA GLU D 217 -24.95 5.99 -10.04
C GLU D 217 -25.09 7.47 -9.74
N PRO D 218 -24.57 8.33 -10.58
CA PRO D 218 -24.73 9.77 -10.34
C PRO D 218 -26.17 10.18 -10.11
N SER D 219 -27.10 9.61 -10.86
CA SER D 219 -28.48 10.07 -10.83
C SER D 219 -29.30 9.47 -9.70
N PHE D 220 -28.75 8.52 -8.96
CA PHE D 220 -29.52 7.79 -7.98
C PHE D 220 -30.14 8.72 -6.96
N SER D 221 -31.45 8.63 -6.81
CA SER D 221 -32.17 9.53 -5.93
C SER D 221 -32.85 8.73 -4.83
N LEU D 222 -33.32 9.43 -3.84
CA LEU D 222 -34.03 8.81 -2.74
C LEU D 222 -35.53 9.04 -2.89
N PRO D 223 -36.32 7.99 -2.88
CA PRO D 223 -37.75 8.12 -3.00
C PRO D 223 -38.34 8.63 -1.70
N TYR D 224 -39.63 8.88 -1.71
CA TYR D 224 -40.31 9.37 -0.53
C TYR D 224 -41.56 8.55 -0.30
N TRP D 225 -42.12 8.74 0.87
CA TRP D 225 -43.28 8.01 1.34
C TRP D 225 -44.36 9.03 1.66
N ASN D 226 -45.54 8.87 1.06
CA ASN D 226 -46.66 9.76 1.40
C ASN D 226 -47.44 9.10 2.53
N PHE D 227 -47.14 9.51 3.77
CA PHE D 227 -47.84 9.04 4.96
C PHE D 227 -49.02 9.91 5.30
N ALA D 228 -49.20 11.02 4.61
CA ALA D 228 -50.34 11.89 4.77
C ALA D 228 -51.58 11.38 4.07
N THR D 229 -51.84 10.08 4.11
CA THR D 229 -52.95 9.46 3.41
C THR D 229 -54.14 9.19 4.29
N GLY D 230 -54.03 9.43 5.60
CA GLY D 230 -55.10 9.15 6.53
C GLY D 230 -55.20 7.70 6.94
N LYS D 231 -54.29 6.85 6.50
CA LYS D 231 -54.53 5.42 6.51
C LYS D 231 -54.33 4.82 7.89
N ASN D 232 -54.77 3.58 8.02
CA ASN D 232 -54.71 2.77 9.22
C ASN D 232 -53.49 1.87 9.25
N VAL D 233 -52.79 1.77 8.12
CA VAL D 233 -51.75 0.77 7.88
C VAL D 233 -50.59 1.44 7.16
N CYS D 234 -49.52 0.69 6.99
CA CYS D 234 -48.29 1.21 6.40
C CYS D 234 -48.24 0.73 4.95
N ASP D 235 -48.63 1.60 4.02
CA ASP D 235 -48.74 1.16 2.65
C ASP D 235 -47.42 0.85 1.97
N ILE D 236 -46.29 0.92 2.68
CA ILE D 236 -45.01 0.52 2.13
C ILE D 236 -44.40 -0.62 2.93
N CYS D 237 -45.17 -1.19 3.83
CA CYS D 237 -44.73 -2.30 4.67
C CYS D 237 -45.08 -3.62 4.00
N THR D 238 -44.43 -3.85 2.87
CA THR D 238 -44.60 -5.02 2.05
C THR D 238 -43.23 -5.55 1.68
N ASP D 239 -43.10 -6.86 1.53
CA ASP D 239 -41.78 -7.46 1.43
C ASP D 239 -41.05 -7.00 0.19
N ASP D 240 -41.75 -6.64 -0.87
CA ASP D 240 -40.98 -6.10 -1.98
C ASP D 240 -40.48 -4.70 -1.68
N LEU D 241 -40.87 -4.11 -0.56
CA LEU D 241 -40.48 -2.76 -0.17
C LEU D 241 -39.89 -2.85 1.24
N MET D 242 -40.41 -2.09 2.19
CA MET D 242 -39.82 -1.95 3.52
C MET D 242 -40.22 -3.05 4.48
N GLY D 243 -40.83 -4.11 4.00
CA GLY D 243 -41.06 -5.26 4.83
C GLY D 243 -42.38 -5.31 5.56
N SER D 244 -43.00 -6.47 5.57
CA SER D 244 -44.28 -6.65 6.21
C SER D 244 -44.10 -7.30 7.57
N ARG D 245 -45.16 -7.29 8.35
CA ARG D 245 -45.06 -7.75 9.72
C ARG D 245 -44.74 -9.24 9.77
N SER D 246 -43.86 -9.61 10.69
CA SER D 246 -43.44 -11.00 10.80
C SER D 246 -44.57 -11.87 11.32
N ASN D 247 -44.81 -12.99 10.66
CA ASN D 247 -45.85 -13.88 11.20
C ASN D 247 -45.41 -14.60 12.46
N PHE D 248 -44.14 -14.54 12.84
CA PHE D 248 -43.67 -15.26 14.01
C PHE D 248 -43.40 -14.34 15.20
N ASP D 249 -43.69 -13.05 15.08
CA ASP D 249 -43.48 -12.06 16.13
C ASP D 249 -43.99 -10.72 15.64
N SER D 250 -45.07 -10.22 16.21
CA SER D 250 -45.71 -9.08 15.55
C SER D 250 -44.94 -7.79 15.68
N THR D 251 -43.82 -7.75 16.38
CA THR D 251 -43.02 -6.55 16.49
C THR D 251 -41.88 -6.53 15.49
N LEU D 252 -41.66 -7.62 14.77
CA LEU D 252 -40.52 -7.80 13.90
C LEU D 252 -40.92 -7.73 12.45
N ILE D 253 -39.96 -8.00 11.59
CA ILE D 253 -40.10 -7.80 10.16
C ILE D 253 -40.02 -9.16 9.52
N SER D 254 -40.97 -9.44 8.61
CA SER D 254 -41.07 -10.62 7.78
C SER D 254 -39.71 -11.13 7.35
N PRO D 255 -39.31 -12.31 7.76
CA PRO D 255 -38.04 -12.90 7.29
C PRO D 255 -37.86 -12.89 5.78
N ASN D 256 -38.87 -12.53 5.02
CA ASN D 256 -38.78 -12.48 3.56
C ASN D 256 -38.45 -11.10 3.03
N SER D 257 -38.13 -10.16 3.91
CA SER D 257 -37.49 -8.90 3.54
C SER D 257 -36.08 -8.86 4.07
N VAL D 258 -35.18 -8.23 3.33
CA VAL D 258 -33.80 -8.13 3.78
C VAL D 258 -33.70 -7.40 5.11
N PHE D 259 -34.62 -6.48 5.37
CA PHE D 259 -34.49 -5.66 6.56
C PHE D 259 -34.69 -6.44 7.84
N SER D 260 -35.18 -7.66 7.78
CA SER D 260 -35.26 -8.47 8.97
C SER D 260 -33.89 -8.94 9.39
N GLN D 261 -32.90 -8.85 8.50
CA GLN D 261 -31.55 -9.23 8.79
C GLN D 261 -30.74 -8.10 9.41
N TRP D 262 -31.20 -6.86 9.23
CA TRP D 262 -30.55 -5.71 9.82
C TRP D 262 -30.45 -5.84 11.32
N ARG D 263 -29.39 -5.28 11.88
CA ARG D 263 -29.17 -5.20 13.31
C ARG D 263 -28.75 -3.78 13.67
N VAL D 264 -29.25 -3.27 14.80
CA VAL D 264 -29.27 -1.83 15.06
C VAL D 264 -27.98 -1.37 15.74
N VAL D 265 -27.71 -0.07 15.64
CA VAL D 265 -26.62 0.56 16.35
C VAL D 265 -27.20 1.61 17.27
N CYS D 266 -26.47 1.88 18.35
CA CYS D 266 -26.76 2.94 19.30
C CYS D 266 -27.95 2.63 20.18
N ASP D 267 -28.25 1.36 20.48
CA ASP D 267 -29.39 1.15 21.37
C ASP D 267 -29.00 1.24 22.83
N SER D 268 -27.75 0.98 23.16
CA SER D 268 -27.32 0.95 24.55
C SER D 268 -27.16 2.36 25.10
N LEU D 269 -28.30 3.04 25.25
CA LEU D 269 -28.30 4.39 25.80
C LEU D 269 -27.78 4.43 27.23
N GLU D 270 -28.06 3.39 28.01
CA GLU D 270 -27.64 3.37 29.40
C GLU D 270 -26.13 3.28 29.53
N ASP D 271 -25.48 2.51 28.66
CA ASP D 271 -24.03 2.61 28.51
C ASP D 271 -23.64 4.07 28.32
N TYR D 272 -24.20 4.70 27.30
CA TYR D 272 -23.69 5.98 26.83
C TYR D 272 -23.85 7.06 27.88
N ASP D 273 -25.00 7.12 28.52
CA ASP D 273 -25.31 8.19 29.45
C ASP D 273 -24.83 7.91 30.87
N THR D 274 -24.07 6.86 31.10
CA THR D 274 -23.48 6.70 32.42
C THR D 274 -21.98 6.45 32.38
N LEU D 275 -21.50 5.65 31.44
CA LEU D 275 -20.04 5.51 31.33
C LEU D 275 -19.41 6.72 30.67
N GLY D 276 -20.19 7.52 29.97
CA GLY D 276 -19.68 8.66 29.24
C GLY D 276 -19.27 8.39 27.81
N THR D 277 -19.49 7.17 27.31
CA THR D 277 -19.09 6.78 25.98
C THR D 277 -20.09 7.25 24.93
N LEU D 278 -19.81 6.89 23.68
CA LEU D 278 -20.68 7.16 22.57
C LEU D 278 -21.07 5.87 21.87
N CYS D 279 -22.09 5.98 21.03
CA CYS D 279 -22.46 4.88 20.16
C CYS D 279 -21.30 4.47 19.26
N ASN D 280 -21.07 3.18 19.14
CA ASN D 280 -20.03 2.72 18.25
C ASN D 280 -20.59 1.80 17.17
N SER D 281 -19.69 1.14 16.46
CA SER D 281 -20.03 0.41 15.25
C SER D 281 -20.68 -0.95 15.51
N THR D 282 -20.76 -1.39 16.76
CA THR D 282 -21.21 -2.75 17.05
C THR D 282 -22.73 -2.81 17.09
N GLU D 283 -23.29 -3.70 16.25
CA GLU D 283 -24.72 -3.88 16.14
C GLU D 283 -25.22 -4.87 17.17
N ASP D 284 -26.50 -4.70 17.55
CA ASP D 284 -27.10 -5.55 18.57
C ASP D 284 -28.33 -6.25 17.99
N GLY D 285 -29.54 -5.80 18.31
CA GLY D 285 -30.74 -6.56 18.03
C GLY D 285 -31.43 -6.20 16.73
N PRO D 286 -32.67 -6.65 16.55
CA PRO D 286 -33.36 -6.45 15.28
C PRO D 286 -34.25 -5.21 15.33
N ILE D 287 -34.64 -4.77 14.14
CA ILE D 287 -35.55 -3.64 14.07
C ILE D 287 -36.88 -4.05 14.66
N ARG D 288 -37.48 -3.14 15.41
CA ARG D 288 -38.81 -3.34 15.96
C ARG D 288 -39.78 -2.44 15.23
N ARG D 289 -40.88 -3.01 14.76
CA ARG D 289 -41.90 -2.25 14.07
C ARG D 289 -43.24 -2.92 14.34
N ASN D 290 -44.27 -2.10 14.50
CA ASN D 290 -45.64 -2.53 14.74
C ASN D 290 -46.57 -1.41 14.30
N PRO D 291 -46.69 -1.15 13.00
CA PRO D 291 -47.47 0.00 12.57
C PRO D 291 -48.92 -0.10 13.02
N ALA D 292 -49.44 1.05 13.45
CA ALA D 292 -50.79 1.18 14.02
C ALA D 292 -50.91 0.43 15.33
N GLY D 293 -49.84 -0.19 15.78
CA GLY D 293 -49.91 -1.12 16.87
C GLY D 293 -49.84 -0.55 18.26
N ASN D 294 -49.95 0.78 18.42
CA ASN D 294 -49.84 1.39 19.75
C ASN D 294 -51.24 1.46 20.34
N VAL D 295 -51.67 0.34 20.93
CA VAL D 295 -53.02 0.25 21.43
C VAL D 295 -53.25 1.19 22.60
N ALA D 296 -52.19 1.59 23.30
CA ALA D 296 -52.34 2.38 24.50
C ALA D 296 -52.46 3.87 24.23
N ARG D 297 -52.00 4.36 23.08
CA ARG D 297 -52.11 5.76 22.72
C ARG D 297 -52.88 5.83 21.40
N PRO D 298 -54.23 5.77 21.47
CA PRO D 298 -55.02 5.71 20.23
C PRO D 298 -54.72 6.82 19.25
N MET D 299 -54.19 7.95 19.70
CA MET D 299 -53.96 9.07 18.80
C MET D 299 -52.89 8.77 17.76
N VAL D 300 -52.06 7.75 17.97
CA VAL D 300 -50.98 7.43 17.06
C VAL D 300 -51.24 6.10 16.39
N GLN D 301 -52.51 5.75 16.25
CA GLN D 301 -52.91 4.55 15.51
C GLN D 301 -53.40 4.87 14.12
N ARG D 302 -53.32 6.13 13.71
CA ARG D 302 -53.65 6.53 12.35
C ARG D 302 -52.68 7.61 11.92
N LEU D 303 -52.33 7.60 10.64
CA LEU D 303 -51.41 8.58 10.08
C LEU D 303 -52.11 9.92 9.90
N PRO D 304 -51.39 10.95 9.50
CA PRO D 304 -52.03 12.22 9.15
C PRO D 304 -52.91 12.09 7.92
N GLU D 305 -53.71 13.08 7.71
CA GLU D 305 -54.70 13.18 6.65
C GLU D 305 -54.23 14.13 5.56
N PRO D 306 -54.64 13.92 4.31
CA PRO D 306 -54.07 14.70 3.20
C PRO D 306 -54.19 16.20 3.35
N GLN D 307 -55.16 16.69 4.12
CA GLN D 307 -55.28 18.14 4.24
C GLN D 307 -54.48 18.67 5.40
N ASP D 308 -54.09 17.82 6.37
CA ASP D 308 -53.11 18.22 7.36
C ASP D 308 -51.91 18.87 6.70
N VAL D 309 -51.45 18.30 5.59
CA VAL D 309 -50.33 18.90 4.88
C VAL D 309 -50.77 20.17 4.15
N ALA D 310 -51.97 20.13 3.55
CA ALA D 310 -52.49 21.30 2.86
C ALA D 310 -52.66 22.48 3.80
N GLN D 311 -52.82 22.21 5.10
CA GLN D 311 -53.01 23.27 6.07
C GLN D 311 -51.68 23.84 6.55
N CYS D 312 -50.79 22.98 7.02
CA CYS D 312 -49.48 23.45 7.47
C CYS D 312 -48.73 24.18 6.38
N LEU D 313 -49.09 23.97 5.11
CA LEU D 313 -48.56 24.80 4.04
C LEU D 313 -49.20 26.18 3.99
N GLU D 314 -50.19 26.45 4.84
CA GLU D 314 -50.75 27.79 4.96
C GLU D 314 -50.31 28.49 6.23
N VAL D 315 -49.38 27.91 6.99
CA VAL D 315 -48.72 28.63 8.07
C VAL D 315 -47.60 29.47 7.46
N GLY D 316 -47.67 30.77 7.67
CA GLY D 316 -46.85 31.72 6.91
C GLY D 316 -45.56 32.17 7.54
N LEU D 317 -45.38 31.96 8.83
CA LEU D 317 -44.10 32.20 9.47
C LEU D 317 -43.39 30.87 9.67
N PHE D 318 -42.12 30.82 9.28
CA PHE D 318 -41.32 29.63 9.44
C PHE D 318 -41.28 29.21 10.90
N ASP D 319 -40.59 29.97 11.74
CA ASP D 319 -40.56 29.68 13.16
C ASP D 319 -40.98 30.90 13.96
N THR D 320 -41.30 30.67 15.22
CA THR D 320 -41.78 31.67 16.15
C THR D 320 -41.13 31.47 17.51
N PRO D 321 -40.88 32.56 18.26
CA PRO D 321 -40.41 32.48 19.64
C PRO D 321 -41.33 31.61 20.44
N PRO D 322 -40.80 30.78 21.34
CA PRO D 322 -39.41 30.61 21.79
C PRO D 322 -38.46 29.91 20.82
N PHE D 323 -38.93 29.58 19.61
CA PHE D 323 -38.20 28.73 18.67
C PHE D 323 -37.95 27.36 19.27
N TYR D 324 -39.01 26.72 19.75
CA TYR D 324 -38.89 25.45 20.46
C TYR D 324 -40.07 24.56 20.13
N SER D 325 -40.11 23.39 20.74
CA SER D 325 -41.16 22.43 20.45
C SER D 325 -42.51 22.90 20.89
N ASN D 326 -42.61 24.06 21.53
CA ASN D 326 -43.90 24.60 21.97
C ASN D 326 -44.18 25.95 21.33
N SER D 327 -43.67 26.18 20.12
CA SER D 327 -44.01 27.39 19.38
C SER D 327 -45.41 27.27 18.79
N THR D 328 -46.03 28.43 18.58
CA THR D 328 -47.34 28.53 17.96
C THR D 328 -47.20 29.30 16.65
N ASN D 329 -48.04 28.96 15.68
CA ASN D 329 -48.03 29.58 14.35
C ASN D 329 -46.68 29.41 13.65
N SER D 330 -45.96 28.34 14.01
CA SER D 330 -44.67 28.04 13.43
C SER D 330 -44.83 26.93 12.41
N PHE D 331 -44.46 27.21 11.16
CA PHE D 331 -44.46 26.17 10.15
C PHE D 331 -43.56 25.01 10.56
N ARG D 332 -42.31 25.32 10.92
CA ARG D 332 -41.37 24.29 11.34
C ARG D 332 -41.94 23.45 12.47
N ASN D 333 -42.53 24.08 13.48
CA ASN D 333 -43.07 23.29 14.57
C ASN D 333 -44.36 22.58 14.18
N THR D 334 -45.07 23.08 13.17
CA THR D 334 -46.27 22.39 12.71
C THR D 334 -45.89 21.11 11.97
N VAL D 335 -45.06 21.23 10.93
CA VAL D 335 -44.65 20.06 10.15
C VAL D 335 -43.83 19.09 10.98
N GLU D 336 -43.02 19.58 11.92
CA GLU D 336 -42.34 18.65 12.81
C GLU D 336 -43.35 17.81 13.58
N GLY D 337 -44.49 18.41 13.93
CA GLY D 337 -45.57 17.69 14.56
C GLY D 337 -45.77 17.96 16.04
N TYR D 338 -45.51 19.17 16.46
CA TYR D 338 -45.76 19.55 17.83
C TYR D 338 -46.95 20.47 17.95
N SER D 339 -47.19 21.24 16.92
CA SER D 339 -48.48 21.89 16.77
C SER D 339 -49.43 20.93 16.06
N ASP D 340 -50.66 21.35 15.85
CA ASP D 340 -51.56 20.68 14.93
C ASP D 340 -51.47 21.35 13.57
N PRO D 341 -52.09 20.78 12.53
CA PRO D 341 -51.85 21.31 11.18
C PRO D 341 -52.25 22.75 10.98
N THR D 342 -52.93 23.38 11.94
CA THR D 342 -53.31 24.78 11.79
C THR D 342 -52.18 25.74 12.15
N GLY D 343 -51.29 25.33 13.04
CA GLY D 343 -50.30 26.22 13.64
C GLY D 343 -50.47 26.39 15.13
N LYS D 344 -51.53 25.85 15.71
CA LYS D 344 -51.86 26.05 17.12
C LYS D 344 -51.14 25.01 17.96
N TYR D 345 -50.48 25.44 19.03
CA TYR D 345 -49.78 24.50 19.88
C TYR D 345 -50.74 23.84 20.84
N ASP D 346 -50.38 22.63 21.28
CA ASP D 346 -51.15 21.85 22.24
C ASP D 346 -50.26 20.74 22.79
N PRO D 347 -50.07 20.65 24.11
CA PRO D 347 -49.19 19.60 24.64
C PRO D 347 -49.63 18.18 24.29
N ALA D 348 -50.87 17.96 23.87
CA ALA D 348 -51.33 16.63 23.53
C ALA D 348 -51.17 16.29 22.05
N VAL D 349 -51.17 17.30 21.17
CA VAL D 349 -51.08 17.04 19.74
C VAL D 349 -49.72 16.46 19.39
N ARG D 350 -49.76 15.49 18.49
CA ARG D 350 -48.65 15.07 17.70
C ARG D 350 -49.25 14.99 16.34
N SER D 351 -48.62 15.63 15.36
CA SER D 351 -49.12 15.62 14.00
C SER D 351 -47.98 15.37 13.02
N LEU D 352 -48.35 15.09 11.78
CA LEU D 352 -47.42 15.06 10.65
C LEU D 352 -46.18 14.24 11.01
N HIS D 353 -44.97 14.80 10.84
CA HIS D 353 -43.72 14.07 11.02
C HIS D 353 -43.66 13.31 12.33
N ASN D 354 -44.11 13.92 13.41
CA ASN D 354 -44.07 13.21 14.67
C ASN D 354 -45.15 12.14 14.74
N LEU D 355 -46.29 12.40 14.12
CA LEU D 355 -47.33 11.39 14.03
C LEU D 355 -46.81 10.17 13.28
N ALA D 356 -46.17 10.39 12.14
CA ALA D 356 -45.62 9.28 11.37
C ALA D 356 -44.67 8.45 12.23
N HIS D 357 -43.75 9.09 12.93
CA HIS D 357 -42.74 8.40 13.70
C HIS D 357 -43.37 7.49 14.77
N LEU D 358 -44.41 7.94 15.47
CA LEU D 358 -44.98 7.15 16.53
C LEU D 358 -45.90 6.06 16.01
N PHE D 359 -46.44 6.28 14.81
CA PHE D 359 -47.36 5.32 14.19
C PHE D 359 -46.69 3.99 13.94
N LEU D 360 -45.44 3.99 13.47
CA LEU D 360 -44.71 2.74 13.30
C LEU D 360 -44.51 2.03 14.62
N ASN D 361 -44.53 2.76 15.71
CA ASN D 361 -44.53 2.16 17.02
C ASN D 361 -43.38 1.17 17.22
N GLY D 362 -42.17 1.66 17.40
CA GLY D 362 -41.05 0.75 17.56
C GLY D 362 -39.73 1.49 17.47
N THR D 363 -38.76 0.92 16.76
CA THR D 363 -37.48 1.59 16.61
C THR D 363 -37.64 2.95 15.94
N GLY D 364 -38.50 3.04 14.94
CA GLY D 364 -38.72 4.29 14.22
C GLY D 364 -39.32 5.42 15.03
N GLY D 365 -39.65 5.21 16.30
CA GLY D 365 -40.33 6.23 17.07
C GLY D 365 -39.54 6.67 18.29
N GLN D 366 -38.35 6.12 18.44
CA GLN D 366 -37.38 6.56 19.42
C GLN D 366 -36.38 7.49 18.74
N THR D 367 -36.09 8.63 19.36
CA THR D 367 -35.32 9.65 18.63
C THR D 367 -33.87 9.23 18.38
N HIS D 368 -33.32 8.30 19.15
CA HIS D 368 -31.92 7.95 18.99
C HIS D 368 -31.69 6.70 18.17
N LEU D 369 -32.73 6.00 17.72
CA LEU D 369 -32.52 4.94 16.74
C LEU D 369 -33.43 4.99 15.52
N SER D 370 -34.46 5.84 15.50
CA SER D 370 -35.44 5.80 14.44
C SER D 370 -34.84 5.71 13.03
N PRO D 371 -33.63 6.20 12.76
CA PRO D 371 -33.01 5.87 11.48
C PRO D 371 -32.62 4.42 11.33
N ASN D 372 -32.54 3.66 12.41
CA ASN D 372 -32.28 2.23 12.26
C ASN D 372 -33.36 1.57 11.43
N ASP D 373 -34.58 2.04 11.52
CA ASP D 373 -35.68 1.63 10.67
C ASP D 373 -35.61 2.41 9.37
N PRO D 374 -35.34 1.74 8.25
CA PRO D 374 -35.11 2.46 7.01
C PRO D 374 -36.28 3.30 6.56
N ILE D 375 -37.49 3.02 7.03
CA ILE D 375 -38.61 3.92 6.82
C ILE D 375 -38.24 5.38 7.09
N PHE D 376 -37.36 5.62 8.06
CA PHE D 376 -36.86 6.96 8.38
C PHE D 376 -36.46 7.73 7.13
N VAL D 377 -35.74 7.09 6.22
CA VAL D 377 -35.33 7.74 4.99
C VAL D 377 -36.53 8.33 4.27
N LEU D 378 -37.57 7.54 4.11
CA LEU D 378 -38.72 7.94 3.31
C LEU D 378 -39.64 8.84 4.08
N LEU D 379 -39.76 8.61 5.39
CA LEU D 379 -40.46 9.56 6.24
C LEU D 379 -39.85 10.94 6.09
N HIS D 380 -38.54 11.00 5.92
CA HIS D 380 -37.92 12.31 5.94
C HIS D 380 -37.75 12.91 4.56
N THR D 381 -37.56 12.14 3.50
CA THR D 381 -37.60 12.78 2.20
C THR D 381 -38.99 13.30 1.89
N PHE D 382 -40.02 12.84 2.60
CA PHE D 382 -41.33 13.44 2.40
C PHE D 382 -41.48 14.70 3.22
N THR D 383 -41.07 14.63 4.49
CA THR D 383 -41.01 15.83 5.30
C THR D 383 -40.17 16.90 4.64
N ASP D 384 -39.02 16.53 4.10
CA ASP D 384 -38.22 17.50 3.37
C ASP D 384 -38.93 17.98 2.13
N ALA D 385 -39.88 17.20 1.60
CA ALA D 385 -40.56 17.64 0.39
C ALA D 385 -41.53 18.76 0.68
N VAL D 386 -42.23 18.70 1.81
CA VAL D 386 -43.13 19.79 2.15
C VAL D 386 -42.34 21.03 2.53
N PHE D 387 -41.20 20.84 3.19
CA PHE D 387 -40.31 21.94 3.45
C PHE D 387 -40.01 22.68 2.16
N ASP D 388 -39.56 21.95 1.16
CA ASP D 388 -39.18 22.59 -0.07
C ASP D 388 -40.35 23.27 -0.78
N GLU D 389 -41.59 22.78 -0.59
CA GLU D 389 -42.74 23.47 -1.18
C GLU D 389 -43.08 24.73 -0.41
N TRP D 390 -42.80 24.74 0.88
CA TRP D 390 -42.89 25.97 1.65
C TRP D 390 -41.89 27.00 1.14
N LEU D 391 -40.68 26.57 0.80
CA LEU D 391 -39.68 27.50 0.31
C LEU D 391 -40.08 28.11 -1.02
N ARG D 392 -40.63 27.30 -1.92
CA ARG D 392 -41.04 27.85 -3.20
C ARG D 392 -42.22 28.78 -3.03
N ARG D 393 -43.14 28.44 -2.13
CA ARG D 393 -44.37 29.20 -1.99
C ARG D 393 -44.19 30.49 -1.21
N TYR D 394 -43.09 30.65 -0.49
CA TYR D 394 -42.85 31.85 0.33
C TYR D 394 -41.51 32.49 -0.02
N ASN D 395 -41.01 32.23 -1.21
CA ASN D 395 -39.76 32.81 -1.70
C ASN D 395 -38.68 32.77 -0.62
N ALA D 396 -38.53 31.60 -0.01
CA ALA D 396 -37.41 31.28 0.86
C ALA D 396 -37.20 32.35 1.92
N ASP D 397 -38.29 32.78 2.55
CA ASP D 397 -38.22 33.88 3.50
C ASP D 397 -37.55 33.41 4.79
N ILE D 398 -36.30 33.83 4.98
CA ILE D 398 -35.48 33.35 6.08
C ILE D 398 -35.59 34.22 7.33
N SER D 399 -36.32 35.33 7.26
CA SER D 399 -36.21 36.37 8.27
C SER D 399 -36.60 35.87 9.66
N THR D 400 -37.52 34.93 9.75
CA THR D 400 -37.96 34.46 11.05
C THR D 400 -37.10 33.34 11.62
N PHE D 401 -36.09 32.88 10.86
CA PHE D 401 -35.09 31.96 11.35
C PHE D 401 -34.12 32.72 12.25
N PRO D 402 -34.19 32.56 13.55
CA PRO D 402 -33.42 33.42 14.44
C PRO D 402 -31.94 33.14 14.34
N LEU D 403 -31.14 34.20 14.40
CA LEU D 403 -29.68 34.07 14.50
C LEU D 403 -29.18 33.98 15.92
N GLU D 404 -30.01 34.32 16.90
CA GLU D 404 -29.66 34.10 18.30
C GLU D 404 -30.91 33.83 19.11
N ASN D 405 -30.69 33.19 20.25
CA ASN D 405 -31.67 32.87 21.29
C ASN D 405 -32.48 31.61 20.99
N ALA D 406 -32.26 30.93 19.88
CA ALA D 406 -32.86 29.63 19.66
C ALA D 406 -32.14 28.62 20.56
N PRO D 407 -32.68 27.41 20.74
CA PRO D 407 -31.97 26.42 21.55
C PRO D 407 -30.61 26.13 20.96
N ILE D 408 -29.72 25.58 21.79
CA ILE D 408 -28.36 25.37 21.31
C ILE D 408 -28.41 24.42 20.12
N GLY D 409 -27.75 24.81 19.04
CA GLY D 409 -27.75 24.08 17.79
C GLY D 409 -28.60 24.71 16.71
N HIS D 410 -29.60 25.49 17.08
CA HIS D 410 -30.63 25.91 16.14
C HIS D 410 -30.49 27.35 15.69
N ASN D 411 -29.43 28.05 16.09
CA ASN D 411 -29.10 29.34 15.48
C ASN D 411 -28.87 29.18 13.98
N ARG D 412 -29.23 30.21 13.24
CA ARG D 412 -29.21 30.12 11.79
C ARG D 412 -27.80 29.91 11.27
N GLN D 413 -26.81 30.51 11.90
CA GLN D 413 -25.44 30.41 11.42
C GLN D 413 -24.64 29.35 12.16
N TYR D 414 -25.30 28.51 12.93
CA TYR D 414 -24.64 27.40 13.61
C TYR D 414 -24.26 26.31 12.61
N ASN D 415 -23.14 25.65 12.84
CA ASN D 415 -22.73 24.54 11.98
C ASN D 415 -23.45 23.28 12.44
N MET D 416 -24.29 22.71 11.57
CA MET D 416 -25.18 21.64 11.98
C MET D 416 -24.36 20.45 12.47
N VAL D 417 -24.69 19.95 13.66
CA VAL D 417 -23.85 18.93 14.31
C VAL D 417 -24.19 17.50 13.91
N PRO D 418 -23.17 16.66 13.62
CA PRO D 418 -21.74 16.83 13.46
C PRO D 418 -21.32 16.74 12.01
N PHE D 419 -21.93 17.52 11.14
CA PHE D 419 -21.65 17.37 9.73
C PHE D 419 -20.29 17.97 9.37
N TRP D 420 -19.65 17.33 8.40
CA TRP D 420 -18.33 17.71 7.96
C TRP D 420 -18.24 17.62 6.45
N PRO D 421 -17.70 18.66 5.79
CA PRO D 421 -17.16 19.91 6.31
C PRO D 421 -18.26 20.70 6.98
N PRO D 422 -17.93 21.58 7.92
CA PRO D 422 -18.97 22.32 8.63
C PRO D 422 -19.90 23.02 7.66
N VAL D 423 -21.19 22.85 7.89
CA VAL D 423 -22.23 23.40 7.02
C VAL D 423 -23.32 23.98 7.90
N THR D 424 -23.87 25.11 7.48
CA THR D 424 -24.73 25.93 8.32
C THR D 424 -26.18 25.88 7.86
N ASN D 425 -27.08 26.00 8.83
CA ASN D 425 -28.52 26.00 8.52
C ASN D 425 -28.83 26.90 7.34
N THR D 426 -28.18 28.06 7.27
CA THR D 426 -28.45 28.97 6.18
C THR D 426 -28.20 28.33 4.82
N GLU D 427 -27.22 27.44 4.71
CA GLU D 427 -26.92 26.83 3.42
C GLU D 427 -27.99 25.85 2.97
N MET D 428 -28.80 25.34 3.88
CA MET D 428 -29.88 24.43 3.54
C MET D 428 -31.22 25.13 3.42
N PHE D 429 -31.28 26.42 3.68
CA PHE D 429 -32.55 27.15 3.59
C PHE D 429 -32.73 27.71 2.18
N VAL D 430 -32.79 26.80 1.22
CA VAL D 430 -32.88 27.18 -0.18
C VAL D 430 -33.85 26.28 -0.93
N THR D 431 -34.57 26.85 -1.90
CA THR D 431 -35.35 26.02 -2.79
C THR D 431 -34.42 25.00 -3.43
N ALA D 432 -34.75 23.72 -3.25
CA ALA D 432 -33.83 22.67 -3.64
C ALA D 432 -33.53 22.63 -5.13
N PRO D 433 -34.51 22.73 -6.04
CA PRO D 433 -34.16 22.59 -7.47
C PRO D 433 -33.00 23.43 -7.94
N ASP D 434 -32.99 24.72 -7.62
CA ASP D 434 -31.99 25.59 -8.22
C ASP D 434 -30.71 25.73 -7.40
N ASN D 435 -30.61 25.08 -6.24
CA ASN D 435 -29.40 25.20 -5.43
C ASN D 435 -28.85 23.91 -4.86
N LEU D 436 -29.64 22.84 -4.75
CA LEU D 436 -29.10 21.59 -4.26
C LEU D 436 -29.28 20.44 -5.26
N GLY D 437 -29.62 20.74 -6.50
CA GLY D 437 -29.64 19.70 -7.52
C GLY D 437 -30.67 18.60 -7.35
N TYR D 438 -31.78 18.87 -6.68
CA TYR D 438 -32.80 17.85 -6.56
C TYR D 438 -34.16 18.49 -6.40
N THR D 439 -35.19 17.82 -6.90
CA THR D 439 -36.56 18.26 -6.82
C THR D 439 -37.44 17.06 -6.56
N TYR D 440 -38.67 17.33 -6.19
CA TYR D 440 -39.65 16.31 -5.86
C TYR D 440 -40.71 16.21 -6.93
N GLU D 441 -40.92 15.01 -7.44
CA GLU D 441 -42.08 14.71 -8.26
C GLU D 441 -43.24 14.48 -7.31
N ILE D 442 -44.04 15.51 -7.11
CA ILE D 442 -45.14 15.45 -6.14
C ILE D 442 -46.08 16.57 -6.52
N GLN D 443 -47.36 16.37 -6.27
CA GLN D 443 -48.30 17.45 -6.47
C GLN D 443 -49.22 17.50 -5.28
N TRP D 444 -49.70 18.70 -4.99
CA TRP D 444 -50.11 19.05 -3.65
C TRP D 444 -51.63 19.14 -3.50
N PRO D 445 -52.13 18.82 -2.30
CA PRO D 445 -53.57 18.96 -2.04
C PRO D 445 -54.03 20.39 -2.22
N SER D 446 -55.36 20.55 -2.19
CA SER D 446 -56.00 21.87 -2.16
C SER D 446 -57.51 21.73 -1.98
#